data_3GS8
# 
_entry.id   3GS8 
# 
_audit_conform.dict_name       mmcif_pdbx.dic 
_audit_conform.dict_version    5.387 
_audit_conform.dict_location   http://mmcif.pdb.org/dictionaries/ascii/mmcif_pdbx.dic 
# 
loop_
_database_2.database_id 
_database_2.database_code 
_database_2.pdbx_database_accession 
_database_2.pdbx_DOI 
PDB   3GS8         pdb_00003gs8 10.2210/pdb3gs8/pdb 
NDB   UR0195       ?            ?                   
RCSB  RCSB052246   ?            ?                   
WWPDB D_1000052246 ?            ?                   
# 
loop_
_pdbx_audit_revision_history.ordinal 
_pdbx_audit_revision_history.data_content_type 
_pdbx_audit_revision_history.major_revision 
_pdbx_audit_revision_history.minor_revision 
_pdbx_audit_revision_history.revision_date 
1 'Structure model' 1 0 2009-04-21 
2 'Structure model' 1 1 2011-07-13 
3 'Structure model' 1 2 2024-02-21 
# 
_pdbx_audit_revision_details.ordinal             1 
_pdbx_audit_revision_details.revision_ordinal    1 
_pdbx_audit_revision_details.data_content_type   'Structure model' 
_pdbx_audit_revision_details.provider            repository 
_pdbx_audit_revision_details.type                'Initial release' 
_pdbx_audit_revision_details.description         ? 
_pdbx_audit_revision_details.details             ? 
# 
loop_
_pdbx_audit_revision_group.ordinal 
_pdbx_audit_revision_group.revision_ordinal 
_pdbx_audit_revision_group.data_content_type 
_pdbx_audit_revision_group.group 
1 2 'Structure model' 'Version format compliance' 
2 3 'Structure model' 'Data collection'           
3 3 'Structure model' 'Database references'       
4 3 'Structure model' 'Derived calculations'      
# 
loop_
_pdbx_audit_revision_category.ordinal 
_pdbx_audit_revision_category.revision_ordinal 
_pdbx_audit_revision_category.data_content_type 
_pdbx_audit_revision_category.category 
1 3 'Structure model' chem_comp_atom 
2 3 'Structure model' chem_comp_bond 
3 3 'Structure model' database_2     
4 3 'Structure model' struct_conn    
5 3 'Structure model' struct_site    
# 
loop_
_pdbx_audit_revision_item.ordinal 
_pdbx_audit_revision_item.revision_ordinal 
_pdbx_audit_revision_item.data_content_type 
_pdbx_audit_revision_item.item 
1 3 'Structure model' '_database_2.pdbx_DOI'                
2 3 'Structure model' '_database_2.pdbx_database_accession' 
3 3 'Structure model' '_struct_conn.pdbx_leaving_atom_flag' 
4 3 'Structure model' '_struct_site.pdbx_auth_asym_id'      
5 3 'Structure model' '_struct_site.pdbx_auth_comp_id'      
6 3 'Structure model' '_struct_site.pdbx_auth_seq_id'       
# 
_pdbx_database_status.status_code                     REL 
_pdbx_database_status.entry_id                        3GS8 
_pdbx_database_status.recvd_initial_deposition_date   2009-03-26 
_pdbx_database_status.deposit_site                    RCSB 
_pdbx_database_status.process_site                    RCSB 
_pdbx_database_status.status_code_sf                  REL 
_pdbx_database_status.status_code_mr                  ? 
_pdbx_database_status.SG_entry                        ? 
_pdbx_database_status.pdb_format_compatible           Y 
_pdbx_database_status.status_code_cs                  ? 
_pdbx_database_status.status_code_nmr_data            ? 
_pdbx_database_status.methods_development_category    ? 
# 
loop_
_pdbx_database_related.db_name 
_pdbx_database_related.db_id 
_pdbx_database_related.details 
_pdbx_database_related.content_type 
PDB 3GS1 . unspecified 
PDB 3GS5 . unspecified 
# 
loop_
_audit_author.name 
_audit_author.pdbx_ordinal 
'Spitale, R.C.'  1 
'Volpini, R.'    2 
'Heller, M.G.'   3 
'Krucinska, J.'  4 
'Cristalli, G.'  5 
'Wedekind, J.E.' 6 
# 
_citation.id                        primary 
_citation.title                     'Identification of an imino group indispensable for cleavage by a small ribozyme.' 
_citation.journal_abbrev            J.Am.Chem.Soc. 
_citation.journal_volume            131 
_citation.page_first                6093 
_citation.page_last                 6095 
_citation.year                      2009 
_citation.journal_id_ASTM           JACSAT 
_citation.country                   US 
_citation.journal_id_ISSN           0002-7863 
_citation.journal_id_CSD            0004 
_citation.book_publisher            ? 
_citation.pdbx_database_id_PubMed   19354216 
_citation.pdbx_database_id_DOI      10.1021/ja900450h 
# 
loop_
_citation_author.citation_id 
_citation_author.name 
_citation_author.ordinal 
_citation_author.identifier_ORCID 
primary 'Spitale, R.C.'  1 ? 
primary 'Volpini, R.'    2 ? 
primary 'Heller, M.G.'   3 ? 
primary 'Krucinska, J.'  4 ? 
primary 'Cristalli, G.'  5 ? 
primary 'Wedekind, J.E.' 6 ? 
# 
loop_
_entity.id 
_entity.type 
_entity.src_method 
_entity.pdbx_description 
_entity.formula_weight 
_entity.pdbx_number_of_molecules 
_entity.pdbx_ec 
_entity.pdbx_mutation 
_entity.pdbx_fragment 
_entity.details 
1 polymer     syn 
;RNA (5'-R(*UP*CP*CP*CP*AP*GP*UP*CP*CP*AP*CP*CP*GP*U)-3')
;
4358.636 1 ? ? ? ? 
2 polymer     syn 
;RNA (5'-R(*CP*GP*GP*UP*GP*AP*GP*AP*AP*GP*GP*G)-3')
;
3970.448 1 ? ? ? ? 
3 polymer     syn 
;RNA (5'-R(P*GP*GP*CP*AP*GP*AP*GP*AP*AP*AP*CP*AP*CP*AP*CP*GP*A)-3')
;
5535.445 1 ? ? ? ? 
4 polymer     syn 
;RNA (5'-R(*UP*CP*GP*UP*GP*GP*UP*AP*CP*AP*UP*UP*AP*CP*CP*UP*GP*CP*C)-3')
;
5991.568 1 ? ? ? ? 
5 non-polymer syn 'SULFATE ION'                                                             96.063   1 ? ? ? ? 
6 non-polymer syn '2-[2-(2-HYDROXYETHOXY)ETHOXY]ETHYL DIHYDROGEN PHOSPHATE'                 230.153  1 ? ? ? ? 
7 non-polymer syn 'COBALT HEXAMMINE(III)'                                                   161.116  2 ? ? ? ? 
# 
loop_
_entity_poly.entity_id 
_entity_poly.type 
_entity_poly.nstd_linkage 
_entity_poly.nstd_monomer 
_entity_poly.pdbx_seq_one_letter_code 
_entity_poly.pdbx_seq_one_letter_code_can 
_entity_poly.pdbx_strand_id 
_entity_poly.pdbx_target_identifier 
1 polyribonucleotide no no UCCCAGUCCACCGU      UCCCAGUCCACCGU      A ? 
2 polyribonucleotide no no CGGUGAGAAGGG        CGGUGAGAAGGG        B ? 
3 polyribonucleotide no no GGCAGAGAAACACACGA   GGCAGAGAAACACACGA   C ? 
4 polyribonucleotide no no UCGUGGUACAUUACCUGCC UCGUGGUACAUUACCUGCC D ? 
# 
loop_
_pdbx_entity_nonpoly.entity_id 
_pdbx_entity_nonpoly.name 
_pdbx_entity_nonpoly.comp_id 
5 'SULFATE ION'                                             SO4 
6 '2-[2-(2-HYDROXYETHOXY)ETHOXY]ETHYL DIHYDROGEN PHOSPHATE' S9L 
7 'COBALT HEXAMMINE(III)'                                   NCO 
# 
loop_
_entity_poly_seq.entity_id 
_entity_poly_seq.num 
_entity_poly_seq.mon_id 
_entity_poly_seq.hetero 
1 1  U n 
1 2  C n 
1 3  C n 
1 4  C n 
1 5  A n 
1 6  G n 
1 7  U n 
1 8  C n 
1 9  C n 
1 10 A n 
1 11 C n 
1 12 C n 
1 13 G n 
1 14 U n 
2 1  C n 
2 2  G n 
2 3  G n 
2 4  U n 
2 5  G n 
2 6  A n 
2 7  G n 
2 8  A n 
2 9  A n 
2 10 G n 
2 11 G n 
2 12 G n 
3 1  G n 
3 2  G n 
3 3  C n 
3 4  A n 
3 5  G n 
3 6  A n 
3 7  G n 
3 8  A n 
3 9  A n 
3 10 A n 
3 11 C n 
3 12 A n 
3 13 C n 
3 14 A n 
3 15 C n 
3 16 G n 
3 17 A n 
4 1  U n 
4 2  C n 
4 3  G n 
4 4  U n 
4 5  G n 
4 6  G n 
4 7  U n 
4 8  A n 
4 9  C n 
4 10 A n 
4 11 U n 
4 12 U n 
4 13 A n 
4 14 C n 
4 15 C n 
4 16 U n 
4 17 G n 
4 18 C n 
4 19 C n 
# 
loop_
_chem_comp.id 
_chem_comp.type 
_chem_comp.mon_nstd_flag 
_chem_comp.name 
_chem_comp.pdbx_synonyms 
_chem_comp.formula 
_chem_comp.formula_weight 
A   'RNA linking' y "ADENOSINE-5'-MONOPHOSPHATE"                              ? 'C10 H14 N5 O7 P' 347.221 
C   'RNA linking' y "CYTIDINE-5'-MONOPHOSPHATE"                               ? 'C9 H14 N3 O8 P'  323.197 
G   'RNA linking' y "GUANOSINE-5'-MONOPHOSPHATE"                              ? 'C10 H14 N5 O8 P' 363.221 
NCO non-polymer   . 'COBALT HEXAMMINE(III)'                                   ? 'Co H18 N6 3'     161.116 
S9L non-polymer   . '2-[2-(2-HYDROXYETHOXY)ETHOXY]ETHYL DIHYDROGEN PHOSPHATE' ? 'C6 H15 O7 P'     230.153 
SO4 non-polymer   . 'SULFATE ION'                                             ? 'O4 S -2'         96.063  
U   'RNA linking' y "URIDINE-5'-MONOPHOSPHATE"                                ? 'C9 H13 N2 O9 P'  324.181 
# 
loop_
_pdbx_poly_seq_scheme.asym_id 
_pdbx_poly_seq_scheme.entity_id 
_pdbx_poly_seq_scheme.seq_id 
_pdbx_poly_seq_scheme.mon_id 
_pdbx_poly_seq_scheme.ndb_seq_num 
_pdbx_poly_seq_scheme.pdb_seq_num 
_pdbx_poly_seq_scheme.auth_seq_num 
_pdbx_poly_seq_scheme.pdb_mon_id 
_pdbx_poly_seq_scheme.auth_mon_id 
_pdbx_poly_seq_scheme.pdb_strand_id 
_pdbx_poly_seq_scheme.pdb_ins_code 
_pdbx_poly_seq_scheme.hetero 
A 1 1  U 1  1  1  U U A . n 
A 1 2  C 2  2  2  C C A . n 
A 1 3  C 3  3  3  C C A . n 
A 1 4  C 4  4  4  C C A . n 
A 1 5  A 5  5  5  A A A . n 
A 1 6  G 6  6  6  G G A . n 
A 1 7  U 7  7  7  U U A . n 
A 1 8  C 8  8  8  C C A . n 
A 1 9  C 9  9  9  C C A . n 
A 1 10 A 10 10 10 A A A . n 
A 1 11 C 11 11 11 C C A . n 
A 1 12 C 12 12 12 C C A . n 
A 1 13 G 13 13 13 G G A . n 
A 1 14 U 14 14 ?  ? ? A . n 
B 2 1  C 1  2  2  C C B . n 
B 2 2  G 2  3  3  G G B . n 
B 2 3  G 3  4  4  G G B . n 
B 2 4  U 4  5  5  U U B . n 
B 2 5  G 5  6  6  G G B . n 
B 2 6  A 6  7  7  A A B . n 
B 2 7  G 7  8  8  G G B . n 
B 2 8  A 8  9  9  A A B . n 
B 2 9  A 9  10 10 A A B . n 
B 2 10 G 10 11 11 G G B . n 
B 2 11 G 11 12 12 G G B . n 
B 2 12 G 12 13 13 G G B . n 
C 3 1  G 1  15 15 G G C . n 
C 3 2  G 2  16 16 G G C . n 
C 3 3  C 3  17 17 C C C . n 
C 3 4  A 4  18 18 A A C . n 
C 3 5  G 5  19 19 G G C . n 
C 3 6  A 6  20 20 A A C . n 
C 3 7  G 7  21 21 G G C . n 
C 3 8  A 8  22 22 A A C . n 
C 3 9  A 9  23 23 A A C . n 
C 3 10 A 10 24 24 A A C . n 
C 3 11 C 11 25 25 C C C . n 
C 3 12 A 12 26 26 A A C . n 
C 3 13 C 13 27 27 C C C . n 
C 3 14 A 14 28 28 A A C . n 
C 3 15 C 15 29 29 C C C . n 
C 3 16 G 16 30 30 G G C . n 
C 3 17 A 17 31 31 A A C . n 
D 4 1  U 1  31 31 U U D . n 
D 4 2  C 2  32 32 C C D . n 
D 4 3  G 3  33 33 G G D . n 
D 4 4  U 4  34 34 U U D . n 
D 4 5  G 5  35 35 G G D . n 
D 4 6  G 6  36 36 G G D . n 
D 4 7  U 7  37 37 U U D . n 
D 4 8  A 8  38 38 A A D . n 
D 4 9  C 9  39 39 C C D . n 
D 4 10 A 10 40 40 A A D . n 
D 4 11 U 11 41 41 U U D . n 
D 4 12 U 12 42 42 U U D . n 
D 4 13 A 13 43 43 A A D . n 
D 4 14 C 14 44 44 C C D . n 
D 4 15 C 15 45 45 C C D . n 
D 4 16 U 16 46 46 U U D . n 
D 4 17 G 17 47 47 G G D . n 
D 4 18 C 18 48 48 C C D . n 
D 4 19 C 19 49 49 C C D . n 
# 
loop_
_pdbx_nonpoly_scheme.asym_id 
_pdbx_nonpoly_scheme.entity_id 
_pdbx_nonpoly_scheme.mon_id 
_pdbx_nonpoly_scheme.ndb_seq_num 
_pdbx_nonpoly_scheme.pdb_seq_num 
_pdbx_nonpoly_scheme.auth_seq_num 
_pdbx_nonpoly_scheme.pdb_mon_id 
_pdbx_nonpoly_scheme.auth_mon_id 
_pdbx_nonpoly_scheme.pdb_strand_id 
_pdbx_nonpoly_scheme.pdb_ins_code 
E 5 SO4 1 15 3  SO4 SO4 A . 
F 6 S9L 1 14 14 S9L S9L B . 
G 7 NCO 1 15 2  NCO NCO B . 
H 7 NCO 1 1  1  NCO NCO C . 
# 
_pdbx_unobs_or_zero_occ_atoms.id               1 
_pdbx_unobs_or_zero_occ_atoms.PDB_model_num    1 
_pdbx_unobs_or_zero_occ_atoms.polymer_flag     Y 
_pdbx_unobs_or_zero_occ_atoms.occupancy_flag   1 
_pdbx_unobs_or_zero_occ_atoms.auth_asym_id     A 
_pdbx_unobs_or_zero_occ_atoms.auth_comp_id     A 
_pdbx_unobs_or_zero_occ_atoms.auth_seq_id      5 
_pdbx_unobs_or_zero_occ_atoms.PDB_ins_code     ? 
_pdbx_unobs_or_zero_occ_atoms.auth_atom_id     "O3'" 
_pdbx_unobs_or_zero_occ_atoms.label_alt_id     ? 
_pdbx_unobs_or_zero_occ_atoms.label_asym_id    A 
_pdbx_unobs_or_zero_occ_atoms.label_comp_id    A 
_pdbx_unobs_or_zero_occ_atoms.label_seq_id     5 
_pdbx_unobs_or_zero_occ_atoms.label_atom_id    "O3'" 
# 
loop_
_software.name 
_software.classification 
_software.version 
_software.citation_id 
_software.pdbx_ordinal 
CrystalClear 'data collection' . ? 1 
CNS          refinement        . ? 2 
CrystalClear 'data reduction'  . ? 3 
CrystalClear 'data scaling'    . ? 4 
CNS          phasing           . ? 5 
# 
_cell.entry_id           3GS8 
_cell.length_a           93.820 
_cell.length_b           93.820 
_cell.length_c           134.760 
_cell.angle_alpha        90.00 
_cell.angle_beta         90.00 
_cell.angle_gamma        120.00 
_cell.Z_PDB              12 
_cell.pdbx_unique_axis   ? 
_cell.length_a_esd       ? 
_cell.length_b_esd       ? 
_cell.length_c_esd       ? 
_cell.angle_alpha_esd    ? 
_cell.angle_beta_esd     ? 
_cell.angle_gamma_esd    ? 
# 
_symmetry.entry_id                         3GS8 
_symmetry.space_group_name_H-M             'P 61 2 2' 
_symmetry.pdbx_full_space_group_name_H-M   ? 
_symmetry.cell_setting                     ? 
_symmetry.Int_Tables_number                178 
_symmetry.space_group_name_Hall            ? 
# 
_exptl.entry_id          3GS8 
_exptl.method            'X-RAY DIFFRACTION' 
_exptl.crystals_number   1 
# 
_exptl_crystal.id                    1 
_exptl_crystal.density_meas          ? 
_exptl_crystal.density_Matthews      4.31 
_exptl_crystal.density_percent_sol   71.47 
_exptl_crystal.description           ? 
_exptl_crystal.F_000                 ? 
_exptl_crystal.preparation           ? 
# 
_exptl_crystal_grow.crystal_id      1 
_exptl_crystal_grow.method          'VAPOR DIFFUSION, HANGING DROP' 
_exptl_crystal_grow.temp            293 
_exptl_crystal_grow.temp_details    ? 
_exptl_crystal_grow.pH              7.0 
_exptl_crystal_grow.pdbx_details    
;20.5% (w/v) PEG 2K MME, 0.10 M Na-Cacodylate, 0.25 M Li2SO4, 2.5 mM Co(NH3)6Cl3, 2 mM spermidine-HCl, pH 7.0, VAPOR DIFFUSION, HANGING DROP, temperature 293K
;
_exptl_crystal_grow.pdbx_pH_range   ? 
# 
loop_
_exptl_crystal_grow_comp.crystal_id 
_exptl_crystal_grow_comp.id 
_exptl_crystal_grow_comp.sol_id 
_exptl_crystal_grow_comp.name 
_exptl_crystal_grow_comp.volume 
_exptl_crystal_grow_comp.conc 
_exptl_crystal_grow_comp.details 
1 1  1 'PEG 2K MME'   ? ? ? 
1 2  1 Na-Cacodylate  ? ? ? 
1 3  1 Li2SO4         ? ? ? 
1 4  1 'Co(NH3)6Cl3'  ? ? ? 
1 5  1 spermidine-HCl ? ? ? 
1 6  2 'PEG 2K MME'   ? ? ? 
1 7  2 Na-Cacodylate  ? ? ? 
1 8  2 Li2SO4         ? ? ? 
1 9  2 'Co(NH3)6Cl3'  ? ? ? 
1 10 2 spermidine-HCl ? ? ? 
# 
_diffrn.id                     1 
_diffrn.ambient_temp           100 
_diffrn.ambient_temp_details   ? 
_diffrn.crystal_id             1 
# 
_diffrn_detector.diffrn_id              1 
_diffrn_detector.detector               'IMAGE PLATE' 
_diffrn_detector.type                   'RIGAKU RAXIS IV' 
_diffrn_detector.pdbx_collection_date   2008-09-08 
_diffrn_detector.details                'VariMax optics (Rigaku)' 
# 
_diffrn_radiation.diffrn_id                        1 
_diffrn_radiation.wavelength_id                    1 
_diffrn_radiation.pdbx_monochromatic_or_laue_m_l   M 
_diffrn_radiation.monochromator                    '0.3 x 3 mm focusing cup operated at 4.8 kW' 
_diffrn_radiation.pdbx_diffrn_protocol             'SINGLE WAVELENGTH' 
_diffrn_radiation.pdbx_scattering_type             x-ray 
# 
_diffrn_radiation_wavelength.id           1 
_diffrn_radiation_wavelength.wavelength   1.54 
_diffrn_radiation_wavelength.wt           1.0 
# 
_diffrn_source.diffrn_id                   1 
_diffrn_source.source                      'ROTATING ANODE' 
_diffrn_source.type                        'RIGAKU RUH2R' 
_diffrn_source.pdbx_synchrotron_site       ? 
_diffrn_source.pdbx_synchrotron_beamline   ? 
_diffrn_source.pdbx_wavelength             ? 
_diffrn_source.pdbx_wavelength_list        1.54 
# 
_reflns.entry_id                     3GS8 
_reflns.observed_criterion_sigma_I   12.2 
_reflns.observed_criterion_sigma_F   ? 
_reflns.d_resolution_low             38.5 
_reflns.d_resolution_high            2.85 
_reflns.number_obs                   8407 
_reflns.number_all                   ? 
_reflns.percent_possible_obs         ? 
_reflns.pdbx_Rmerge_I_obs            0.060 
_reflns.pdbx_Rsym_value              ? 
_reflns.pdbx_netI_over_sigmaI        12.2 
_reflns.B_iso_Wilson_estimate        1.2 
_reflns.pdbx_redundancy              3.81 
_reflns.R_free_details               ? 
_reflns.limit_h_max                  ? 
_reflns.limit_h_min                  ? 
_reflns.limit_k_max                  ? 
_reflns.limit_k_min                  ? 
_reflns.limit_l_max                  ? 
_reflns.limit_l_min                  ? 
_reflns.observed_criterion_F_max     ? 
_reflns.observed_criterion_F_min     ? 
_reflns.pdbx_chi_squared             ? 
_reflns.pdbx_scaling_rejects         ? 
_reflns.pdbx_diffrn_id               1 
_reflns.pdbx_ordinal                 1 
# 
_reflns_shell.d_res_high             2.85 
_reflns_shell.d_res_low              2.95 
_reflns_shell.percent_possible_all   ? 
_reflns_shell.Rmerge_I_obs           0.508 
_reflns_shell.pdbx_Rsym_value        ? 
_reflns_shell.meanI_over_sigI_obs    2.2 
_reflns_shell.pdbx_redundancy        4.10 
_reflns_shell.percent_possible_obs   ? 
_reflns_shell.number_unique_all      830 
_reflns_shell.number_measured_all    ? 
_reflns_shell.number_measured_obs    ? 
_reflns_shell.number_unique_obs      ? 
_reflns_shell.pdbx_chi_squared       ? 
_reflns_shell.pdbx_diffrn_id         ? 
_reflns_shell.pdbx_ordinal           1 
# 
_refine.entry_id                                 3GS8 
_refine.ls_number_reflns_obs                     8402 
_refine.ls_number_reflns_all                     ? 
_refine.pdbx_ls_sigma_I                          ? 
_refine.pdbx_ls_sigma_F                          0.0 
_refine.pdbx_data_cutoff_high_absF               79272.77 
_refine.pdbx_data_cutoff_low_absF                0.000000 
_refine.pdbx_data_cutoff_high_rms_absF           ? 
_refine.ls_d_res_low                             27.37 
_refine.ls_d_res_high                            2.85 
_refine.ls_percent_reflns_obs                    96.8 
_refine.ls_R_factor_obs                          0.220 
_refine.ls_R_factor_all                          ? 
_refine.ls_R_factor_R_work                       0.220 
_refine.ls_R_factor_R_free                       0.254 
_refine.ls_R_factor_R_free_error                 0.010 
_refine.ls_R_factor_R_free_error_details         ? 
_refine.ls_percent_reflns_R_free                 7.7 
_refine.ls_number_reflns_R_free                  649 
_refine.ls_number_parameters                     ? 
_refine.ls_number_restraints                     ? 
_refine.occupancy_min                            ? 
_refine.occupancy_max                            ? 
_refine.correlation_coeff_Fo_to_Fc               ? 
_refine.correlation_coeff_Fo_to_Fc_free          ? 
_refine.B_iso_mean                               96.9 
_refine.aniso_B[1][1]                            -15.21 
_refine.aniso_B[2][2]                            -15.21 
_refine.aniso_B[3][3]                            30.43 
_refine.aniso_B[1][2]                            0.00 
_refine.aniso_B[1][3]                            0.00 
_refine.aniso_B[2][3]                            0.00 
_refine.solvent_model_details                    'FLAT MODEL' 
_refine.solvent_model_param_ksol                 0.3 
_refine.solvent_model_param_bsol                 61.382 
_refine.pdbx_solvent_vdw_probe_radii             ? 
_refine.pdbx_solvent_ion_probe_radii             ? 
_refine.pdbx_solvent_shrinkage_radii             ? 
_refine.pdbx_ls_cross_valid_method               THROUGHOUT 
_refine.details                                  'BULK SOLVENT MODEL USED' 
_refine.pdbx_starting_model                      ? 
_refine.pdbx_method_to_determine_struct          'FOURIER SYNTHESIS' 
_refine.pdbx_isotropic_thermal_model             RESTRAINED 
_refine.pdbx_stereochemistry_target_values       ? 
_refine.pdbx_stereochem_target_val_spec_case     ? 
_refine.pdbx_R_Free_selection_details            RANDOM 
_refine.pdbx_overall_ESU_R                       ? 
_refine.pdbx_overall_ESU_R_Free                  ? 
_refine.overall_SU_ML                            ? 
_refine.overall_SU_B                             ? 
_refine.ls_redundancy_reflns_obs                 ? 
_refine.B_iso_min                                ? 
_refine.B_iso_max                                ? 
_refine.overall_SU_R_Cruickshank_DPI             ? 
_refine.overall_SU_R_free                        ? 
_refine.ls_wR_factor_R_free                      ? 
_refine.ls_wR_factor_R_work                      ? 
_refine.overall_FOM_free_R_set                   ? 
_refine.overall_FOM_work_R_set                   ? 
_refine.pdbx_overall_phase_error                 ? 
_refine.pdbx_refine_id                           'X-RAY DIFFRACTION' 
_refine.pdbx_diffrn_id                           1 
_refine.pdbx_TLS_residual_ADP_flag               ? 
_refine.pdbx_overall_SU_R_free_Cruickshank_DPI   ? 
_refine.pdbx_overall_SU_R_Blow_DPI               ? 
_refine.pdbx_overall_SU_R_free_Blow_DPI          ? 
# 
_refine_analyze.entry_id                        3GS8 
_refine_analyze.Luzzati_coordinate_error_obs    0.49 
_refine_analyze.Luzzati_sigma_a_obs             1.17 
_refine_analyze.Luzzati_d_res_low_obs           5.00 
_refine_analyze.Luzzati_coordinate_error_free   0.42 
_refine_analyze.Luzzati_sigma_a_free            1.12 
_refine_analyze.Luzzati_d_res_low_free          ? 
_refine_analyze.number_disordered_residues      ? 
_refine_analyze.occupancy_sum_hydrogen          ? 
_refine_analyze.occupancy_sum_non_hydrogen      ? 
_refine_analyze.pdbx_Luzzati_d_res_high_obs     ? 
_refine_analyze.pdbx_refine_id                  'X-RAY DIFFRACTION' 
# 
_refine_hist.pdbx_refine_id                   'X-RAY DIFFRACTION' 
_refine_hist.cycle_id                         LAST 
_refine_hist.pdbx_number_atoms_protein        0 
_refine_hist.pdbx_number_atoms_nucleic_acid   1313 
_refine_hist.pdbx_number_atoms_ligand         32 
_refine_hist.number_atoms_solvent             0 
_refine_hist.number_atoms_total               1345 
_refine_hist.d_res_high                       2.85 
_refine_hist.d_res_low                        27.37 
# 
loop_
_refine_ls_restr.type 
_refine_ls_restr.dev_ideal 
_refine_ls_restr.dev_ideal_target 
_refine_ls_restr.weight 
_refine_ls_restr.number 
_refine_ls_restr.pdbx_refine_id 
_refine_ls_restr.pdbx_restraint_function 
c_bond_d           0.007 ? ? ? 'X-RAY DIFFRACTION' ? 
c_angle_deg        1.3   ? ? ? 'X-RAY DIFFRACTION' ? 
c_dihedral_angle_d 16.7  ? ? ? 'X-RAY DIFFRACTION' ? 
c_improper_angle_d 2.25  ? ? ? 'X-RAY DIFFRACTION' ? 
# 
_refine_ls_shell.pdbx_total_number_of_bins_used   6 
_refine_ls_shell.d_res_high                       2.85 
_refine_ls_shell.d_res_low                        2.95 
_refine_ls_shell.number_reflns_R_work             1284 
_refine_ls_shell.R_factor_R_work                  0.525 
_refine_ls_shell.percent_reflns_obs               99.1 
_refine_ls_shell.R_factor_R_free                  0.548 
_refine_ls_shell.R_factor_R_free_error            0.052 
_refine_ls_shell.percent_reflns_R_free            7.9 
_refine_ls_shell.number_reflns_R_free             110 
_refine_ls_shell.number_reflns_all                ? 
_refine_ls_shell.R_factor_all                     ? 
_refine_ls_shell.number_reflns_obs                ? 
_refine_ls_shell.redundancy_reflns_obs            ? 
_refine_ls_shell.pdbx_refine_id                   'X-RAY DIFFRACTION' 
# 
loop_
_pdbx_xplor_file.serial_no 
_pdbx_xplor_file.param_file 
_pdbx_xplor_file.topol_file 
_pdbx_xplor_file.pdbx_refine_id 
1 dna-rnaATT protein.top 'X-RAY DIFFRACTION' 
2 cobalt.par ?           'X-RAY DIFFRACTION' 
# 
_struct.entry_id                  3GS8 
_struct.title                     'An all-RNA hairpin ribozyme A38N1dA38 variant with a transition-state mimic substrate strand' 
_struct.pdbx_model_details        ? 
_struct.pdbx_CASP_flag            ? 
_struct.pdbx_model_type_details   ? 
# 
_struct_keywords.entry_id        3GS8 
_struct_keywords.pdbx_keywords   RNA 
_struct_keywords.text            'hairpin ribozyme, RNA ribozyme, N1-deazaadenosine, RNA' 
# 
loop_
_struct_asym.id 
_struct_asym.pdbx_blank_PDB_chainid_flag 
_struct_asym.pdbx_modified 
_struct_asym.entity_id 
_struct_asym.details 
A N N 1 ? 
B N N 2 ? 
C N N 3 ? 
D N N 4 ? 
E N N 5 ? 
F N N 6 ? 
G N N 7 ? 
H N N 7 ? 
# 
loop_
_struct_ref.id 
_struct_ref.db_name 
_struct_ref.db_code 
_struct_ref.pdbx_db_accession 
_struct_ref.entity_id 
_struct_ref.pdbx_align_begin 
_struct_ref.pdbx_seq_one_letter_code 
_struct_ref.pdbx_db_isoform 
1 PDB 3GS8 3GS8 1 ? ? ? 
2 PDB 3GS8 3GS8 2 ? ? ? 
3 PDB 3GS8 3GS8 3 ? ? ? 
4 PDB 3GS8 3GS8 4 ? ? ? 
# 
loop_
_struct_ref_seq.align_id 
_struct_ref_seq.ref_id 
_struct_ref_seq.pdbx_PDB_id_code 
_struct_ref_seq.pdbx_strand_id 
_struct_ref_seq.seq_align_beg 
_struct_ref_seq.pdbx_seq_align_beg_ins_code 
_struct_ref_seq.seq_align_end 
_struct_ref_seq.pdbx_seq_align_end_ins_code 
_struct_ref_seq.pdbx_db_accession 
_struct_ref_seq.db_align_beg 
_struct_ref_seq.pdbx_db_align_beg_ins_code 
_struct_ref_seq.db_align_end 
_struct_ref_seq.pdbx_db_align_end_ins_code 
_struct_ref_seq.pdbx_auth_seq_align_beg 
_struct_ref_seq.pdbx_auth_seq_align_end 
1 1 3GS8 A 1 ? 14 ? 3GS8 1  ? 14 ? 1  14 
2 2 3GS8 B 1 ? 12 ? 3GS8 2  ? 13 ? 2  13 
3 3 3GS8 C 1 ? 17 ? 3GS8 15 ? 31 ? 15 31 
4 4 3GS8 D 1 ? 19 ? 3GS8 31 ? 49 ? 31 49 
# 
_pdbx_struct_assembly.id                   1 
_pdbx_struct_assembly.details              author_defined_assembly 
_pdbx_struct_assembly.method_details       ? 
_pdbx_struct_assembly.oligomeric_details   tetrameric 
_pdbx_struct_assembly.oligomeric_count     4 
# 
_pdbx_struct_assembly_gen.assembly_id       1 
_pdbx_struct_assembly_gen.oper_expression   1 
_pdbx_struct_assembly_gen.asym_id_list      A,B,C,D,E,F,G,H 
# 
_pdbx_struct_oper_list.id                   1 
_pdbx_struct_oper_list.type                 'identity operation' 
_pdbx_struct_oper_list.name                 1_555 
_pdbx_struct_oper_list.symmetry_operation   x,y,z 
_pdbx_struct_oper_list.matrix[1][1]         1.0000000000 
_pdbx_struct_oper_list.matrix[1][2]         0.0000000000 
_pdbx_struct_oper_list.matrix[1][3]         0.0000000000 
_pdbx_struct_oper_list.vector[1]            0.0000000000 
_pdbx_struct_oper_list.matrix[2][1]         0.0000000000 
_pdbx_struct_oper_list.matrix[2][2]         1.0000000000 
_pdbx_struct_oper_list.matrix[2][3]         0.0000000000 
_pdbx_struct_oper_list.vector[2]            0.0000000000 
_pdbx_struct_oper_list.matrix[3][1]         0.0000000000 
_pdbx_struct_oper_list.matrix[3][2]         0.0000000000 
_pdbx_struct_oper_list.matrix[3][3]         1.0000000000 
_pdbx_struct_oper_list.vector[3]            0.0000000000 
# 
_struct_biol.id        1 
_struct_biol.details   ? 
# 
loop_
_struct_conn.id 
_struct_conn.conn_type_id 
_struct_conn.pdbx_leaving_atom_flag 
_struct_conn.pdbx_PDB_id 
_struct_conn.ptnr1_label_asym_id 
_struct_conn.ptnr1_label_comp_id 
_struct_conn.ptnr1_label_seq_id 
_struct_conn.ptnr1_label_atom_id 
_struct_conn.pdbx_ptnr1_label_alt_id 
_struct_conn.pdbx_ptnr1_PDB_ins_code 
_struct_conn.pdbx_ptnr1_standard_comp_id 
_struct_conn.ptnr1_symmetry 
_struct_conn.ptnr2_label_asym_id 
_struct_conn.ptnr2_label_comp_id 
_struct_conn.ptnr2_label_seq_id 
_struct_conn.ptnr2_label_atom_id 
_struct_conn.pdbx_ptnr2_label_alt_id 
_struct_conn.pdbx_ptnr2_PDB_ins_code 
_struct_conn.ptnr1_auth_asym_id 
_struct_conn.ptnr1_auth_comp_id 
_struct_conn.ptnr1_auth_seq_id 
_struct_conn.ptnr2_auth_asym_id 
_struct_conn.ptnr2_auth_comp_id 
_struct_conn.ptnr2_auth_seq_id 
_struct_conn.ptnr2_symmetry 
_struct_conn.pdbx_ptnr3_label_atom_id 
_struct_conn.pdbx_ptnr3_label_seq_id 
_struct_conn.pdbx_ptnr3_label_comp_id 
_struct_conn.pdbx_ptnr3_label_asym_id 
_struct_conn.pdbx_ptnr3_label_alt_id 
_struct_conn.pdbx_ptnr3_PDB_ins_code 
_struct_conn.details 
_struct_conn.pdbx_dist_value 
_struct_conn.pdbx_value_order 
_struct_conn.pdbx_role 
covale1  covale both ? B G   12 "O3'" ? ? ? 1_555 F S9L .  P  ? ? B G   13 B S9L 14 1_555 ? ? ? ? ? ? ?                    1.606 ? 
? 
covale2  covale both ? F S9L .  "O3'" ? ? ? 1_555 C G   1  P  ? ? B S9L 14 C G   15 1_555 ? ? ? ? ? ? ?                    1.613 ? 
? 
hydrog1  hydrog ?    ? A C   2  N3    ? ? ? 1_555 B G   12 N1 ? ? A C   2  B G   13 1_555 ? ? ? ? ? ? WATSON-CRICK         ?     ? 
? 
hydrog2  hydrog ?    ? A C   2  N4    ? ? ? 1_555 B G   12 O6 ? ? A C   2  B G   13 1_555 ? ? ? ? ? ? WATSON-CRICK         ?     ? 
? 
hydrog3  hydrog ?    ? A C   2  O2    ? ? ? 1_555 B G   12 N2 ? ? A C   2  B G   13 1_555 ? ? ? ? ? ? WATSON-CRICK         ?     ? 
? 
hydrog4  hydrog ?    ? A C   3  N3    ? ? ? 1_555 B G   11 N1 ? ? A C   3  B G   12 1_555 ? ? ? ? ? ? WATSON-CRICK         ?     ? 
? 
hydrog5  hydrog ?    ? A C   3  N4    ? ? ? 1_555 B G   11 O6 ? ? A C   3  B G   12 1_555 ? ? ? ? ? ? WATSON-CRICK         ?     ? 
? 
hydrog6  hydrog ?    ? A C   3  O2    ? ? ? 1_555 B G   11 N2 ? ? A C   3  B G   12 1_555 ? ? ? ? ? ? WATSON-CRICK         ?     ? 
? 
hydrog7  hydrog ?    ? A C   4  N3    ? ? ? 1_555 B G   10 N1 ? ? A C   4  B G   11 1_555 ? ? ? ? ? ? WATSON-CRICK         ?     ? 
? 
hydrog8  hydrog ?    ? A C   4  N4    ? ? ? 1_555 B G   10 O6 ? ? A C   4  B G   11 1_555 ? ? ? ? ? ? WATSON-CRICK         ?     ? 
? 
hydrog9  hydrog ?    ? A C   4  O2    ? ? ? 1_555 B G   10 N2 ? ? A C   4  B G   11 1_555 ? ? ? ? ? ? WATSON-CRICK         ?     ? 
? 
hydrog10 hydrog ?    ? A A   5  N3    ? ? ? 1_555 B A   8  N6 ? ? A A   5  B A   9  1_555 ? ? ? ? ? ? 'A-A MISPAIR'        ?     ? 
? 
hydrog11 hydrog ?    ? A A   5  N3    ? ? ? 1_555 B A   9  N6 ? ? A A   5  B A   10 1_555 ? ? ? ? ? ? 'A-A MISPAIR'        ?     ? 
? 
hydrog12 hydrog ?    ? A G   6  N1    ? ? ? 1_555 C C   11 N3 ? ? A G   6  C C   25 1_555 ? ? ? ? ? ? WATSON-CRICK         ?     ? 
? 
hydrog13 hydrog ?    ? A G   6  N2    ? ? ? 1_555 C C   11 O2 ? ? A G   6  C C   25 1_555 ? ? ? ? ? ? WATSON-CRICK         ?     ? 
? 
hydrog14 hydrog ?    ? A G   6  O6    ? ? ? 1_555 C C   11 N4 ? ? A G   6  C C   25 1_555 ? ? ? ? ? ? WATSON-CRICK         ?     ? 
? 
hydrog15 hydrog ?    ? A U   7  O4    ? ? ? 1_555 B G   7  N2 ? ? A U   7  B G   8  1_555 ? ? ? ? ? ? 'U-G MISPAIR'        ?     ? 
? 
hydrog16 hydrog ?    ? A C   8  N4    ? ? ? 1_555 B A   6  N1 ? ? A C   8  B A   7  1_555 ? ? ? ? ? ? 'C-A MISPAIR'        ?     ? 
? 
hydrog17 hydrog ?    ? A C   9  O2    ? ? ? 1_555 B G   5  N2 ? ? A C   9  B G   6  1_555 ? ? ? ? ? ? 'C-G PAIR'           ?     ? 
? 
hydrog18 hydrog ?    ? A A   10 N1    ? ? ? 1_555 B U   4  N3 ? ? A A   10 B U   5  1_555 ? ? ? ? ? ? WATSON-CRICK         ?     ? 
? 
hydrog19 hydrog ?    ? A A   10 N6    ? ? ? 1_555 B U   4  O4 ? ? A A   10 B U   5  1_555 ? ? ? ? ? ? WATSON-CRICK         ?     ? 
? 
hydrog20 hydrog ?    ? A C   11 O2    ? ? ? 1_555 B G   3  N2 ? ? A C   11 B G   4  1_555 ? ? ? ? ? ? 'C-G PAIR'           ?     ? 
? 
hydrog21 hydrog ?    ? A C   12 N3    ? ? ? 1_555 B G   2  N1 ? ? A C   12 B G   3  1_555 ? ? ? ? ? ? WATSON-CRICK         ?     ? 
? 
hydrog22 hydrog ?    ? A C   12 N4    ? ? ? 1_555 B G   2  O6 ? ? A C   12 B G   3  1_555 ? ? ? ? ? ? WATSON-CRICK         ?     ? 
? 
hydrog23 hydrog ?    ? A C   12 O2    ? ? ? 1_555 B G   2  N2 ? ? A C   12 B G   3  1_555 ? ? ? ? ? ? WATSON-CRICK         ?     ? 
? 
hydrog24 hydrog ?    ? A G   13 N1    ? ? ? 1_555 B C   1  N3 ? ? A G   13 B C   2  1_555 ? ? ? ? ? ? 'G-C PAIR'           ?     ? 
? 
hydrog25 hydrog ?    ? C G   1  N1    ? ? ? 1_555 D C   19 N3 ? ? C G   15 D C   49 1_555 ? ? ? ? ? ? WATSON-CRICK         ?     ? 
? 
hydrog26 hydrog ?    ? C G   1  N2    ? ? ? 1_555 D C   19 O2 ? ? C G   15 D C   49 1_555 ? ? ? ? ? ? WATSON-CRICK         ?     ? 
? 
hydrog27 hydrog ?    ? C G   1  O6    ? ? ? 1_555 D C   19 N4 ? ? C G   15 D C   49 1_555 ? ? ? ? ? ? WATSON-CRICK         ?     ? 
? 
hydrog28 hydrog ?    ? C G   2  N1    ? ? ? 1_555 D C   18 N3 ? ? C G   16 D C   48 1_555 ? ? ? ? ? ? WATSON-CRICK         ?     ? 
? 
hydrog29 hydrog ?    ? C G   2  N2    ? ? ? 1_555 D C   18 O2 ? ? C G   16 D C   48 1_555 ? ? ? ? ? ? WATSON-CRICK         ?     ? 
? 
hydrog30 hydrog ?    ? C G   2  O6    ? ? ? 1_555 D C   18 N4 ? ? C G   16 D C   48 1_555 ? ? ? ? ? ? WATSON-CRICK         ?     ? 
? 
hydrog31 hydrog ?    ? C C   3  N3    ? ? ? 1_555 D G   17 N1 ? ? C C   17 D G   47 1_555 ? ? ? ? ? ? WATSON-CRICK         ?     ? 
? 
hydrog32 hydrog ?    ? C C   3  N4    ? ? ? 1_555 D G   17 O6 ? ? C C   17 D G   47 1_555 ? ? ? ? ? ? WATSON-CRICK         ?     ? 
? 
hydrog33 hydrog ?    ? C C   3  O2    ? ? ? 1_555 D G   17 N2 ? ? C C   17 D G   47 1_555 ? ? ? ? ? ? WATSON-CRICK         ?     ? 
? 
hydrog34 hydrog ?    ? C A   4  N1    ? ? ? 1_555 D U   16 N3 ? ? C A   18 D U   46 1_555 ? ? ? ? ? ? WATSON-CRICK         ?     ? 
? 
hydrog35 hydrog ?    ? C A   4  N6    ? ? ? 1_555 D U   16 O4 ? ? C A   18 D U   46 1_555 ? ? ? ? ? ? WATSON-CRICK         ?     ? 
? 
hydrog36 hydrog ?    ? C G   5  N1    ? ? ? 1_555 D C   15 N3 ? ? C G   19 D C   45 1_555 ? ? ? ? ? ? WATSON-CRICK         ?     ? 
? 
hydrog37 hydrog ?    ? C G   5  N2    ? ? ? 1_555 D C   15 O2 ? ? C G   19 D C   45 1_555 ? ? ? ? ? ? WATSON-CRICK         ?     ? 
? 
hydrog38 hydrog ?    ? C G   5  O6    ? ? ? 1_555 D C   15 N4 ? ? C G   19 D C   45 1_555 ? ? ? ? ? ? WATSON-CRICK         ?     ? 
? 
hydrog39 hydrog ?    ? C A   6  N1    ? ? ? 1_555 D C   14 N4 ? ? C A   20 D C   44 1_555 ? ? ? ? ? ? 'A-C MISPAIR'        ?     ? 
? 
hydrog40 hydrog ?    ? C G   7  N2    ? ? ? 1_555 D A   13 N7 ? ? C G   21 D A   43 1_555 ? ? ? ? ? ? TYPE_11_PAIR         ?     ? 
? 
hydrog41 hydrog ?    ? C G   7  N3    ? ? ? 1_555 D A   13 N6 ? ? C G   21 D A   43 1_555 ? ? ? ? ? ? TYPE_11_PAIR         ?     ? 
? 
hydrog42 hydrog ?    ? C A   8  N6    ? ? ? 1_555 D U   11 O2 ? ? C A   22 D U   41 1_555 ? ? ? ? ? ? 'REVERSED HOOGSTEEN' ?     ? 
? 
hydrog43 hydrog ?    ? C A   8  N7    ? ? ? 1_555 D U   11 N3 ? ? C A   22 D U   41 1_555 ? ? ? ? ? ? 'REVERSED HOOGSTEEN' ?     ? 
? 
hydrog44 hydrog ?    ? C A   9  N6    ? ? ? 1_555 D A   10 N1 ? ? C A   23 D A   40 1_555 ? ? ? ? ? ? 'A-A MISPAIR'        ?     ? 
? 
hydrog45 hydrog ?    ? C A   10 N1    ? ? ? 1_555 D A   8  N6 ? ? C A   24 D A   38 1_555 ? ? ? ? ? ? TYPE_5_PAIR          ?     ? 
? 
hydrog46 hydrog ?    ? C A   10 N6    ? ? ? 1_555 D A   8  N7 ? ? C A   24 D A   38 1_555 ? ? ? ? ? ? TYPE_5_PAIR          ?     ? 
? 
hydrog47 hydrog ?    ? C A   12 N1    ? ? ? 1_555 D G   6  N1 ? ? C A   26 D G   36 1_555 ? ? ? ? ? ? TYPE_8_PAIR          ?     ? 
? 
hydrog48 hydrog ?    ? C A   12 N6    ? ? ? 1_555 D G   6  O6 ? ? C A   26 D G   36 1_555 ? ? ? ? ? ? TYPE_8_PAIR          ?     ? 
? 
hydrog49 hydrog ?    ? C C   13 N3    ? ? ? 1_555 D G   5  N1 ? ? C C   27 D G   35 1_555 ? ? ? ? ? ? WATSON-CRICK         ?     ? 
? 
hydrog50 hydrog ?    ? C C   13 N4    ? ? ? 1_555 D G   5  O6 ? ? C C   27 D G   35 1_555 ? ? ? ? ? ? WATSON-CRICK         ?     ? 
? 
hydrog51 hydrog ?    ? C C   13 O2    ? ? ? 1_555 D G   5  N2 ? ? C C   27 D G   35 1_555 ? ? ? ? ? ? WATSON-CRICK         ?     ? 
? 
hydrog52 hydrog ?    ? C A   14 N1    ? ? ? 1_555 D U   4  N3 ? ? C A   28 D U   34 1_555 ? ? ? ? ? ? WATSON-CRICK         ?     ? 
? 
hydrog53 hydrog ?    ? C A   14 N6    ? ? ? 1_555 D U   4  O4 ? ? C A   28 D U   34 1_555 ? ? ? ? ? ? WATSON-CRICK         ?     ? 
? 
hydrog54 hydrog ?    ? C C   15 N3    ? ? ? 1_555 D G   3  N1 ? ? C C   29 D G   33 1_555 ? ? ? ? ? ? WATSON-CRICK         ?     ? 
? 
hydrog55 hydrog ?    ? C C   15 N4    ? ? ? 1_555 D G   3  O6 ? ? C C   29 D G   33 1_555 ? ? ? ? ? ? WATSON-CRICK         ?     ? 
? 
hydrog56 hydrog ?    ? C C   15 O2    ? ? ? 1_555 D G   3  N2 ? ? C C   29 D G   33 1_555 ? ? ? ? ? ? WATSON-CRICK         ?     ? 
? 
hydrog57 hydrog ?    ? C G   16 N1    ? ? ? 1_555 D C   2  N3 ? ? C G   30 D C   32 1_555 ? ? ? ? ? ? WATSON-CRICK         ?     ? 
? 
hydrog58 hydrog ?    ? C G   16 N2    ? ? ? 1_555 D C   2  O2 ? ? C G   30 D C   32 1_555 ? ? ? ? ? ? WATSON-CRICK         ?     ? 
? 
hydrog59 hydrog ?    ? C G   16 O6    ? ? ? 1_555 D C   2  N4 ? ? C G   30 D C   32 1_555 ? ? ? ? ? ? WATSON-CRICK         ?     ? 
? 
hydrog60 hydrog ?    ? C A   17 N1    ? ? ? 1_555 D U   1  N3 ? ? C A   31 D U   31 1_555 ? ? ? ? ? ? WATSON-CRICK         ?     ? 
? 
hydrog61 hydrog ?    ? C A   17 N6    ? ? ? 1_555 D U   1  O4 ? ? C A   31 D U   31 1_555 ? ? ? ? ? ? WATSON-CRICK         ?     ? 
? 
# 
loop_
_struct_conn_type.id 
_struct_conn_type.criteria 
_struct_conn_type.reference 
covale ? ? 
hydrog ? ? 
# 
loop_
_struct_site.id 
_struct_site.pdbx_evidence_code 
_struct_site.pdbx_auth_asym_id 
_struct_site.pdbx_auth_comp_id 
_struct_site.pdbx_auth_seq_id 
_struct_site.pdbx_auth_ins_code 
_struct_site.pdbx_num_residues 
_struct_site.details 
AC1 Software B S9L 14 ? 4 'BINDING SITE FOR RESIDUE S9L B 14' 
AC2 Software C NCO 1  ? 4 'BINDING SITE FOR RESIDUE NCO C 1'  
AC3 Software B NCO 15 ? 5 'BINDING SITE FOR RESIDUE NCO B 15' 
AC4 Software A SO4 15 ? 2 'BINDING SITE FOR RESIDUE SO4 A 15' 
# 
loop_
_struct_site_gen.id 
_struct_site_gen.site_id 
_struct_site_gen.pdbx_num_res 
_struct_site_gen.label_comp_id 
_struct_site_gen.label_asym_id 
_struct_site_gen.label_seq_id 
_struct_site_gen.pdbx_auth_ins_code 
_struct_site_gen.auth_comp_id 
_struct_site_gen.auth_asym_id 
_struct_site_gen.auth_seq_id 
_struct_site_gen.label_atom_id 
_struct_site_gen.label_alt_id 
_struct_site_gen.symmetry 
_struct_site_gen.details 
1  AC1 4 U   A 1  ? U   A 1  . ? 10_665 ? 
2  AC1 4 G   B 12 ? G   B 13 . ? 1_555  ? 
3  AC1 4 G   C 1  ? G   C 15 . ? 1_555  ? 
4  AC1 4 A   C 17 ? A   C 31 . ? 9_665  ? 
5  AC2 4 A   C 6  ? A   C 20 . ? 1_555  ? 
6  AC2 4 G   C 7  ? G   C 21 . ? 1_555  ? 
7  AC2 4 A   D 10 ? A   D 40 . ? 1_555  ? 
8  AC2 4 U   D 11 ? U   D 41 . ? 1_555  ? 
9  AC3 5 C   A 2  ? C   A 2  . ? 1_555  ? 
10 AC3 5 SO4 E .  ? SO4 A 15 . ? 1_555  ? 
11 AC3 5 G   B 10 ? G   B 11 . ? 1_555  ? 
12 AC3 5 G   B 11 ? G   B 12 . ? 1_555  ? 
13 AC3 5 G   B 12 ? G   B 13 . ? 1_555  ? 
14 AC4 2 C   A 2  ? C   A 2  . ? 1_555  ? 
15 AC4 2 NCO G .  ? NCO B 15 . ? 1_555  ? 
# 
_pdbx_validate_close_contact.id               1 
_pdbx_validate_close_contact.PDB_model_num    1 
_pdbx_validate_close_contact.auth_atom_id_1   "O2'" 
_pdbx_validate_close_contact.auth_asym_id_1   A 
_pdbx_validate_close_contact.auth_comp_id_1   A 
_pdbx_validate_close_contact.auth_seq_id_1    5 
_pdbx_validate_close_contact.PDB_ins_code_1   ? 
_pdbx_validate_close_contact.label_alt_id_1   ? 
_pdbx_validate_close_contact.auth_atom_id_2   P 
_pdbx_validate_close_contact.auth_asym_id_2   A 
_pdbx_validate_close_contact.auth_comp_id_2   G 
_pdbx_validate_close_contact.auth_seq_id_2    6 
_pdbx_validate_close_contact.PDB_ins_code_2   ? 
_pdbx_validate_close_contact.label_alt_id_2   ? 
_pdbx_validate_close_contact.dist             1.62 
# 
_pdbx_validate_symm_contact.id                1 
_pdbx_validate_symm_contact.PDB_model_num     1 
_pdbx_validate_symm_contact.auth_atom_id_1    "O3'" 
_pdbx_validate_symm_contact.auth_asym_id_1    C 
_pdbx_validate_symm_contact.auth_comp_id_1    A 
_pdbx_validate_symm_contact.auth_seq_id_1     31 
_pdbx_validate_symm_contact.PDB_ins_code_1    ? 
_pdbx_validate_symm_contact.label_alt_id_1    ? 
_pdbx_validate_symm_contact.site_symmetry_1   1_555 
_pdbx_validate_symm_contact.auth_atom_id_2    "O3'" 
_pdbx_validate_symm_contact.auth_asym_id_2    C 
_pdbx_validate_symm_contact.auth_comp_id_2    A 
_pdbx_validate_symm_contact.auth_seq_id_2     31 
_pdbx_validate_symm_contact.PDB_ins_code_2    ? 
_pdbx_validate_symm_contact.label_alt_id_2    ? 
_pdbx_validate_symm_contact.site_symmetry_2   11_655 
_pdbx_validate_symm_contact.dist              2.12 
# 
loop_
_pdbx_validate_rmsd_angle.id 
_pdbx_validate_rmsd_angle.PDB_model_num 
_pdbx_validate_rmsd_angle.auth_atom_id_1 
_pdbx_validate_rmsd_angle.auth_asym_id_1 
_pdbx_validate_rmsd_angle.auth_comp_id_1 
_pdbx_validate_rmsd_angle.auth_seq_id_1 
_pdbx_validate_rmsd_angle.PDB_ins_code_1 
_pdbx_validate_rmsd_angle.label_alt_id_1 
_pdbx_validate_rmsd_angle.auth_atom_id_2 
_pdbx_validate_rmsd_angle.auth_asym_id_2 
_pdbx_validate_rmsd_angle.auth_comp_id_2 
_pdbx_validate_rmsd_angle.auth_seq_id_2 
_pdbx_validate_rmsd_angle.PDB_ins_code_2 
_pdbx_validate_rmsd_angle.label_alt_id_2 
_pdbx_validate_rmsd_angle.auth_atom_id_3 
_pdbx_validate_rmsd_angle.auth_asym_id_3 
_pdbx_validate_rmsd_angle.auth_comp_id_3 
_pdbx_validate_rmsd_angle.auth_seq_id_3 
_pdbx_validate_rmsd_angle.PDB_ins_code_3 
_pdbx_validate_rmsd_angle.label_alt_id_3 
_pdbx_validate_rmsd_angle.angle_value 
_pdbx_validate_rmsd_angle.angle_target_value 
_pdbx_validate_rmsd_angle.angle_deviation 
_pdbx_validate_rmsd_angle.angle_standard_deviation 
_pdbx_validate_rmsd_angle.linker_flag 
1 1 N9    A G 6  ? ? "C1'" A G 6  ? ? "C2'" A G 6  ? ? 122.19 114.00 8.19  1.30 N 
2 1 "C1'" D A 38 ? ? "O4'" D A 38 ? ? "C4'" D A 38 ? ? 104.49 109.70 -5.21 0.70 N 
3 1 N9    D A 38 ? ? "C1'" D A 38 ? ? "C2'" D A 38 ? ? 126.01 114.00 12.01 1.30 N 
4 1 "O4'" D A 38 ? ? "C1'" D A 38 ? ? N9    D A 38 ? ? 114.17 108.50 5.67  0.70 N 
5 1 "C5'" D U 42 ? ? "C4'" D U 42 ? ? "C3'" D U 42 ? ? 105.90 115.20 -9.30 1.40 N 
# 
_pdbx_unobs_or_zero_occ_residues.id               1 
_pdbx_unobs_or_zero_occ_residues.PDB_model_num    1 
_pdbx_unobs_or_zero_occ_residues.polymer_flag     Y 
_pdbx_unobs_or_zero_occ_residues.occupancy_flag   1 
_pdbx_unobs_or_zero_occ_residues.auth_asym_id     A 
_pdbx_unobs_or_zero_occ_residues.auth_comp_id     U 
_pdbx_unobs_or_zero_occ_residues.auth_seq_id      14 
_pdbx_unobs_or_zero_occ_residues.PDB_ins_code     ? 
_pdbx_unobs_or_zero_occ_residues.label_asym_id    A 
_pdbx_unobs_or_zero_occ_residues.label_comp_id    U 
_pdbx_unobs_or_zero_occ_residues.label_seq_id     14 
# 
loop_
_chem_comp_atom.comp_id 
_chem_comp_atom.atom_id 
_chem_comp_atom.type_symbol 
_chem_comp_atom.pdbx_aromatic_flag 
_chem_comp_atom.pdbx_stereo_config 
_chem_comp_atom.pdbx_ordinal 
A   OP3    O  N N 1   
A   P      P  N N 2   
A   OP1    O  N N 3   
A   OP2    O  N N 4   
A   "O5'"  O  N N 5   
A   "C5'"  C  N N 6   
A   "C4'"  C  N R 7   
A   "O4'"  O  N N 8   
A   "C3'"  C  N S 9   
A   "O3'"  O  N N 10  
A   "C2'"  C  N R 11  
A   "O2'"  O  N N 12  
A   "C1'"  C  N R 13  
A   N9     N  Y N 14  
A   C8     C  Y N 15  
A   N7     N  Y N 16  
A   C5     C  Y N 17  
A   C6     C  Y N 18  
A   N6     N  N N 19  
A   N1     N  Y N 20  
A   C2     C  Y N 21  
A   N3     N  Y N 22  
A   C4     C  Y N 23  
A   HOP3   H  N N 24  
A   HOP2   H  N N 25  
A   "H5'"  H  N N 26  
A   "H5''" H  N N 27  
A   "H4'"  H  N N 28  
A   "H3'"  H  N N 29  
A   "HO3'" H  N N 30  
A   "H2'"  H  N N 31  
A   "HO2'" H  N N 32  
A   "H1'"  H  N N 33  
A   H8     H  N N 34  
A   H61    H  N N 35  
A   H62    H  N N 36  
A   H2     H  N N 37  
C   OP3    O  N N 38  
C   P      P  N N 39  
C   OP1    O  N N 40  
C   OP2    O  N N 41  
C   "O5'"  O  N N 42  
C   "C5'"  C  N N 43  
C   "C4'"  C  N R 44  
C   "O4'"  O  N N 45  
C   "C3'"  C  N S 46  
C   "O3'"  O  N N 47  
C   "C2'"  C  N R 48  
C   "O2'"  O  N N 49  
C   "C1'"  C  N R 50  
C   N1     N  N N 51  
C   C2     C  N N 52  
C   O2     O  N N 53  
C   N3     N  N N 54  
C   C4     C  N N 55  
C   N4     N  N N 56  
C   C5     C  N N 57  
C   C6     C  N N 58  
C   HOP3   H  N N 59  
C   HOP2   H  N N 60  
C   "H5'"  H  N N 61  
C   "H5''" H  N N 62  
C   "H4'"  H  N N 63  
C   "H3'"  H  N N 64  
C   "HO3'" H  N N 65  
C   "H2'"  H  N N 66  
C   "HO2'" H  N N 67  
C   "H1'"  H  N N 68  
C   H41    H  N N 69  
C   H42    H  N N 70  
C   H5     H  N N 71  
C   H6     H  N N 72  
G   OP3    O  N N 73  
G   P      P  N N 74  
G   OP1    O  N N 75  
G   OP2    O  N N 76  
G   "O5'"  O  N N 77  
G   "C5'"  C  N N 78  
G   "C4'"  C  N R 79  
G   "O4'"  O  N N 80  
G   "C3'"  C  N S 81  
G   "O3'"  O  N N 82  
G   "C2'"  C  N R 83  
G   "O2'"  O  N N 84  
G   "C1'"  C  N R 85  
G   N9     N  Y N 86  
G   C8     C  Y N 87  
G   N7     N  Y N 88  
G   C5     C  Y N 89  
G   C6     C  N N 90  
G   O6     O  N N 91  
G   N1     N  N N 92  
G   C2     C  N N 93  
G   N2     N  N N 94  
G   N3     N  N N 95  
G   C4     C  Y N 96  
G   HOP3   H  N N 97  
G   HOP2   H  N N 98  
G   "H5'"  H  N N 99  
G   "H5''" H  N N 100 
G   "H4'"  H  N N 101 
G   "H3'"  H  N N 102 
G   "HO3'" H  N N 103 
G   "H2'"  H  N N 104 
G   "HO2'" H  N N 105 
G   "H1'"  H  N N 106 
G   H8     H  N N 107 
G   H1     H  N N 108 
G   H21    H  N N 109 
G   H22    H  N N 110 
NCO CO     CO N N 111 
NCO N1     N  N N 112 
NCO N2     N  N N 113 
NCO N3     N  N N 114 
NCO N4     N  N N 115 
NCO N5     N  N N 116 
NCO N6     N  N N 117 
NCO HN11   H  N N 118 
NCO HN12   H  N N 119 
NCO HN13   H  N N 120 
NCO HN21   H  N N 121 
NCO HN22   H  N N 122 
NCO HN23   H  N N 123 
NCO HN31   H  N N 124 
NCO HN32   H  N N 125 
NCO HN33   H  N N 126 
NCO HN41   H  N N 127 
NCO HN42   H  N N 128 
NCO HN43   H  N N 129 
NCO HN51   H  N N 130 
NCO HN52   H  N N 131 
NCO HN53   H  N N 132 
NCO HN61   H  N N 133 
NCO HN62   H  N N 134 
NCO HN63   H  N N 135 
S9L O3P    O  N N 136 
S9L P      P  N N 137 
S9L O1P    O  N N 138 
S9L O2P    O  N N 139 
S9L "O5'"  O  N N 140 
S9L C12    C  N N 141 
S9L C22    C  N N 142 
S9L OH3    O  N N 143 
S9L C13    C  N N 144 
S9L C23    C  N N 145 
S9L OH4    O  N N 146 
S9L C14    C  N N 147 
S9L C24    C  N N 148 
S9L "O3'"  O  N N 149 
S9L HO3P   H  N N 150 
S9L HO1P   H  N N 151 
S9L H121   H  N N 152 
S9L H122   H  N N 153 
S9L H221   H  N N 154 
S9L H222   H  N N 155 
S9L H131   H  N N 156 
S9L H132   H  N N 157 
S9L H231   H  N N 158 
S9L H232   H  N N 159 
S9L H141   H  N N 160 
S9L H142   H  N N 161 
S9L H241   H  N N 162 
S9L H242   H  N N 163 
S9L "HO3'" H  N N 164 
SO4 S      S  N N 165 
SO4 O1     O  N N 166 
SO4 O2     O  N N 167 
SO4 O3     O  N N 168 
SO4 O4     O  N N 169 
U   OP3    O  N N 170 
U   P      P  N N 171 
U   OP1    O  N N 172 
U   OP2    O  N N 173 
U   "O5'"  O  N N 174 
U   "C5'"  C  N N 175 
U   "C4'"  C  N R 176 
U   "O4'"  O  N N 177 
U   "C3'"  C  N S 178 
U   "O3'"  O  N N 179 
U   "C2'"  C  N R 180 
U   "O2'"  O  N N 181 
U   "C1'"  C  N R 182 
U   N1     N  N N 183 
U   C2     C  N N 184 
U   O2     O  N N 185 
U   N3     N  N N 186 
U   C4     C  N N 187 
U   O4     O  N N 188 
U   C5     C  N N 189 
U   C6     C  N N 190 
U   HOP3   H  N N 191 
U   HOP2   H  N N 192 
U   "H5'"  H  N N 193 
U   "H5''" H  N N 194 
U   "H4'"  H  N N 195 
U   "H3'"  H  N N 196 
U   "HO3'" H  N N 197 
U   "H2'"  H  N N 198 
U   "HO2'" H  N N 199 
U   "H1'"  H  N N 200 
U   H3     H  N N 201 
U   H5     H  N N 202 
U   H6     H  N N 203 
# 
loop_
_chem_comp_bond.comp_id 
_chem_comp_bond.atom_id_1 
_chem_comp_bond.atom_id_2 
_chem_comp_bond.value_order 
_chem_comp_bond.pdbx_aromatic_flag 
_chem_comp_bond.pdbx_stereo_config 
_chem_comp_bond.pdbx_ordinal 
A   OP3   P      sing N N 1   
A   OP3   HOP3   sing N N 2   
A   P     OP1    doub N N 3   
A   P     OP2    sing N N 4   
A   P     "O5'"  sing N N 5   
A   OP2   HOP2   sing N N 6   
A   "O5'" "C5'"  sing N N 7   
A   "C5'" "C4'"  sing N N 8   
A   "C5'" "H5'"  sing N N 9   
A   "C5'" "H5''" sing N N 10  
A   "C4'" "O4'"  sing N N 11  
A   "C4'" "C3'"  sing N N 12  
A   "C4'" "H4'"  sing N N 13  
A   "O4'" "C1'"  sing N N 14  
A   "C3'" "O3'"  sing N N 15  
A   "C3'" "C2'"  sing N N 16  
A   "C3'" "H3'"  sing N N 17  
A   "O3'" "HO3'" sing N N 18  
A   "C2'" "O2'"  sing N N 19  
A   "C2'" "C1'"  sing N N 20  
A   "C2'" "H2'"  sing N N 21  
A   "O2'" "HO2'" sing N N 22  
A   "C1'" N9     sing N N 23  
A   "C1'" "H1'"  sing N N 24  
A   N9    C8     sing Y N 25  
A   N9    C4     sing Y N 26  
A   C8    N7     doub Y N 27  
A   C8    H8     sing N N 28  
A   N7    C5     sing Y N 29  
A   C5    C6     sing Y N 30  
A   C5    C4     doub Y N 31  
A   C6    N6     sing N N 32  
A   C6    N1     doub Y N 33  
A   N6    H61    sing N N 34  
A   N6    H62    sing N N 35  
A   N1    C2     sing Y N 36  
A   C2    N3     doub Y N 37  
A   C2    H2     sing N N 38  
A   N3    C4     sing Y N 39  
C   OP3   P      sing N N 40  
C   OP3   HOP3   sing N N 41  
C   P     OP1    doub N N 42  
C   P     OP2    sing N N 43  
C   P     "O5'"  sing N N 44  
C   OP2   HOP2   sing N N 45  
C   "O5'" "C5'"  sing N N 46  
C   "C5'" "C4'"  sing N N 47  
C   "C5'" "H5'"  sing N N 48  
C   "C5'" "H5''" sing N N 49  
C   "C4'" "O4'"  sing N N 50  
C   "C4'" "C3'"  sing N N 51  
C   "C4'" "H4'"  sing N N 52  
C   "O4'" "C1'"  sing N N 53  
C   "C3'" "O3'"  sing N N 54  
C   "C3'" "C2'"  sing N N 55  
C   "C3'" "H3'"  sing N N 56  
C   "O3'" "HO3'" sing N N 57  
C   "C2'" "O2'"  sing N N 58  
C   "C2'" "C1'"  sing N N 59  
C   "C2'" "H2'"  sing N N 60  
C   "O2'" "HO2'" sing N N 61  
C   "C1'" N1     sing N N 62  
C   "C1'" "H1'"  sing N N 63  
C   N1    C2     sing N N 64  
C   N1    C6     sing N N 65  
C   C2    O2     doub N N 66  
C   C2    N3     sing N N 67  
C   N3    C4     doub N N 68  
C   C4    N4     sing N N 69  
C   C4    C5     sing N N 70  
C   N4    H41    sing N N 71  
C   N4    H42    sing N N 72  
C   C5    C6     doub N N 73  
C   C5    H5     sing N N 74  
C   C6    H6     sing N N 75  
G   OP3   P      sing N N 76  
G   OP3   HOP3   sing N N 77  
G   P     OP1    doub N N 78  
G   P     OP2    sing N N 79  
G   P     "O5'"  sing N N 80  
G   OP2   HOP2   sing N N 81  
G   "O5'" "C5'"  sing N N 82  
G   "C5'" "C4'"  sing N N 83  
G   "C5'" "H5'"  sing N N 84  
G   "C5'" "H5''" sing N N 85  
G   "C4'" "O4'"  sing N N 86  
G   "C4'" "C3'"  sing N N 87  
G   "C4'" "H4'"  sing N N 88  
G   "O4'" "C1'"  sing N N 89  
G   "C3'" "O3'"  sing N N 90  
G   "C3'" "C2'"  sing N N 91  
G   "C3'" "H3'"  sing N N 92  
G   "O3'" "HO3'" sing N N 93  
G   "C2'" "O2'"  sing N N 94  
G   "C2'" "C1'"  sing N N 95  
G   "C2'" "H2'"  sing N N 96  
G   "O2'" "HO2'" sing N N 97  
G   "C1'" N9     sing N N 98  
G   "C1'" "H1'"  sing N N 99  
G   N9    C8     sing Y N 100 
G   N9    C4     sing Y N 101 
G   C8    N7     doub Y N 102 
G   C8    H8     sing N N 103 
G   N7    C5     sing Y N 104 
G   C5    C6     sing N N 105 
G   C5    C4     doub Y N 106 
G   C6    O6     doub N N 107 
G   C6    N1     sing N N 108 
G   N1    C2     sing N N 109 
G   N1    H1     sing N N 110 
G   C2    N2     sing N N 111 
G   C2    N3     doub N N 112 
G   N2    H21    sing N N 113 
G   N2    H22    sing N N 114 
G   N3    C4     sing N N 115 
NCO CO    N1     sing N N 116 
NCO CO    N2     sing N N 117 
NCO CO    N3     sing N N 118 
NCO CO    N4     sing N N 119 
NCO CO    N5     sing N N 120 
NCO CO    N6     sing N N 121 
NCO N1    HN11   sing N N 122 
NCO N1    HN12   sing N N 123 
NCO N1    HN13   sing N N 124 
NCO N2    HN21   sing N N 125 
NCO N2    HN22   sing N N 126 
NCO N2    HN23   sing N N 127 
NCO N3    HN31   sing N N 128 
NCO N3    HN32   sing N N 129 
NCO N3    HN33   sing N N 130 
NCO N4    HN41   sing N N 131 
NCO N4    HN42   sing N N 132 
NCO N4    HN43   sing N N 133 
NCO N5    HN51   sing N N 134 
NCO N5    HN52   sing N N 135 
NCO N5    HN53   sing N N 136 
NCO N6    HN61   sing N N 137 
NCO N6    HN62   sing N N 138 
NCO N6    HN63   sing N N 139 
S9L O3P   P      sing N N 140 
S9L O3P   HO3P   sing N N 141 
S9L P     O2P    doub N N 142 
S9L P     O1P    sing N N 143 
S9L P     "O5'"  sing N N 144 
S9L O1P   HO1P   sing N N 145 
S9L "O5'" C12    sing N N 146 
S9L C12   C22    sing N N 147 
S9L C12   H121   sing N N 148 
S9L C12   H122   sing N N 149 
S9L C22   OH3    sing N N 150 
S9L C22   H221   sing N N 151 
S9L C22   H222   sing N N 152 
S9L OH3   C23    sing N N 153 
S9L C13   C23    sing N N 154 
S9L C13   OH4    sing N N 155 
S9L C13   H131   sing N N 156 
S9L C13   H132   sing N N 157 
S9L C23   H231   sing N N 158 
S9L C23   H232   sing N N 159 
S9L OH4   C24    sing N N 160 
S9L C14   C24    sing N N 161 
S9L C14   "O3'"  sing N N 162 
S9L C14   H141   sing N N 163 
S9L C14   H142   sing N N 164 
S9L C24   H241   sing N N 165 
S9L C24   H242   sing N N 166 
S9L "O3'" "HO3'" sing N N 167 
SO4 S     O1     doub N N 168 
SO4 S     O2     doub N N 169 
SO4 S     O3     sing N N 170 
SO4 S     O4     sing N N 171 
U   OP3   P      sing N N 172 
U   OP3   HOP3   sing N N 173 
U   P     OP1    doub N N 174 
U   P     OP2    sing N N 175 
U   P     "O5'"  sing N N 176 
U   OP2   HOP2   sing N N 177 
U   "O5'" "C5'"  sing N N 178 
U   "C5'" "C4'"  sing N N 179 
U   "C5'" "H5'"  sing N N 180 
U   "C5'" "H5''" sing N N 181 
U   "C4'" "O4'"  sing N N 182 
U   "C4'" "C3'"  sing N N 183 
U   "C4'" "H4'"  sing N N 184 
U   "O4'" "C1'"  sing N N 185 
U   "C3'" "O3'"  sing N N 186 
U   "C3'" "C2'"  sing N N 187 
U   "C3'" "H3'"  sing N N 188 
U   "O3'" "HO3'" sing N N 189 
U   "C2'" "O2'"  sing N N 190 
U   "C2'" "C1'"  sing N N 191 
U   "C2'" "H2'"  sing N N 192 
U   "O2'" "HO2'" sing N N 193 
U   "C1'" N1     sing N N 194 
U   "C1'" "H1'"  sing N N 195 
U   N1    C2     sing N N 196 
U   N1    C6     sing N N 197 
U   C2    O2     doub N N 198 
U   C2    N3     sing N N 199 
U   N3    C4     sing N N 200 
U   N3    H3     sing N N 201 
U   C4    O4     doub N N 202 
U   C4    C5     sing N N 203 
U   C5    C6     doub N N 204 
U   C5    H5     sing N N 205 
U   C6    H6     sing N N 206 
# 
loop_
_ndb_struct_conf_na.entry_id 
_ndb_struct_conf_na.feature 
3GS8 'double helix'         
3GS8 'a-form double helix'  
3GS8 'bulge loop'           
3GS8 'mismatched base pair' 
3GS8 'internal loop'        
# 
loop_
_ndb_struct_na_base_pair.model_number 
_ndb_struct_na_base_pair.i_label_asym_id 
_ndb_struct_na_base_pair.i_label_comp_id 
_ndb_struct_na_base_pair.i_label_seq_id 
_ndb_struct_na_base_pair.i_symmetry 
_ndb_struct_na_base_pair.j_label_asym_id 
_ndb_struct_na_base_pair.j_label_comp_id 
_ndb_struct_na_base_pair.j_label_seq_id 
_ndb_struct_na_base_pair.j_symmetry 
_ndb_struct_na_base_pair.shear 
_ndb_struct_na_base_pair.stretch 
_ndb_struct_na_base_pair.stagger 
_ndb_struct_na_base_pair.buckle 
_ndb_struct_na_base_pair.propeller 
_ndb_struct_na_base_pair.opening 
_ndb_struct_na_base_pair.pair_number 
_ndb_struct_na_base_pair.pair_name 
_ndb_struct_na_base_pair.i_auth_asym_id 
_ndb_struct_na_base_pair.i_auth_seq_id 
_ndb_struct_na_base_pair.i_PDB_ins_code 
_ndb_struct_na_base_pair.j_auth_asym_id 
_ndb_struct_na_base_pair.j_auth_seq_id 
_ndb_struct_na_base_pair.j_PDB_ins_code 
_ndb_struct_na_base_pair.hbond_type_28 
_ndb_struct_na_base_pair.hbond_type_12 
1 A C 2  1_555 B G 12 1_555 0.160  0.031  -0.178 5.112  -20.569 7.350    1  A_C2:G13_B  A 2  ? B 13 ? 19 1  
1 A C 3  1_555 B G 11 1_555 0.047  -0.124 -0.073 -1.637 -7.736  -0.466   2  A_C3:G12_B  A 3  ? B 12 ? 19 1  
1 A C 4  1_555 B G 10 1_555 0.485  0.014  0.078  1.249  2.149   8.020    3  A_C4:G11_B  A 4  ? B 11 ? 19 1  
1 A A 5  1_555 B A 8  1_555 6.598  -3.415 -0.601 4.171  -7.117  -29.453  4  A_A5:A9_B   A 5  ? B 9  ? ?  ?  
1 A U 7  1_555 B G 7  1_555 -7.802 -3.099 -0.344 0.362  15.304  -16.121  5  A_U7:G8_B   A 7  ? B 8  ? ?  ?  
1 A C 8  1_555 B A 6  1_555 -2.137 0.424  -1.028 21.590 -11.581 7.827    6  A_C8:A7_B   A 8  ? B 7  ? ?  ?  
1 A C 9  1_555 B G 5  1_555 -0.217 0.311  -0.647 17.666 -11.367 10.513   7  A_C9:G6_B   A 9  ? B 6  ? ?  1  
1 A A 10 1_555 B U 4  1_555 0.577  0.186  0.208  4.663  -6.352  -3.973   8  A_A10:U5_B  A 10 ? B 5  ? 20 1  
1 A C 11 1_555 B G 3  1_555 0.710  0.248  0.513  0.793  -13.215 9.201    9  A_C11:G4_B  A 11 ? B 4  ? ?  1  
1 A C 12 1_555 B G 2  1_555 0.395  -0.452 0.503  0.201  -11.795 0.006    10 A_C12:G3_B  A 12 ? B 3  ? 19 1  
1 A G 13 1_555 B C 1  1_555 -0.260 0.464  0.201  -2.544 -15.660 12.733   11 A_G13:C2_B  A 13 ? B 2  ? ?  1  
1 C G 1  1_555 D C 19 1_555 -0.240 0.014  0.903  7.442  2.665   0.958    12 C_G15:C49_D C 15 ? D 49 ? 19 1  
1 C G 2  1_555 D C 18 1_555 -0.281 0.027  0.389  11.730 -6.695  -2.018   13 C_G16:C48_D C 16 ? D 48 ? 19 1  
1 C C 3  1_555 D G 17 1_555 -0.055 -0.047 -0.162 9.986  -12.937 4.841    14 C_C17:G47_D C 17 ? D 47 ? 19 1  
1 C A 4  1_555 D U 16 1_555 -0.138 -0.109 -0.070 -3.592 -6.624  6.082    15 C_A18:U46_D C 18 ? D 46 ? 20 1  
1 C G 5  1_555 D C 15 1_555 -0.359 -0.136 -0.437 -7.660 -2.917  6.051    16 C_G19:C45_D C 19 ? D 45 ? 19 1  
1 C A 6  1_555 D C 14 1_555 2.236  0.288  -0.361 -9.630 -3.842  18.155   17 C_A20:C44_D C 20 ? D 44 ? ?  1  
1 C G 7  1_555 D A 13 1_555 6.770  -4.454 -0.020 -8.017 2.609   -10.435  18 C_G21:A43_D C 21 ? D 43 ? 11 10 
1 C A 8  1_555 D U 11 1_555 -4.110 -1.797 -0.230 -6.032 -8.932  -100.387 19 C_A22:U41_D C 22 ? D 41 ? 24 4  
1 C A 9  1_555 D A 10 1_555 -4.420 0.826  -0.017 0.188  -13.195 -93.423  20 C_A23:A40_D C 23 ? D 40 ? ?  ?  
1 C A 10 1_555 D A 8  1_555 4.335  1.962  -0.210 2.659  -20.832 -124.874 21 C_A24:A38_D C 24 ? D 38 ? 5  4  
1 C C 11 1_555 A G 6  1_555 0.267  -0.192 0.095  12.421 -13.102 1.359    22 C_C25:G6_A  C 25 ? A 6  ? 19 1  
1 C A 12 1_555 D G 6  1_555 0.057  1.289  -0.309 -7.668 -18.931 -12.039  23 C_A26:G36_D C 26 ? D 36 ? 8  1  
1 C C 13 1_555 D G 5  1_555 0.420  -0.202 0.135  10.720 -18.975 0.958    24 C_C27:G35_D C 27 ? D 35 ? 19 1  
1 C A 14 1_555 D U 4  1_555 0.295  -0.022 0.507  13.127 -14.965 -2.599   25 C_A28:U34_D C 28 ? D 34 ? 20 1  
1 C C 15 1_555 D G 3  1_555 -0.177 0.033  0.126  4.884  -11.123 2.875    26 C_C29:G33_D C 29 ? D 33 ? 19 1  
1 C G 16 1_555 D C 2  1_555 -0.121 -0.082 0.420  -2.523 -9.880  -3.979   27 C_G30:C32_D C 30 ? D 32 ? 19 1  
1 C A 17 1_555 D U 1  1_555 0.542  -0.095 0.662  0.167  2.695   -1.315   28 C_A31:U31_D C 31 ? D 31 ? 20 1  
# 
loop_
_ndb_struct_na_base_pair_step.model_number 
_ndb_struct_na_base_pair_step.i_label_asym_id_1 
_ndb_struct_na_base_pair_step.i_label_comp_id_1 
_ndb_struct_na_base_pair_step.i_label_seq_id_1 
_ndb_struct_na_base_pair_step.i_symmetry_1 
_ndb_struct_na_base_pair_step.j_label_asym_id_1 
_ndb_struct_na_base_pair_step.j_label_comp_id_1 
_ndb_struct_na_base_pair_step.j_label_seq_id_1 
_ndb_struct_na_base_pair_step.j_symmetry_1 
_ndb_struct_na_base_pair_step.i_label_asym_id_2 
_ndb_struct_na_base_pair_step.i_label_comp_id_2 
_ndb_struct_na_base_pair_step.i_label_seq_id_2 
_ndb_struct_na_base_pair_step.i_symmetry_2 
_ndb_struct_na_base_pair_step.j_label_asym_id_2 
_ndb_struct_na_base_pair_step.j_label_comp_id_2 
_ndb_struct_na_base_pair_step.j_label_seq_id_2 
_ndb_struct_na_base_pair_step.j_symmetry_2 
_ndb_struct_na_base_pair_step.shift 
_ndb_struct_na_base_pair_step.slide 
_ndb_struct_na_base_pair_step.rise 
_ndb_struct_na_base_pair_step.tilt 
_ndb_struct_na_base_pair_step.roll 
_ndb_struct_na_base_pair_step.twist 
_ndb_struct_na_base_pair_step.x_displacement 
_ndb_struct_na_base_pair_step.y_displacement 
_ndb_struct_na_base_pair_step.helical_rise 
_ndb_struct_na_base_pair_step.inclination 
_ndb_struct_na_base_pair_step.tip 
_ndb_struct_na_base_pair_step.helical_twist 
_ndb_struct_na_base_pair_step.step_number 
_ndb_struct_na_base_pair_step.step_name 
_ndb_struct_na_base_pair_step.i_auth_asym_id_1 
_ndb_struct_na_base_pair_step.i_auth_seq_id_1 
_ndb_struct_na_base_pair_step.i_PDB_ins_code_1 
_ndb_struct_na_base_pair_step.j_auth_asym_id_1 
_ndb_struct_na_base_pair_step.j_auth_seq_id_1 
_ndb_struct_na_base_pair_step.j_PDB_ins_code_1 
_ndb_struct_na_base_pair_step.i_auth_asym_id_2 
_ndb_struct_na_base_pair_step.i_auth_seq_id_2 
_ndb_struct_na_base_pair_step.i_PDB_ins_code_2 
_ndb_struct_na_base_pair_step.j_auth_asym_id_2 
_ndb_struct_na_base_pair_step.j_auth_seq_id_2 
_ndb_struct_na_base_pair_step.j_PDB_ins_code_2 
1 A C 2  1_555 B G 12 1_555 A C 3  1_555 B G 11 1_555 -0.744 -1.598 3.511 -2.640  7.801  34.066  -3.864 0.827  3.127 13.079 4.426 
35.018  1  AA_C2C3:G12G13_BB   A 2  ? B 13 ? A 3  ? B 12 ? 
1 A C 3  1_555 B G 11 1_555 A C 4  1_555 B G 10 1_555 0.823  -1.639 3.413 0.966   9.386  28.837  -4.973 -1.385 2.779 18.240 -1.877 
30.310  2  AA_C3C4:G11G12_BB   A 3  ? B 12 ? A 4  ? B 11 ? 
1 A C 4  1_555 B G 10 1_555 A A 5  1_555 B A 8  1_555 -0.196 -0.918 5.343 -0.100  22.456 71.711  -1.877 0.157  4.920 18.722 0.084 
74.692  3  AA_C4A5:A9G11_BB    A 4  ? B 11 ? A 5  ? B 9  ? 
1 A A 5  1_555 B A 8  1_555 A U 7  1_555 B G 7  1_555 -1.181 0.091  3.418 13.495  6.787  11.906  -2.816 9.678  1.330 23.349 
-46.425 19.212  4  AA_A5U7:G8A9_BB     A 5  ? B 9  ? A 7  ? B 8  ? 
1 A U 7  1_555 B G 7  1_555 A C 8  1_555 B A 6  1_555 0.965  -0.827 2.954 -4.057  9.528  50.310  -1.526 -1.358 2.686 11.073 4.715 
51.297  5  AA_U7C8:A7G8_BB     A 7  ? B 8  ? A 8  ? B 7  ? 
1 A C 8  1_555 B A 6  1_555 A C 9  1_555 B G 5  1_555 -0.052 -1.288 3.577 -2.259  7.834  34.582  -3.318 -0.262 3.215 12.955 3.736 
35.502  6  AA_C8C9:G6A7_BB     A 8  ? B 7  ? A 9  ? B 6  ? 
1 A C 9  1_555 B G 5  1_555 A A 10 1_555 B U 4  1_555 -0.890 -1.791 3.442 -6.566  15.472 37.170  -4.251 0.570  2.639 22.893 9.716 
40.671  7  AA_C9A10:U5G6_BB    A 9  ? B 6  ? A 10 ? B 5  ? 
1 A A 10 1_555 B U 4  1_555 A C 11 1_555 B G 3  1_555 0.335  -1.666 3.459 -1.023  2.207  28.814  -3.845 -0.906 3.311 4.425  2.051 
28.914  8  AA_A10C11:G4U5_BB   A 10 ? B 5  ? A 11 ? B 4  ? 
1 A C 11 1_555 B G 3  1_555 A C 12 1_555 B G 2  1_555 -0.124 -2.039 2.921 0.033   8.337  32.148  -4.713 0.222  2.333 14.747 -0.058 
33.184  9  AA_C11C12:G3G4_BB   A 11 ? B 4  ? A 12 ? B 3  ? 
1 A C 12 1_555 B G 2  1_555 A G 13 1_555 B C 1  1_555 0.665  -1.693 3.092 4.955   7.824  29.990  -4.455 -0.393 2.651 14.685 -9.300 
31.356  10 AA_C12G13:C2G3_BB   A 12 ? B 3  ? A 13 ? B 2  ? 
1 C G 1  1_555 D C 19 1_555 C G 2  1_555 D C 18 1_555 -0.756 -1.188 3.015 -0.071  9.034  33.892  -3.163 1.247  2.624 15.164 0.120 
35.042  11 CC_G15G16:C48C49_DD C 15 ? D 49 ? C 16 ? D 48 ? 
1 C G 2  1_555 D C 18 1_555 C C 3  1_555 D G 17 1_555 0.540  -1.377 3.245 4.506   9.845  34.134  -3.586 -0.265 2.800 16.272 -7.447 
35.762  12 CC_G16C17:G47C48_DD C 16 ? D 48 ? C 17 ? D 47 ? 
1 C C 3  1_555 D G 17 1_555 C A 4  1_555 D U 16 1_555 0.309  -1.719 3.410 -4.360  13.912 31.267  -4.926 -1.156 2.390 24.230 7.593 
34.422  13 CC_C17A18:U46G47_DD C 17 ? D 47 ? C 18 ? D 46 ? 
1 C A 4  1_555 D U 16 1_555 C G 5  1_555 D C 15 1_555 -0.030 -1.747 3.438 -0.648  3.966  30.013  -4.160 -0.076 3.186 7.615  1.245 
30.274  14 CC_A18G19:C45U46_DD C 18 ? D 46 ? C 19 ? D 45 ? 
1 C G 5  1_555 D C 15 1_555 C A 6  1_555 D C 14 1_555 0.749  -1.486 3.339 2.861   5.735  39.907  -2.795 -0.763 3.149 8.337  -4.159 
40.398  15 CC_G19A20:C44C45_DD C 19 ? D 45 ? C 20 ? D 44 ? 
1 C A 6  1_555 D C 14 1_555 C G 7  1_555 D A 13 1_555 -0.947 -1.157 3.288 6.559   5.834  56.184  -1.531 1.350  3.045 6.153  -6.917 
56.810  16 CC_A20G21:A43C44_DD C 20 ? D 44 ? C 21 ? D 43 ? 
1 C G 7  1_555 D A 13 1_555 C A 8  1_555 D U 11 1_555 -2.058 -0.546 3.420 3.498   -0.081 14.072  -2.093 11.172 2.829 -0.323 
-13.997 14.498  17 CC_G21A22:U41A43_DD C 21 ? D 43 ? C 22 ? D 41 ? 
1 C A 8  1_555 D U 11 1_555 C A 9  1_555 D A 10 1_555 0.024  -2.151 3.397 -11.222 4.143  44.999  -3.079 -0.988 3.108 5.302  14.365 
46.482  18 CC_A22A23:A40U41_DD C 22 ? D 41 ? C 23 ? D 40 ? 
1 C A 9  1_555 D A 10 1_555 C A 10 1_555 D A 8  1_555 -2.919 -2.399 3.599 -6.500  2.522  66.142  -2.302 2.372  3.755 2.305  5.938 
66.467  19 CC_A23A24:A38A40_DD C 23 ? D 40 ? C 24 ? D 38 ? 
1 C A 10 1_555 D A 8  1_555 C C 11 1_555 A G 6  1_555 1.578  -0.425 3.020 3.457   2.239  -24.603 0.384  4.581  2.802 -5.208 8.041 
-24.940 20 CC_A24C25:G6A38_AD  C 24 ? D 38 ? C 25 ? A 6  ? 
1 C C 11 1_555 A G 6  1_555 C A 12 1_555 D G 6  1_555 0.587  -2.074 3.697 4.182   4.024  45.887  -3.023 -0.351 3.550 5.136  -5.338 
46.233  21 CC_C25A26:G36G6_DA  C 25 ? A 6  ? C 26 ? D 36 ? 
1 C A 12 1_555 D G 6  1_555 C C 13 1_555 D G 5  1_555 1.082  -0.571 2.829 -4.631  1.993  31.904  -1.322 -2.632 2.611 3.597  8.359 
32.289  22 CC_A26C27:G35G36_DD C 26 ? D 36 ? C 27 ? D 35 ? 
1 C C 13 1_555 D G 5  1_555 C A 14 1_555 D U 4  1_555 -0.265 -1.452 3.077 -1.785  7.055  34.742  -3.314 0.199  2.748 11.656 2.949 
35.473  23 CC_C27A28:U34G35_DD C 27 ? D 35 ? C 28 ? D 34 ? 
1 C A 14 1_555 D U 4  1_555 C C 15 1_555 D G 3  1_555 0.614  -1.344 3.351 5.035   2.535  31.301  -2.929 -0.177 3.291 4.652  -9.239 
31.792  24 CC_A28C29:G33U34_DD C 28 ? D 34 ? C 29 ? D 33 ? 
1 C C 15 1_555 D G 3  1_555 C G 16 1_555 D C 2  1_555 0.119  -1.661 3.197 0.783   9.837  36.971  -3.670 -0.092 2.686 15.182 -1.209 
38.221  25 CC_C29G30:C32G33_DD C 29 ? D 33 ? C 30 ? D 32 ? 
1 C G 16 1_555 D C 2  1_555 C A 17 1_555 D U 1  1_555 0.775  -2.004 3.069 1.817   1.678  33.201  -3.757 -1.071 3.004 2.931  -3.175 
33.291  26 CC_G30A31:U31C32_DD C 30 ? D 32 ? C 31 ? D 31 ? 
# 
_atom_sites.entry_id                    3GS8 
_atom_sites.fract_transf_matrix[1][1]   0.00476980 
_atom_sites.fract_transf_matrix[1][2]   -0.01113142 
_atom_sites.fract_transf_matrix[1][3]   0.00219693 
_atom_sites.fract_transf_matrix[2][1]   0.00840995 
_atom_sites.fract_transf_matrix[2][2]   -0.00145044 
_atom_sites.fract_transf_matrix[2][3]   0.00886881 
_atom_sites.fract_transf_matrix[3][1]   -0.00540412 
_atom_sites.fract_transf_matrix[3][2]   -0.00134777 
_atom_sites.fract_transf_matrix[3][3]   0.00490410 
_atom_sites.fract_transf_vector[1]      0.438204 
_atom_sites.fract_transf_vector[2]      0.210465 
_atom_sites.fract_transf_vector[3]      0.383819 
# 
loop_
_atom_type.symbol 
C  
CO 
N  
O  
P  
S  
# 
loop_
_atom_site.group_PDB 
_atom_site.id 
_atom_site.type_symbol 
_atom_site.label_atom_id 
_atom_site.label_alt_id 
_atom_site.label_comp_id 
_atom_site.label_asym_id 
_atom_site.label_entity_id 
_atom_site.label_seq_id 
_atom_site.pdbx_PDB_ins_code 
_atom_site.Cartn_x 
_atom_site.Cartn_y 
_atom_site.Cartn_z 
_atom_site.occupancy 
_atom_site.B_iso_or_equiv 
_atom_site.pdbx_formal_charge 
_atom_site.auth_seq_id 
_atom_site.auth_comp_id 
_atom_site.auth_asym_id 
_atom_site.auth_atom_id 
_atom_site.pdbx_PDB_model_num 
ATOM   1    O  "O5'" A U   A 1 1  ? 2.189   -13.016 14.796  0.50 95.69  ? 1  U   A "O5'" 1 
ATOM   2    O  "O5'" B U   A 1 1  ? 1.222   -11.593 13.904  0.50 88.48  ? 1  U   A "O5'" 1 
ATOM   3    C  "C5'" A U   A 1 1  ? 1.491   -12.859 16.033  0.50 96.99  ? 1  U   A "C5'" 1 
ATOM   4    C  "C5'" B U   A 1 1  ? 2.508   -11.841 14.494  0.50 89.66  ? 1  U   A "C5'" 1 
ATOM   5    C  "C4'" A U   A 1 1  ? 2.044   -11.691 16.811  0.50 97.52  ? 1  U   A "C4'" 1 
ATOM   6    C  "C4'" B U   A 1 1  ? 2.592   -11.351 15.920  0.50 90.96  ? 1  U   A "C4'" 1 
ATOM   7    O  "O4'" A U   A 1 1  ? 3.472   -11.868 16.974  0.50 100.78 ? 1  U   A "O4'" 1 
ATOM   8    O  "O4'" B U   A 1 1  ? 3.980   -11.360 16.336  0.50 92.37  ? 1  U   A "O4'" 1 
ATOM   9    C  "C3'" A U   A 1 1  ? 1.906   -10.322 16.175  0.50 98.66  ? 1  U   A "C3'" 1 
ATOM   10   C  "C3'" B U   A 1 1  ? 2.155   -9.916  16.147  0.50 92.98  ? 1  U   A "C3'" 1 
ATOM   11   O  "O3'" A U   A 1 1  ? 0.645   -9.755  16.433  0.50 97.54  ? 1  U   A "O3'" 1 
ATOM   12   O  "O3'" B U   A 1 1  ? 0.755   -9.805  16.301  0.50 95.19  ? 1  U   A "O3'" 1 
ATOM   13   C  "C2'" A U   A 1 1  ? 3.038   -9.546  16.832  0.50 98.24  ? 1  U   A "C2'" 1 
ATOM   14   C  "C2'" B U   A 1 1  ? 2.910   -9.528  17.410  0.50 91.05  ? 1  U   A "C2'" 1 
ATOM   15   O  "O2'" A U   A 1 1  ? 2.738   -9.117  18.146  0.50 97.14  ? 1  U   A "O2'" 1 
ATOM   16   O  "O2'" B U   A 1 1  ? 2.315   -9.984  18.606  0.50 90.79  ? 1  U   A "O2'" 1 
ATOM   17   C  "C1'" A U   A 1 1  ? 4.127   -10.614 16.862  0.50 98.58  ? 1  U   A "C1'" 1 
ATOM   18   C  "C1'" B U   A 1 1  ? 4.237   -10.248 17.182  0.50 89.06  ? 1  U   A "C1'" 1 
ATOM   19   N  N1    A U   A 1 1  ? 4.842   -10.628 15.582  0.50 98.62  ? 1  U   A N1    1 
ATOM   20   N  N1    B U   A 1 1  ? 5.229   -9.395  16.514  0.50 87.30  ? 1  U   A N1    1 
ATOM   21   C  C2    A U   A 1 1  ? 5.959   -9.832  15.447  0.50 99.05  ? 1  U   A C2    1 
ATOM   22   C  C2    B U   A 1 1  ? 5.770   -8.332  17.229  0.50 85.60  ? 1  U   A C2    1 
ATOM   23   O  O2    A U   A 1 1  ? 6.367   -9.100  16.331  0.50 99.70  ? 1  U   A O2    1 
ATOM   24   O  O2    B U   A 1 1  ? 5.417   -8.045  18.368  0.50 83.32  ? 1  U   A O2    1 
ATOM   25   N  N3    A U   A 1 1  ? 6.582   -9.930  14.232  0.50 98.72  ? 1  U   A N3    1 
ATOM   26   N  N3    B U   A 1 1  ? 6.730   -7.615  16.552  0.50 84.19  ? 1  U   A N3    1 
ATOM   27   C  C4    A U   A 1 1  ? 6.205   -10.722 13.172  0.50 97.47  ? 1  U   A C4    1 
ATOM   28   C  C4    B U   A 1 1  ? 7.184   -7.841  15.262  0.50 84.42  ? 1  U   A C4    1 
ATOM   29   O  O4    A U   A 1 1  ? 6.907   -10.755 12.171  0.50 96.75  ? 1  U   A O4    1 
ATOM   30   O  O4    B U   A 1 1  ? 8.098   -7.154  14.817  0.50 84.70  ? 1  U   A O4    1 
ATOM   31   C  C5    A U   A 1 1  ? 5.029   -11.493 13.382  0.50 96.48  ? 1  U   A C5    1 
ATOM   32   C  C5    B U   A 1 1  ? 6.556   -8.932  14.585  0.50 85.85  ? 1  U   A C5    1 
ATOM   33   C  C6    A U   A 1 1  ? 4.404   -11.423 14.549  0.50 96.82  ? 1  U   A C6    1 
ATOM   34   C  C6    B U   A 1 1  ? 5.625   -9.653  15.214  0.50 87.46  ? 1  U   A C6    1 
ATOM   35   P  P     . C   A 1 2  ? -0.051  -8.837  15.320  1.00 97.73  ? 2  C   A P     1 
ATOM   36   O  OP1   . C   A 1 2  ? -1.243  -8.290  16.024  1.00 91.24  ? 2  C   A OP1   1 
ATOM   37   O  OP2   . C   A 1 2  ? -0.210  -9.603  14.052  1.00 91.63  ? 2  C   A OP2   1 
ATOM   38   O  "O5'" . C   A 1 2  ? 0.979   -7.645  15.106  1.00 88.82  ? 2  C   A "O5'" 1 
ATOM   39   C  "C5'" . C   A 1 2  ? 1.355   -6.829  16.205  1.00 77.84  ? 2  C   A "C5'" 1 
ATOM   40   C  "C4'" . C   A 1 2  ? 2.428   -5.879  15.784  1.00 80.23  ? 2  C   A "C4'" 1 
ATOM   41   O  "O4'" . C   A 1 2  ? 3.582   -6.640  15.352  1.00 80.02  ? 2  C   A "O4'" 1 
ATOM   42   C  "C3'" . C   A 1 2  ? 2.074   -5.084  14.548  1.00 81.02  ? 2  C   A "C3'" 1 
ATOM   43   O  "O3'" . C   A 1 2  ? 1.285   -3.957  14.836  1.00 81.82  ? 2  C   A "O3'" 1 
ATOM   44   C  "C2'" . C   A 1 2  ? 3.435   -4.685  14.022  1.00 79.47  ? 2  C   A "C2'" 1 
ATOM   45   O  "O2'" . C   A 1 2  ? 3.978   -3.621  14.759  1.00 75.45  ? 2  C   A "O2'" 1 
ATOM   46   C  "C1'" . C   A 1 2  ? 4.240   -5.944  14.311  1.00 78.70  ? 2  C   A "C1'" 1 
ATOM   47   N  N1    . C   A 1 2  ? 4.328   -6.815  13.142  1.00 81.14  ? 2  C   A N1    1 
ATOM   48   C  C2    . C   A 1 2  ? 5.229   -6.481  12.148  1.00 81.89  ? 2  C   A C2    1 
ATOM   49   O  O2    . C   A 1 2  ? 5.909   -5.466  12.290  1.00 84.66  ? 2  C   A O2    1 
ATOM   50   N  N3    . C   A 1 2  ? 5.337   -7.264  11.054  1.00 83.16  ? 2  C   A N3    1 
ATOM   51   C  C4    . C   A 1 2  ? 4.573   -8.347  10.938  1.00 84.91  ? 2  C   A C4    1 
ATOM   52   N  N4    . C   A 1 2  ? 4.703   -9.084  9.833   1.00 85.34  ? 2  C   A N4    1 
ATOM   53   C  C5    . C   A 1 2  ? 3.637   -8.719  11.948  1.00 88.15  ? 2  C   A C5    1 
ATOM   54   C  C6    . C   A 1 2  ? 3.548   -7.928  13.024  1.00 84.75  ? 2  C   A C6    1 
ATOM   55   P  P     . C   A 1 3  ? 0.258   -3.436  13.731  1.00 77.30  ? 3  C   A P     1 
ATOM   56   O  OP1   . C   A 1 3  ? -0.706  -2.506  14.375  1.00 75.72  ? 3  C   A OP1   1 
ATOM   57   O  OP2   . C   A 1 3  ? -0.232  -4.624  13.000  1.00 79.37  ? 3  C   A OP2   1 
ATOM   58   O  "O5'" . C   A 1 3  ? 1.171   -2.607  12.738  1.00 72.45  ? 3  C   A "O5'" 1 
ATOM   59   C  "C5'" . C   A 1 3  ? 1.765   -1.407  13.172  1.00 70.81  ? 3  C   A "C5'" 1 
ATOM   60   C  "C4'" . C   A 1 3  ? 2.512   -0.766  12.043  1.00 72.86  ? 3  C   A "C4'" 1 
ATOM   61   O  "O4'" . C   A 1 3  ? 3.633   -1.608  11.686  1.00 73.09  ? 3  C   A "O4'" 1 
ATOM   62   C  "C3'" . C   A 1 3  ? 1.736   -0.609  10.750  1.00 75.38  ? 3  C   A "C3'" 1 
ATOM   63   O  "O3'" . C   A 1 3  ? 0.987   0.584   10.766  1.00 75.70  ? 3  C   A "O3'" 1 
ATOM   64   C  "C2'" . C   A 1 3  ? 2.852   -0.532  9.725   1.00 74.43  ? 3  C   A "C2'" 1 
ATOM   65   O  "O2'" . C   A 1 3  ? 3.467   0.734   9.709   1.00 72.63  ? 3  C   A "O2'" 1 
ATOM   66   C  "C1'" . C   A 1 3  ? 3.842   -1.543  10.292  1.00 75.17  ? 3  C   A "C1'" 1 
ATOM   67   N  N1    . C   A 1 3  ? 3.644   -2.876  9.726   1.00 75.09  ? 3  C   A N1    1 
ATOM   68   C  C2    . C   A 1 3  ? 4.234   -3.158  8.507   1.00 74.46  ? 3  C   A C2    1 
ATOM   69   O  O2    . C   A 1 3  ? 4.886   -2.264  7.953   1.00 74.86  ? 3  C   A O2    1 
ATOM   70   N  N3    . C   A 1 3  ? 4.082   -4.384  7.958   1.00 74.89  ? 3  C   A N3    1 
ATOM   71   C  C4    . C   A 1 3  ? 3.355   -5.306  8.588   1.00 75.90  ? 3  C   A C4    1 
ATOM   72   N  N4    . C   A 1 3  ? 3.212   -6.505  8.005   1.00 76.66  ? 3  C   A N4    1 
ATOM   73   C  C5    . C   A 1 3  ? 2.733   -5.043  9.844   1.00 76.46  ? 3  C   A C5    1 
ATOM   74   C  C6    . C   A 1 3  ? 2.903   -3.825  10.372  1.00 73.45  ? 3  C   A C6    1 
ATOM   75   P  P     . C   A 1 4  ? -0.346  0.678   9.899   1.00 78.04  ? 4  C   A P     1 
ATOM   76   O  OP1   . C   A 1 4  ? -0.875  2.061   10.010  1.00 80.05  ? 4  C   A OP1   1 
ATOM   77   O  OP2   . C   A 1 4  ? -1.200  -0.474  10.277  1.00 78.85  ? 4  C   A OP2   1 
ATOM   78   O  "O5'" . C   A 1 4  ? 0.170   0.470   8.411   1.00 80.81  ? 4  C   A "O5'" 1 
ATOM   79   C  "C5'" . C   A 1 4  ? 1.004   1.446   7.821   1.00 78.52  ? 4  C   A "C5'" 1 
ATOM   80   C  "C4'" . C   A 1 4  ? 1.250   1.123   6.381   1.00 81.65  ? 4  C   A "C4'" 1 
ATOM   81   O  "O4'" . C   A 1 4  ? 2.050   -0.081  6.292   1.00 84.33  ? 4  C   A "O4'" 1 
ATOM   82   C  "C3'" . C   A 1 4  ? -0.008  0.772   5.618   1.00 80.80  ? 4  C   A "C3'" 1 
ATOM   83   O  "O3'" . C   A 1 4  ? -0.596  1.965   5.147   1.00 80.89  ? 4  C   A "O3'" 1 
ATOM   84   C  "C2'" . C   A 1 4  ? 0.538   -0.044  4.461   1.00 82.99  ? 4  C   A "C2'" 1 
ATOM   85   O  "O2'" . C   A 1 4  ? 1.053   0.790   3.451   1.00 86.19  ? 4  C   A "O2'" 1 
ATOM   86   C  "C1'" . C   A 1 4  ? 1.691   -0.792  5.128   1.00 78.93  ? 4  C   A "C1'" 1 
ATOM   87   N  N1    . C   A 1 4  ? 1.402   -2.190  5.471   1.00 76.16  ? 4  C   A N1    1 
ATOM   88   C  C2    . C   A 1 4  ? 1.730   -3.160  4.536   1.00 76.67  ? 4  C   A C2    1 
ATOM   89   O  O2    . C   A 1 4  ? 2.249   -2.797  3.478   1.00 75.18  ? 4  C   A O2    1 
ATOM   90   N  N3    . C   A 1 4  ? 1.479   -4.465  4.801   1.00 77.48  ? 4  C   A N3    1 
ATOM   91   C  C4    . C   A 1 4  ? 0.921   -4.808  5.959   1.00 77.77  ? 4  C   A C4    1 
ATOM   92   N  N4    . C   A 1 4  ? 0.706   -6.111  6.187   1.00 76.46  ? 4  C   A N4    1 
ATOM   93   C  C5    . C   A 1 4  ? 0.566   -3.830  6.941   1.00 78.27  ? 4  C   A C5    1 
ATOM   94   C  C6    . C   A 1 4  ? 0.827   -2.541  6.658   1.00 77.10  ? 4  C   A C6    1 
ATOM   95   P  P     . A   A 1 5  ? -2.184  2.100   5.111   1.00 85.96  ? 5  A   A P     1 
ATOM   96   O  OP1   . A   A 1 5  ? -2.488  3.493   4.675   1.00 79.79  ? 5  A   A OP1   1 
ATOM   97   O  OP2   . A   A 1 5  ? -2.720  1.587   6.392   1.00 85.33  ? 5  A   A OP2   1 
ATOM   98   O  "O5'" . A   A 1 5  ? -2.630  1.084   3.975   1.00 83.72  ? 5  A   A "O5'" 1 
ATOM   99   C  "C5'" . A   A 1 5  ? -2.325  1.342   2.618   1.00 84.83  ? 5  A   A "C5'" 1 
ATOM   100  C  "C4'" . A   A 1 5  ? -2.738  0.172   1.770   1.00 83.67  ? 5  A   A "C4'" 1 
ATOM   101  O  "O4'" . A   A 1 5  ? -1.969  -0.988  2.173   1.00 85.44  ? 5  A   A "O4'" 1 
ATOM   102  C  "C3'" . A   A 1 5  ? -4.186  -0.272  1.895   1.00 81.97  ? 5  A   A "C3'" 1 
ATOM   103  C  "C2'" . A   A 1 5  ? -4.101  -1.724  1.443   1.00 86.13  ? 5  A   A "C2'" 1 
ATOM   104  O  "O2'" . A   A 1 5  ? -3.998  -1.815  0.023   1.00 81.46  ? 5  A   A "O2'" 1 
ATOM   105  C  "C1'" . A   A 1 5  ? -2.773  -2.148  2.077   1.00 85.85  ? 5  A   A "C1'" 1 
ATOM   106  N  N9    . A   A 1 5  ? -2.920  -2.704  3.422   1.00 85.42  ? 5  A   A N9    1 
ATOM   107  C  C8    . A   A 1 5  ? -3.023  -2.013  4.600   1.00 88.21  ? 5  A   A C8    1 
ATOM   108  N  N7    . A   A 1 5  ? -3.116  -2.784  5.658   1.00 89.32  ? 5  A   A N7    1 
ATOM   109  C  C5    . A   A 1 5  ? -3.078  -4.073  5.137   1.00 87.39  ? 5  A   A C5    1 
ATOM   110  C  C6    . A   A 1 5  ? -3.126  -5.354  5.739   1.00 88.20  ? 5  A   A C6    1 
ATOM   111  N  N6    . A   A 1 5  ? -3.237  -5.561  7.051   1.00 90.42  ? 5  A   A N6    1 
ATOM   112  N  N1    . A   A 1 5  ? -3.057  -6.428  4.927   1.00 85.33  ? 5  A   A N1    1 
ATOM   113  C  C2    . A   A 1 5  ? -2.956  -6.224  3.612   1.00 84.25  ? 5  A   A C2    1 
ATOM   114  N  N3    . A   A 1 5  ? -2.905  -5.082  2.934   1.00 86.20  ? 5  A   A N3    1 
ATOM   115  C  C4    . A   A 1 5  ? -2.967  -4.032  3.763   1.00 85.55  ? 5  A   A C4    1 
ATOM   116  P  P     . G   A 1 6  ? -4.951  -2.827  -0.803  1.00 81.32  ? 6  G   A P     1 
ATOM   117  O  OP1   . G   A 1 6  ? -4.134  -4.021  -1.159  1.00 79.99  ? 6  G   A OP1   1 
ATOM   118  O  OP2   . G   A 1 6  ? -6.193  -3.010  -0.008  1.00 80.83  ? 6  G   A OP2   1 
ATOM   119  O  "O5'" . G   A 1 6  ? -5.290  -2.056  -2.174  1.00 81.95  ? 6  G   A "O5'" 1 
ATOM   120  C  "C5'" . G   A 1 6  ? -6.168  -0.914  -2.200  1.00 79.74  ? 6  G   A "C5'" 1 
ATOM   121  C  "C4'" . G   A 1 6  ? -6.697  -0.632  -3.609  1.00 81.20  ? 6  G   A "C4'" 1 
ATOM   122  O  "O4'" . G   A 1 6  ? -5.688  0.042   -4.422  1.00 81.54  ? 6  G   A "O4'" 1 
ATOM   123  C  "C3'" . G   A 1 6  ? -7.032  -1.935  -4.344  1.00 84.42  ? 6  G   A "C3'" 1 
ATOM   124  O  "O3'" . G   A 1 6  ? -8.294  -1.914  -5.023  1.00 91.61  ? 6  G   A "O3'" 1 
ATOM   125  C  "C2'" . G   A 1 6  ? -5.825  -2.218  -5.239  1.00 83.91  ? 6  G   A "C2'" 1 
ATOM   126  O  "O2'" . G   A 1 6  ? -6.181  -2.731  -6.496  1.00 84.00  ? 6  G   A "O2'" 1 
ATOM   127  C  "C1'" . G   A 1 6  ? -5.308  -0.803  -5.477  1.00 82.26  ? 6  G   A "C1'" 1 
ATOM   128  N  N9    . G   A 1 6  ? -3.945  -0.539  -5.919  1.00 79.57  ? 6  G   A N9    1 
ATOM   129  C  C8    . G   A 1 6  ? -3.513  0.594   -6.559  1.00 80.92  ? 6  G   A C8    1 
ATOM   130  N  N7    . G   A 1 6  ? -2.259  0.537   -6.908  1.00 81.18  ? 6  G   A N7    1 
ATOM   131  C  C5    . G   A 1 6  ? -1.835  -0.709  -6.467  1.00 79.04  ? 6  G   A C5    1 
ATOM   132  C  C6    . G   A 1 6  ? -0.568  -1.332  -6.563  1.00 77.25  ? 6  G   A C6    1 
ATOM   133  O  O6    . G   A 1 6  ? 0.445   -0.915  -7.119  1.00 76.72  ? 6  G   A O6    1 
ATOM   134  N  N1    . G   A 1 6  ? -0.554  -2.570  -5.933  1.00 72.50  ? 6  G   A N1    1 
ATOM   135  C  C2    . G   A 1 6  ? -1.632  -3.148  -5.307  1.00 73.09  ? 6  G   A C2    1 
ATOM   136  N  N2    . G   A 1 6  ? -1.411  -4.339  -4.732  1.00 72.10  ? 6  G   A N2    1 
ATOM   137  N  N3    . G   A 1 6  ? -2.833  -2.592  -5.241  1.00 74.85  ? 6  G   A N3    1 
ATOM   138  C  C4    . G   A 1 6  ? -2.858  -1.376  -5.832  1.00 76.74  ? 6  G   A C4    1 
ATOM   139  P  P     . U   A 1 7  ? -9.550  -2.722  -4.437  1.00 94.62  ? 7  U   A P     1 
ATOM   140  O  OP1   . U   A 1 7  ? -10.747 -2.179  -5.114  1.00 92.93  ? 7  U   A OP1   1 
ATOM   141  O  OP2   . U   A 1 7  ? -9.480  -2.711  -2.958  1.00 94.63  ? 7  U   A OP2   1 
ATOM   142  O  "O5'" . U   A 1 7  ? -9.347  -4.212  -4.952  1.00 87.12  ? 7  U   A "O5'" 1 
ATOM   143  C  "C5'" . U   A 1 7  ? -9.252  -4.488  -6.336  1.00 87.61  ? 7  U   A "C5'" 1 
ATOM   144  C  "C4'" . U   A 1 7  ? -9.168  -5.974  -6.563  1.00 93.71  ? 7  U   A "C4'" 1 
ATOM   145  O  "O4'" . U   A 1 7  ? -7.904  -6.489  -6.073  1.00 97.08  ? 7  U   A "O4'" 1 
ATOM   146  C  "C3'" . U   A 1 7  ? -10.197 -6.797  -5.818  1.00 97.46  ? 7  U   A "C3'" 1 
ATOM   147  O  "O3'" . U   A 1 7  ? -11.404 -6.823  -6.540  1.00 98.23  ? 7  U   A "O3'" 1 
ATOM   148  C  "C2'" . U   A 1 7  ? -9.553  -8.175  -5.803  1.00 99.36  ? 7  U   A "C2'" 1 
ATOM   149  O  "O2'" . U   A 1 7  ? -9.695  -8.873  -7.019  1.00 103.97 ? 7  U   A "O2'" 1 
ATOM   150  C  "C1'" . U   A 1 7  ? -8.079  -7.822  -5.612  1.00 96.09  ? 7  U   A "C1'" 1 
ATOM   151  N  N1    . U   A 1 7  ? -7.658  -7.903  -4.205  1.00 95.78  ? 7  U   A N1    1 
ATOM   152  C  C2    . U   A 1 7  ? -7.513  -9.168  -3.647  1.00 98.12  ? 7  U   A C2    1 
ATOM   153  O  O2    . U   A 1 7  ? -7.712  -10.204 -4.274  1.00 101.93 ? 7  U   A O2    1 
ATOM   154  N  N3    . U   A 1 7  ? -7.120  -9.175  -2.327  1.00 99.16  ? 7  U   A N3    1 
ATOM   155  C  C4    . U   A 1 7  ? -6.859  -8.076  -1.526  1.00 99.29  ? 7  U   A C4    1 
ATOM   156  O  O4    . U   A 1 7  ? -6.507  -8.248  -0.355  1.00 102.78 ? 7  U   A O4    1 
ATOM   157  C  C5    . U   A 1 7  ? -7.031  -6.810  -2.174  1.00 97.32  ? 7  U   A C5    1 
ATOM   158  C  C6    . U   A 1 7  ? -7.415  -6.768  -3.458  1.00 96.75  ? 7  U   A C6    1 
ATOM   159  P  P     . C   A 1 8  ? -12.782 -6.974  -5.759  1.00 97.31  ? 8  C   A P     1 
ATOM   160  O  OP1   . C   A 1 8  ? -13.767 -7.348  -6.806  1.00 94.79  ? 8  C   A OP1   1 
ATOM   161  O  OP2   . C   A 1 8  ? -12.992 -5.763  -4.934  1.00 92.68  ? 8  C   A OP2   1 
ATOM   162  O  "O5'" . C   A 1 8  ? -12.538 -8.230  -4.821  1.00 94.38  ? 8  C   A "O5'" 1 
ATOM   163  C  "C5'" . C   A 1 8  ? -12.417 -9.523  -5.386  1.00 96.27  ? 8  C   A "C5'" 1 
ATOM   164  C  "C4'" . C   A 1 8  ? -12.221 -10.539 -4.300  1.00 103.45 ? 8  C   A "C4'" 1 
ATOM   165  O  "O4'" . C   A 1 8  ? -10.929 -10.361 -3.675  1.00 107.03 ? 8  C   A "O4'" 1 
ATOM   166  C  "C3'" . C   A 1 8  ? -13.190 -10.432 -3.143  1.00 105.74 ? 8  C   A "C3'" 1 
ATOM   167  O  "O3'" . C   A 1 8  ? -14.408 -11.066 -3.449  1.00 105.65 ? 8  C   A "O3'" 1 
ATOM   168  C  "C2'" . C   A 1 8  ? -12.444 -11.170 -2.051  1.00 107.67 ? 8  C   A "C2'" 1 
ATOM   169  O  "O2'" . C   A 1 8  ? -12.489 -12.569 -2.231  1.00 106.68 ? 8  C   A "O2'" 1 
ATOM   170  C  "C1'" . C   A 1 8  ? -11.025 -10.670 -2.294  1.00 106.72 ? 8  C   A "C1'" 1 
ATOM   171  N  N1    . C   A 1 8  ? -10.746 -9.448  -1.539  1.00 106.41 ? 8  C   A N1    1 
ATOM   172  C  C2    . C   A 1 8  ? -10.242 -9.557  -0.242  1.00 107.38 ? 8  C   A C2    1 
ATOM   173  O  O2    . C   A 1 8  ? -10.072 -10.687 0.244   1.00 108.93 ? 8  C   A O2    1 
ATOM   174  N  N3    . C   A 1 8  ? -9.952  -8.433  0.449   1.00 106.23 ? 8  C   A N3    1 
ATOM   175  C  C4    . C   A 1 8  ? -10.146 -7.238  -0.114  1.00 105.42 ? 8  C   A C4    1 
ATOM   176  N  N4    . C   A 1 8  ? -9.812  -6.158  0.591   1.00 105.42 ? 8  C   A N4    1 
ATOM   177  C  C5    . C   A 1 8  ? -10.683 -7.100  -1.426  1.00 105.28 ? 8  C   A C5    1 
ATOM   178  C  C6    . C   A 1 8  ? -10.967 -8.221  -2.096  1.00 104.86 ? 8  C   A C6    1 
ATOM   179  P  P     . C   A 1 9  ? -15.748 -10.533 -2.773  1.00 108.18 ? 9  C   A P     1 
ATOM   180  O  OP1   . C   A 1 9  ? -16.828 -11.336 -3.381  1.00 108.24 ? 9  C   A OP1   1 
ATOM   181  O  OP2   . C   A 1 9  ? -15.786 -9.051  -2.863  1.00 102.53 ? 9  C   A OP2   1 
ATOM   182  O  "O5'" . C   A 1 9  ? -15.573 -10.953 -1.251  1.00 107.18 ? 9  C   A "O5'" 1 
ATOM   183  C  "C5'" . C   A 1 9  ? -15.549 -12.322 -0.873  1.00 107.73 ? 9  C   A "C5'" 1 
ATOM   184  C  "C4'" . C   A 1 9  ? -15.508 -12.436 0.630   1.00 111.87 ? 9  C   A "C4'" 1 
ATOM   185  O  "O4'" . C   A 1 9  ? -14.242 -11.892 1.097   1.00 114.99 ? 9  C   A "O4'" 1 
ATOM   186  C  "C3'" . C   A 1 9  ? -16.557 -11.618 1.374   1.00 116.20 ? 9  C   A "C3'" 1 
ATOM   187  O  "O3'" . C   A 1 9  ? -17.815 -12.280 1.480   1.00 119.83 ? 9  C   A "O3'" 1 
ATOM   188  C  "C2'" . C   A 1 9  ? -15.903 -11.419 2.734   1.00 115.47 ? 9  C   A "C2'" 1 
ATOM   189  O  "O2'" . C   A 1 9  ? -16.068 -12.539 3.584   1.00 116.73 ? 9  C   A "O2'" 1 
ATOM   190  C  "C1'" . C   A 1 9  ? -14.435 -11.217 2.332   1.00 114.66 ? 9  C   A "C1'" 1 
ATOM   191  N  N1    . C   A 1 9  ? -14.078 -9.790  2.157   1.00 111.74 ? 9  C   A N1    1 
ATOM   192  C  C2    . C   A 1 9  ? -13.548 -9.100  3.248   1.00 110.54 ? 9  C   A C2    1 
ATOM   193  O  O2    . C   A 1 9  ? -13.352 -9.713  4.302   1.00 110.79 ? 9  C   A O2    1 
ATOM   194  N  N3    . C   A 1 9  ? -13.260 -7.786  3.130   1.00 108.15 ? 9  C   A N3    1 
ATOM   195  C  C4    . C   A 1 9  ? -13.466 -7.160  1.974   1.00 105.40 ? 9  C   A C4    1 
ATOM   196  N  N4    . C   A 1 9  ? -13.181 -5.859  1.917   1.00 101.40 ? 9  C   A N4    1 
ATOM   197  C  C5    . C   A 1 9  ? -13.981 -7.842  0.830   1.00 106.45 ? 9  C   A C5    1 
ATOM   198  C  C6    . C   A 1 9  ? -14.272 -9.145  0.965   1.00 108.30 ? 9  C   A C6    1 
ATOM   199  P  P     . A   A 1 10 ? -19.146 -11.423 1.788   1.00 122.79 ? 10 A   A P     1 
ATOM   200  O  OP1   . A   A 1 10 ? -20.271 -12.377 1.687   1.00 122.57 ? 10 A   A OP1   1 
ATOM   201  O  OP2   . A   A 1 10 ? -19.165 -10.178 0.972   1.00 121.10 ? 10 A   A OP2   1 
ATOM   202  O  "O5'" . A   A 1 10 ? -18.998 -11.007 3.319   1.00 123.25 ? 10 A   A "O5'" 1 
ATOM   203  C  "C5'" . A   A 1 10 ? -19.002 -11.996 4.347   1.00 127.36 ? 10 A   A "C5'" 1 
ATOM   204  C  "C4'" . A   A 1 10 ? -18.923 -11.337 5.702   1.00 130.98 ? 10 A   A "C4'" 1 
ATOM   205  O  "O4'" . A   A 1 10 ? -17.613 -10.733 5.883   1.00 131.90 ? 10 A   A "O4'" 1 
ATOM   206  C  "C3'" . A   A 1 10 ? -19.889 -10.184 5.902   1.00 132.90 ? 10 A   A "C3'" 1 
ATOM   207  O  "O3'" . A   A 1 10 ? -21.181 -10.645 6.275   1.00 133.10 ? 10 A   A "O3'" 1 
ATOM   208  C  "C2'" . A   A 1 10 ? -19.216 -9.393  7.014   1.00 131.62 ? 10 A   A "C2'" 1 
ATOM   209  O  "O2'" . A   A 1 10 ? -19.439 -9.975  8.287   1.00 130.22 ? 10 A   A "O2'" 1 
ATOM   210  C  "C1'" . A   A 1 10 ? -17.741 -9.522  6.616   1.00 131.20 ? 10 A   A "C1'" 1 
ATOM   211  N  N9    . A   A 1 10 ? -17.272 -8.427  5.762   1.00 130.40 ? 10 A   A N9    1 
ATOM   212  C  C8    . A   A 1 10 ? -17.112 -8.445  4.400   1.00 129.84 ? 10 A   A C8    1 
ATOM   213  N  N7    . A   A 1 10 ? -16.682 -7.310  3.904   1.00 129.76 ? 10 A   A N7    1 
ATOM   214  C  C5    . A   A 1 10 ? -16.544 -6.490  5.013   1.00 129.18 ? 10 A   A C5    1 
ATOM   215  C  C6    . A   A 1 10 ? -16.120 -5.151  5.163   1.00 128.82 ? 10 A   A C6    1 
ATOM   216  N  N6    . A   A 1 10 ? -15.731 -4.377  4.149   1.00 127.91 ? 10 A   A N6    1 
ATOM   217  N  N1    . A   A 1 10 ? -16.107 -4.631  6.407   1.00 129.06 ? 10 A   A N1    1 
ATOM   218  C  C2    . A   A 1 10 ? -16.484 -5.409  7.428   1.00 130.94 ? 10 A   A C2    1 
ATOM   219  N  N3    . A   A 1 10 ? -16.893 -6.679  7.418   1.00 130.85 ? 10 A   A N3    1 
ATOM   220  C  C4    . A   A 1 10 ? -16.903 -7.165  6.168   1.00 129.95 ? 10 A   A C4    1 
ATOM   221  P  P     . C   A 1 11 ? -22.458 -9.718  5.993   1.00 135.90 ? 11 C   A P     1 
ATOM   222  O  OP1   . C   A 1 11 ? -23.675 -10.501 6.323   1.00 136.51 ? 11 C   A OP1   1 
ATOM   223  O  OP2   . C   A 1 11 ? -22.293 -9.151  4.627   1.00 133.52 ? 11 C   A OP2   1 
ATOM   224  O  "O5'" . C   A 1 11 ? -22.302 -8.523  7.036   1.00 134.20 ? 11 C   A "O5'" 1 
ATOM   225  C  "C5'" . C   A 1 11 ? -22.289 -8.767  8.439   1.00 131.84 ? 11 C   A "C5'" 1 
ATOM   226  C  "C4'" . C   A 1 11 ? -21.960 -7.495  9.187   1.00 132.47 ? 11 C   A "C4'" 1 
ATOM   227  O  "O4'" . C   A 1 11 ? -20.603 -7.082  8.877   1.00 134.88 ? 11 C   A "O4'" 1 
ATOM   228  C  "C3'" . C   A 1 11 ? -22.787 -6.284  8.812   1.00 133.18 ? 11 C   A "C3'" 1 
ATOM   229  O  "O3'" . C   A 1 11 ? -24.022 -6.267  9.477   1.00 136.71 ? 11 C   A "O3'" 1 
ATOM   230  C  "C2'" . C   A 1 11 ? -21.900 -5.133  9.257   1.00 132.78 ? 11 C   A "C2'" 1 
ATOM   231  O  "O2'" . C   A 1 11 ? -21.947 -4.865  10.646  1.00 131.28 ? 11 C   A "O2'" 1 
ATOM   232  C  "C1'" . C   A 1 11 ? -20.527 -5.663  8.852   1.00 133.33 ? 11 C   A "C1'" 1 
ATOM   233  N  N1    . C   A 1 11 ? -20.209 -5.259  7.483   1.00 133.45 ? 11 C   A N1    1 
ATOM   234  C  C2    . C   A 1 11 ? -19.761 -3.962  7.254   1.00 133.23 ? 11 C   A C2    1 
ATOM   235  O  O2    . C   A 1 11 ? -19.621 -3.197  8.217   1.00 131.46 ? 11 C   A O2    1 
ATOM   236  N  N3    . C   A 1 11 ? -19.494 -3.572  5.994   1.00 133.50 ? 11 C   A N3    1 
ATOM   237  C  C4    . C   A 1 11 ? -19.662 -4.423  4.984   1.00 133.50 ? 11 C   A C4    1 
ATOM   238  N  N4    . C   A 1 11 ? -19.416 -3.982  3.758   1.00 133.99 ? 11 C   A N4    1 
ATOM   239  C  C5    . C   A 1 11 ? -20.102 -5.762  5.190   1.00 133.07 ? 11 C   A C5    1 
ATOM   240  C  C6    . C   A 1 11 ? -20.360 -6.134  6.444   1.00 133.08 ? 11 C   A C6    1 
ATOM   241  P  P     . C   A 1 12 ? -25.182 -5.322  8.925   1.00 137.59 ? 12 C   A P     1 
ATOM   242  O  OP1   . C   A 1 12 ? -26.465 -5.843  9.452   1.00 135.73 ? 12 C   A OP1   1 
ATOM   243  O  OP2   . C   A 1 12 ? -24.996 -5.165  7.459   1.00 137.30 ? 12 C   A OP2   1 
ATOM   244  O  "O5'" . C   A 1 12 ? -24.867 -3.920  9.604   1.00 133.46 ? 12 C   A "O5'" 1 
ATOM   245  C  "C5'" . C   A 1 12 ? -25.491 -2.745  9.129   1.00 126.52 ? 12 C   A "C5'" 1 
ATOM   246  C  "C4'" . C   A 1 12 ? -24.681 -1.546  9.520   1.00 123.41 ? 12 C   A "C4'" 1 
ATOM   247  O  "O4'" . C   A 1 12 ? -23.287 -1.787  9.201   1.00 119.68 ? 12 C   A "O4'" 1 
ATOM   248  C  "C3'" . C   A 1 12 ? -25.050 -0.302  8.741   1.00 125.70 ? 12 C   A "C3'" 1 
ATOM   249  O  "O3'" . C   A 1 12 ? -26.152 0.349   9.343   1.00 131.77 ? 12 C   A "O3'" 1 
ATOM   250  C  "C2'" . C   A 1 12 ? -23.757 0.499   8.770   1.00 121.24 ? 12 C   A "C2'" 1 
ATOM   251  O  "O2'" . C   A 1 12 ? -23.545 1.247   9.955   1.00 117.52 ? 12 C   A "O2'" 1 
ATOM   252  C  "C1'" . C   A 1 12 ? -22.720 -0.619  8.630   1.00 119.70 ? 12 C   A "C1'" 1 
ATOM   253  N  N1    . C   A 1 12 ? -22.402 -0.922  7.223   1.00 118.10 ? 12 C   A N1    1 
ATOM   254  C  C2    . C   A 1 12 ? -21.871 0.095   6.400   1.00 116.59 ? 12 C   A C2    1 
ATOM   255  O  O2    . C   A 1 12 ? -21.688 1.235   6.882   1.00 113.27 ? 12 C   A O2    1 
ATOM   256  N  N3    . C   A 1 12 ? -21.576 -0.190  5.107   1.00 115.18 ? 12 C   A N3    1 
ATOM   257  C  C4    . C   A 1 12 ? -21.788 -1.421  4.627   1.00 115.84 ? 12 C   A C4    1 
ATOM   258  N  N4    . C   A 1 12 ? -21.482 -1.656  3.346   1.00 115.76 ? 12 C   A N4    1 
ATOM   259  C  C5    . C   A 1 12 ? -22.326 -2.467  5.440   1.00 115.81 ? 12 C   A C5    1 
ATOM   260  C  C6    . C   A 1 12 ? -22.616 -2.176  6.717   1.00 116.43 ? 12 C   A C6    1 
ATOM   261  P  P     . G   A 1 13 ? -27.535 0.459   8.536   1.00 136.17 ? 13 G   A P     1 
ATOM   262  O  OP1   . G   A 1 13 ? -28.621 0.512   9.550   1.00 135.27 ? 13 G   A OP1   1 
ATOM   263  O  OP2   . G   A 1 13 ? -27.546 -0.608  7.496   1.00 132.93 ? 13 G   A OP2   1 
ATOM   264  O  "O5'" . G   A 1 13 ? -27.444 1.881   7.824   1.00 133.02 ? 13 G   A "O5'" 1 
ATOM   265  C  "C5'" . G   A 1 13 ? -27.161 3.053   8.585   1.00 129.46 ? 13 G   A "C5'" 1 
ATOM   266  C  "C4'" . G   A 1 13 ? -26.292 3.984   7.782   1.00 129.08 ? 13 G   A "C4'" 1 
ATOM   267  O  "O4'" . G   A 1 13 ? -25.097 3.264   7.374   1.00 128.67 ? 13 G   A "O4'" 1 
ATOM   268  C  "C3'" . G   A 1 13 ? -26.880 4.444   6.460   1.00 129.49 ? 13 G   A "C3'" 1 
ATOM   269  O  "O3'" . G   A 1 13 ? -27.857 5.474   6.582   1.00 129.74 ? 13 G   A "O3'" 1 
ATOM   270  C  "C2'" . G   A 1 13 ? -25.634 4.855   5.690   1.00 128.15 ? 13 G   A "C2'" 1 
ATOM   271  O  "O2'" . G   A 1 13 ? -25.140 6.119   6.099   1.00 126.88 ? 13 G   A "O2'" 1 
ATOM   272  C  "C1'" . G   A 1 13 ? -24.656 3.754   6.113   1.00 125.97 ? 13 G   A "C1'" 1 
ATOM   273  N  N9    . G   A 1 13 ? -24.551 2.632   5.173   1.00 121.61 ? 13 G   A N9    1 
ATOM   274  C  C8    . G   A 1 13 ? -24.995 1.339   5.351   1.00 119.45 ? 13 G   A C8    1 
ATOM   275  N  N7    . G   A 1 13 ? -24.718 0.555   4.338   1.00 119.17 ? 13 G   A N7    1 
ATOM   276  C  C5    . G   A 1 13 ? -24.059 1.380   3.430   1.00 118.26 ? 13 G   A C5    1 
ATOM   277  C  C6    . G   A 1 13 ? -23.509 1.096   2.133   1.00 117.08 ? 13 G   A C6    1 
ATOM   278  O  O6    . G   A 1 13 ? -23.484 0.015   1.513   1.00 115.61 ? 13 G   A O6    1 
ATOM   279  N  N1    . G   A 1 13 ? -22.948 2.237   1.559   1.00 115.56 ? 13 G   A N1    1 
ATOM   280  C  C2    . G   A 1 13 ? -22.915 3.485   2.144   1.00 115.50 ? 13 G   A C2    1 
ATOM   281  N  N2    . G   A 1 13 ? -22.358 4.468   1.422   1.00 114.37 ? 13 G   A N2    1 
ATOM   282  N  N3    . G   A 1 13 ? -23.402 3.754   3.345   1.00 115.96 ? 13 G   A N3    1 
ATOM   283  C  C4    . G   A 1 13 ? -23.957 2.668   3.926   1.00 118.56 ? 13 G   A C4    1 
ATOM   284  O  "O5'" . C   B 2 1  ? -17.765 3.296   -5.934  1.00 130.17 ? 2  C   B "O5'" 1 
ATOM   285  C  "C5'" . C   B 2 1  ? -17.757 4.716   -6.144  1.00 132.35 ? 2  C   B "C5'" 1 
ATOM   286  C  "C4'" . C   B 2 1  ? -18.413 5.542   -5.052  1.00 132.21 ? 2  C   B "C4'" 1 
ATOM   287  O  "O4'" . C   B 2 1  ? -19.802 5.119   -4.884  1.00 134.02 ? 2  C   B "O4'" 1 
ATOM   288  C  "C3'" . C   B 2 1  ? -17.833 5.396   -3.652  1.00 133.79 ? 2  C   B "C3'" 1 
ATOM   289  O  "O3'" . C   B 2 1  ? -16.632 6.131   -3.439  1.00 134.90 ? 2  C   B "O3'" 1 
ATOM   290  C  "C2'" . C   B 2 1  ? -19.001 5.854   -2.779  1.00 132.56 ? 2  C   B "C2'" 1 
ATOM   291  O  "O2'" . C   B 2 1  ? -19.189 7.261   -2.722  1.00 127.85 ? 2  C   B "O2'" 1 
ATOM   292  C  "C1'" . C   B 2 1  ? -20.169 5.177   -3.500  1.00 130.73 ? 2  C   B "C1'" 1 
ATOM   293  N  N1    . C   B 2 1  ? -20.422 3.793   -3.009  1.00 128.45 ? 2  C   B N1    1 
ATOM   294  C  C2    . C   B 2 1  ? -21.126 3.615   -1.801  1.00 127.43 ? 2  C   B C2    1 
ATOM   295  O  O2    . C   B 2 1  ? -21.523 4.619   -1.184  1.00 126.40 ? 2  C   B O2    1 
ATOM   296  N  N3    . C   B 2 1  ? -21.349 2.351   -1.341  1.00 127.05 ? 2  C   B N3    1 
ATOM   297  C  C4    . C   B 2 1  ? -20.899 1.296   -2.034  1.00 127.38 ? 2  C   B C4    1 
ATOM   298  N  N4    . C   B 2 1  ? -21.124 0.066   -1.545  1.00 127.44 ? 2  C   B N4    1 
ATOM   299  C  C5    . C   B 2 1  ? -20.191 1.450   -3.264  1.00 126.97 ? 2  C   B C5    1 
ATOM   300  C  C6    . C   B 2 1  ? -19.976 2.701   -3.709  1.00 127.29 ? 2  C   B C6    1 
ATOM   301  P  P     . G   B 2 2  ? -15.541 5.573   -2.388  1.00 135.53 ? 3  G   B P     1 
ATOM   302  O  OP1   . G   B 2 2  ? -14.305 6.376   -2.570  1.00 135.53 ? 3  G   B OP1   1 
ATOM   303  O  OP2   . G   B 2 2  ? -15.476 4.088   -2.521  1.00 129.00 ? 3  G   B OP2   1 
ATOM   304  O  "O5'" . G   B 2 2  ? -16.163 5.941   -0.962  1.00 131.14 ? 3  G   B "O5'" 1 
ATOM   305  C  "C5'" . G   B 2 2  ? -16.455 7.298   -0.629  1.00 127.77 ? 3  G   B "C5'" 1 
ATOM   306  C  "C4'" . G   B 2 2  ? -17.172 7.385   0.701   1.00 127.78 ? 3  G   B "C4'" 1 
ATOM   307  O  "O4'" . G   B 2 2  ? -18.485 6.770   0.592   1.00 126.63 ? 3  G   B "O4'" 1 
ATOM   308  C  "C3'" . G   B 2 2  ? -16.541 6.652   1.874   1.00 131.29 ? 3  G   B "C3'" 1 
ATOM   309  O  "O3'" . G   B 2 2  ? -15.453 7.366   2.457   1.00 135.23 ? 3  G   B "O3'" 1 
ATOM   310  C  "C2'" . G   B 2 2  ? -17.725 6.526   2.825   1.00 129.05 ? 3  G   B "C2'" 1 
ATOM   311  O  "O2'" . G   B 2 2  ? -18.037 7.711   3.531   1.00 125.98 ? 3  G   B "O2'" 1 
ATOM   312  C  "C1'" . G   B 2 2  ? -18.847 6.200   1.843   1.00 125.95 ? 3  G   B "C1'" 1 
ATOM   313  N  N9    . G   B 2 2  ? -18.957 4.758   1.675   1.00 123.26 ? 3  G   B N9    1 
ATOM   314  C  C8    . G   B 2 2  ? -18.566 4.009   0.594   1.00 122.48 ? 3  G   B C8    1 
ATOM   315  N  N7    . G   B 2 2  ? -18.787 2.731   0.748   1.00 121.70 ? 3  G   B N7    1 
ATOM   316  C  C5    . G   B 2 2  ? -19.357 2.634   2.008   1.00 121.49 ? 3  G   B C5    1 
ATOM   317  C  C6    . G   B 2 2  ? -19.807 1.498   2.722   1.00 121.35 ? 3  G   B C6    1 
ATOM   318  O  O6    . G   B 2 2  ? -19.785 0.308   2.368   1.00 121.28 ? 3  G   B O6    1 
ATOM   319  N  N1    . G   B 2 2  ? -20.317 1.853   3.973   1.00 120.71 ? 3  G   B N1    1 
ATOM   320  C  C2    . G   B 2 2  ? -20.378 3.141   4.470   1.00 120.13 ? 3  G   B C2    1 
ATOM   321  N  N2    . G   B 2 2  ? -20.889 3.293   5.702   1.00 117.85 ? 3  G   B N2    1 
ATOM   322  N  N3    . G   B 2 2  ? -19.961 4.205   3.805   1.00 119.82 ? 3  G   B N3    1 
ATOM   323  C  C4    . G   B 2 2  ? -19.468 3.879   2.593   1.00 121.61 ? 3  G   B C4    1 
ATOM   324  P  P     . G   B 2 3  ? -14.343 6.564   3.307   1.00 135.38 ? 4  G   B P     1 
ATOM   325  O  OP1   . G   B 2 3  ? -13.312 7.549   3.738   1.00 133.66 ? 4  G   B OP1   1 
ATOM   326  O  OP2   . G   B 2 3  ? -13.936 5.366   2.527   1.00 132.20 ? 4  G   B OP2   1 
ATOM   327  O  "O5'" . G   B 2 3  ? -15.137 6.066   4.595   1.00 131.15 ? 4  G   B "O5'" 1 
ATOM   328  C  "C5'" . G   B 2 3  ? -15.667 7.003   5.521   1.00 128.61 ? 4  G   B "C5'" 1 
ATOM   329  C  "C4'" . G   B 2 3  ? -16.140 6.292   6.756   1.00 128.12 ? 4  G   B "C4'" 1 
ATOM   330  O  "O4'" . G   B 2 3  ? -17.389 5.605   6.488   1.00 126.36 ? 4  G   B "O4'" 1 
ATOM   331  C  "C3'" . G   B 2 3  ? -15.214 5.188   7.218   1.00 129.15 ? 4  G   B "C3'" 1 
ATOM   332  O  "O3'" . G   B 2 3  ? -14.131 5.708   7.961   1.00 130.98 ? 4  G   B "O3'" 1 
ATOM   333  C  "C2'" . G   B 2 3  ? -16.150 4.322   8.046   1.00 126.78 ? 4  G   B "C2'" 1 
ATOM   334  O  "O2'" . G   B 2 3  ? -16.422 4.844   9.326   1.00 127.45 ? 4  G   B "O2'" 1 
ATOM   335  C  "C1'" . G   B 2 3  ? -17.407 4.367   7.183   1.00 122.98 ? 4  G   B "C1'" 1 
ATOM   336  N  N9    . G   B 2 3  ? -17.342 3.306   6.194   1.00 119.07 ? 4  G   B N9    1 
ATOM   337  C  C8    . G   B 2 3  ? -16.866 3.403   4.912   1.00 118.14 ? 4  G   B C8    1 
ATOM   338  N  N7    . G   B 2 3  ? -16.914 2.275   4.261   1.00 117.76 ? 4  G   B N7    1 
ATOM   339  C  C5    . G   B 2 3  ? -17.460 1.378   5.170   1.00 116.02 ? 4  G   B C5    1 
ATOM   340  C  C6    . G   B 2 3  ? -17.760 -0.015  5.041   1.00 116.35 ? 4  G   B C6    1 
ATOM   341  O  O6    . G   B 2 3  ? -17.609 -0.759  4.055   1.00 116.87 ? 4  G   B O6    1 
ATOM   342  N  N1    . G   B 2 3  ? -18.292 -0.530  6.220   1.00 116.92 ? 4  G   B N1    1 
ATOM   343  C  C2    . G   B 2 3  ? -18.513 0.193   7.371   1.00 116.80 ? 4  G   B C2    1 
ATOM   344  N  N2    . G   B 2 3  ? -19.023 -0.487  8.414   1.00 116.59 ? 4  G   B N2    1 
ATOM   345  N  N3    . G   B 2 3  ? -18.250 1.484   7.496   1.00 115.92 ? 4  G   B N3    1 
ATOM   346  C  C4    . G   B 2 3  ? -17.728 2.005   6.368   1.00 116.58 ? 4  G   B C4    1 
ATOM   347  P  P     . U   B 2 4  ? -12.849 4.788   8.213   1.00 133.09 ? 5  U   B P     1 
ATOM   348  O  OP1   . U   B 2 4  ? -11.667 5.679   8.337   1.00 134.69 ? 5  U   B OP1   1 
ATOM   349  O  OP2   . U   B 2 4  ? -12.857 3.711   7.190   1.00 130.94 ? 5  U   B OP2   1 
ATOM   350  O  "O5'" . U   B 2 4  ? -13.151 4.126   9.624   1.00 129.58 ? 5  U   B "O5'" 1 
ATOM   351  C  "C5'" . U   B 2 4  ? -12.631 2.855   9.943   1.00 126.18 ? 5  U   B "C5'" 1 
ATOM   352  C  "C4'" . U   B 2 4  ? -13.619 2.095   10.782  1.00 125.53 ? 5  U   B "C4'" 1 
ATOM   353  O  "O4'" . U   B 2 4  ? -14.892 2.027   10.087  1.00 123.15 ? 5  U   B "O4'" 1 
ATOM   354  C  "C3'" . U   B 2 4  ? -13.230 0.648   10.990  1.00 124.56 ? 5  U   B "C3'" 1 
ATOM   355  O  "O3'" . U   B 2 4  ? -12.343 0.517   12.066  1.00 124.71 ? 5  U   B "O3'" 1 
ATOM   356  C  "C2'" . U   B 2 4  ? -14.568 -0.014  11.220  1.00 121.48 ? 5  U   B "C2'" 1 
ATOM   357  O  "O2'" . U   B 2 4  ? -15.064 0.228   12.522  1.00 118.40 ? 5  U   B "O2'" 1 
ATOM   358  C  "C1'" . U   B 2 4  ? -15.394 0.700   10.152  1.00 121.31 ? 5  U   B "C1'" 1 
ATOM   359  N  N1    . U   B 2 4  ? -15.199 0.091   8.826   1.00 119.53 ? 5  U   B N1    1 
ATOM   360  C  C2    . U   B 2 4  ? -15.520 -1.251  8.680   1.00 119.00 ? 5  U   B C2    1 
ATOM   361  O  O2    . U   B 2 4  ? -15.928 -1.934  9.607   1.00 118.26 ? 5  U   B O2    1 
ATOM   362  N  N3    . U   B 2 4  ? -15.339 -1.758  7.411   1.00 119.24 ? 5  U   B N3    1 
ATOM   363  C  C4    . U   B 2 4  ? -14.866 -1.074  6.296   1.00 119.10 ? 5  U   B C4    1 
ATOM   364  O  O4    . U   B 2 4  ? -14.761 -1.667  5.215   1.00 118.10 ? 5  U   B O4    1 
ATOM   365  C  C5    . U   B 2 4  ? -14.543 0.306   6.535   1.00 118.76 ? 5  U   B C5    1 
ATOM   366  C  C6    . U   B 2 4  ? -14.716 0.827   7.759   1.00 118.61 ? 5  U   B C6    1 
ATOM   367  P  P     . G   B 2 5  ? -10.924 -0.152  11.804  1.00 122.73 ? 6  G   B P     1 
ATOM   368  O  OP1   . G   B 2 5  ? -10.080 0.121   12.985  1.00 125.38 ? 6  G   B OP1   1 
ATOM   369  O  OP2   . G   B 2 5  ? -10.478 0.267   10.454  1.00 122.53 ? 6  G   B OP2   1 
ATOM   370  O  "O5'" . G   B 2 5  ? -11.266 -1.695  11.760  1.00 118.15 ? 6  G   B "O5'" 1 
ATOM   371  C  "C5'" . G   B 2 5  ? -11.944 -2.287  12.844  1.00 116.77 ? 6  G   B "C5'" 1 
ATOM   372  C  "C4'" . G   B 2 5  ? -12.335 -3.683  12.488  1.00 116.44 ? 6  G   B "C4'" 1 
ATOM   373  O  "O4'" . G   B 2 5  ? -13.383 -3.652  11.487  1.00 116.86 ? 6  G   B "O4'" 1 
ATOM   374  C  "C3'" . G   B 2 5  ? -11.240 -4.469  11.804  1.00 116.23 ? 6  G   B "C3'" 1 
ATOM   375  O  "O3'" . G   B 2 5  ? -10.301 -4.968  12.728  1.00 115.01 ? 6  G   B "O3'" 1 
ATOM   376  C  "C2'" . G   B 2 5  ? -12.036 -5.563  11.114  1.00 114.81 ? 6  G   B "C2'" 1 
ATOM   377  O  "O2'" . G   B 2 5  ? -12.465 -6.600  11.982  1.00 111.36 ? 6  G   B "O2'" 1 
ATOM   378  C  "C1'" . G   B 2 5  ? -13.230 -4.759  10.607  1.00 115.64 ? 6  G   B "C1'" 1 
ATOM   379  N  N9    . G   B 2 5  ? -12.978 -4.240  9.268   1.00 116.95 ? 6  G   B N9    1 
ATOM   380  C  C8    . G   B 2 5  ? -12.644 -2.950  8.934   1.00 116.41 ? 6  G   B C8    1 
ATOM   381  N  N7    . G   B 2 5  ? -12.504 -2.776  7.646   1.00 116.59 ? 6  G   B N7    1 
ATOM   382  C  C5    . G   B 2 5  ? -12.752 -4.030  7.095   1.00 117.30 ? 6  G   B C5    1 
ATOM   383  C  C6    . G   B 2 5  ? -12.758 -4.470  5.727   1.00 117.36 ? 6  G   B C6    1 
ATOM   384  O  O6    . G   B 2 5  ? -12.552 -3.810  4.693   1.00 119.52 ? 6  G   B O6    1 
ATOM   385  N  N1    . G   B 2 5  ? -13.046 -5.827  5.631   1.00 115.41 ? 6  G   B N1    1 
ATOM   386  C  C2    . G   B 2 5  ? -13.303 -6.657  6.694   1.00 114.00 ? 6  G   B C2    1 
ATOM   387  N  N2    . G   B 2 5  ? -13.550 -7.937  6.393   1.00 113.15 ? 6  G   B N2    1 
ATOM   388  N  N3    . G   B 2 5  ? -13.317 -6.265  7.958   1.00 115.01 ? 6  G   B N3    1 
ATOM   389  C  C4    . G   B 2 5  ? -13.034 -4.949  8.084   1.00 116.94 ? 6  G   B C4    1 
ATOM   390  P  P     . A   B 2 6  ? -8.773  -5.116  12.285  1.00 114.27 ? 7  A   B P     1 
ATOM   391  O  OP1   . A   B 2 6  ? -8.026  -5.434  13.523  1.00 112.60 ? 7  A   B OP1   1 
ATOM   392  O  OP2   . A   B 2 6  ? -8.410  -3.908  11.492  1.00 110.06 ? 7  A   B OP2   1 
ATOM   393  O  "O5'" . A   B 2 6  ? -8.773  -6.414  11.353  1.00 110.71 ? 7  A   B "O5'" 1 
ATOM   394  C  "C5'" . A   B 2 6  ? -9.374  -7.629  11.801  1.00 105.51 ? 7  A   B "C5'" 1 
ATOM   395  C  "C4'" . A   B 2 6  ? -9.705  -8.520  10.623  1.00 103.36 ? 7  A   B "C4'" 1 
ATOM   396  O  "O4'" . A   B 2 6  ? -10.628 -7.846  9.733   1.00 105.76 ? 7  A   B "O4'" 1 
ATOM   397  C  "C3'" . A   B 2 6  ? -8.547  -8.882  9.722   1.00 102.92 ? 7  A   B "C3'" 1 
ATOM   398  O  "O3'" . A   B 2 6  ? -7.891  -10.003 10.249  1.00 102.45 ? 7  A   B "O3'" 1 
ATOM   399  C  "C2'" . A   B 2 6  ? -9.238  -9.257  8.424   1.00 103.13 ? 7  A   B "C2'" 1 
ATOM   400  O  "O2'" . A   B 2 6  ? -9.738  -10.575 8.428   1.00 99.37  ? 7  A   B "O2'" 1 
ATOM   401  C  "C1'" . A   B 2 6  ? -10.394 -8.262  8.399   1.00 103.67 ? 7  A   B "C1'" 1 
ATOM   402  N  N9    . A   B 2 6  ? -10.086 -7.081  7.607   1.00 108.00 ? 7  A   B N9    1 
ATOM   403  C  C8    . A   B 2 6  ? -9.795  -5.815  8.054   1.00 109.14 ? 7  A   B C8    1 
ATOM   404  N  N7    . A   B 2 6  ? -9.601  -4.944  7.093   1.00 109.86 ? 7  A   B N7    1 
ATOM   405  C  C5    . A   B 2 6  ? -9.763  -5.691  5.931   1.00 109.55 ? 7  A   B C5    1 
ATOM   406  C  C6    . A   B 2 6  ? -9.697  -5.348  4.560   1.00 108.37 ? 7  A   B C6    1 
ATOM   407  N  N6    . A   B 2 6  ? -9.434  -4.116  4.103   1.00 107.92 ? 7  A   B N6    1 
ATOM   408  N  N1    . A   B 2 6  ? -9.916  -6.335  3.661   1.00 108.17 ? 7  A   B N1    1 
ATOM   409  C  C2    . A   B 2 6  ? -10.174 -7.572  4.114   1.00 108.25 ? 7  A   B C2    1 
ATOM   410  N  N3    . A   B 2 6  ? -10.260 -8.013  5.368   1.00 108.76 ? 7  A   B N3    1 
ATOM   411  C  C4    . A   B 2 6  ? -10.046 -7.010  6.238   1.00 108.76 ? 7  A   B C4    1 
ATOM   412  P  P     . G   B 2 7  ? -6.309  -10.090 10.143  1.00 104.71 ? 8  G   B P     1 
ATOM   413  O  OP1   . G   B 2 7  ? -5.871  -11.341 10.823  1.00 100.64 ? 8  G   B OP1   1 
ATOM   414  O  OP2   . G   B 2 7  ? -5.798  -8.766  10.601  1.00 98.69  ? 8  G   B OP2   1 
ATOM   415  O  "O5'" . G   B 2 7  ? -6.066  -10.236 8.576   1.00 100.73 ? 8  G   B "O5'" 1 
ATOM   416  C  "C5'" . G   B 2 7  ? -6.804  -11.192 7.829   1.00 95.68  ? 8  G   B "C5'" 1 
ATOM   417  C  "C4'" . G   B 2 7  ? -6.421  -11.148 6.369   1.00 94.52  ? 8  G   B "C4'" 1 
ATOM   418  O  "O4'" . G   B 2 7  ? -6.848  -9.891  5.779   1.00 92.89  ? 8  G   B "O4'" 1 
ATOM   419  C  "C3'" . G   B 2 7  ? -4.908  -11.201 6.191   1.00 89.10  ? 8  G   B "C3'" 1 
ATOM   420  O  "O3'" . G   B 2 7  ? -4.506  -12.211 5.275   1.00 88.07  ? 8  G   B "O3'" 1 
ATOM   421  C  "C2'" . G   B 2 7  ? -4.456  -9.760  5.965   1.00 89.86  ? 8  G   B "C2'" 1 
ATOM   422  O  "O2'" . G   B 2 7  ? -3.471  -9.647  4.968   1.00 96.27  ? 8  G   B "O2'" 1 
ATOM   423  C  "C1'" . G   B 2 7  ? -5.727  -9.125  5.411   1.00 91.60  ? 8  G   B "C1'" 1 
ATOM   424  N  N9    . G   B 2 7  ? -5.979  -7.708  5.645   1.00 91.49  ? 8  G   B N9    1 
ATOM   425  C  C8    . G   B 2 7  ? -6.003  -7.038  6.839   1.00 92.78  ? 8  G   B C8    1 
ATOM   426  N  N7    . G   B 2 7  ? -6.209  -5.752  6.704   1.00 92.38  ? 8  G   B N7    1 
ATOM   427  C  C5    . G   B 2 7  ? -6.343  -5.567  5.335   1.00 91.71  ? 8  G   B C5    1 
ATOM   428  C  C6    . G   B 2 7  ? -6.575  -4.381  4.577   1.00 92.96  ? 8  G   B C6    1 
ATOM   429  O  O6    . G   B 2 7  ? -6.711  -3.218  4.980   1.00 94.51  ? 8  G   B O6    1 
ATOM   430  N  N1    . G   B 2 7  ? -6.644  -4.651  3.214   1.00 93.30  ? 8  G   B N1    1 
ATOM   431  C  C2    . G   B 2 7  ? -6.511  -5.894  2.647   1.00 93.52  ? 8  G   B C2    1 
ATOM   432  N  N2    . G   B 2 7  ? -6.615  -5.948  1.305   1.00 95.50  ? 8  G   B N2    1 
ATOM   433  N  N3    . G   B 2 7  ? -6.292  -7.003  3.340   1.00 92.58  ? 8  G   B N3    1 
ATOM   434  C  C4    . G   B 2 7  ? -6.218  -6.765  4.668   1.00 91.86  ? 8  G   B C4    1 
ATOM   435  P  P     . A   B 2 8  ? -2.956  -12.599 5.102   1.00 92.64  ? 9  A   B P     1 
ATOM   436  O  OP1   . A   B 2 8  ? -2.715  -13.767 5.984   1.00 92.98  ? 9  A   B OP1   1 
ATOM   437  O  OP2   . A   B 2 8  ? -2.073  -11.401 5.211   1.00 88.52  ? 9  A   B OP2   1 
ATOM   438  O  "O5'" . A   B 2 8  ? -2.924  -13.143 3.603   1.00 88.09  ? 9  A   B "O5'" 1 
ATOM   439  C  "C5'" . A   B 2 8  ? -3.885  -14.104 3.152   1.00 84.00  ? 9  A   B "C5'" 1 
ATOM   440  C  "C4'" . A   B 2 8  ? -4.008  -14.057 1.644   1.00 86.94  ? 9  A   B "C4'" 1 
ATOM   441  O  "O4'" . A   B 2 8  ? -4.820  -12.932 1.231   1.00 89.72  ? 9  A   B "O4'" 1 
ATOM   442  C  "C3'" . A   B 2 8  ? -2.693  -13.873 0.918   1.00 89.93  ? 9  A   B "C3'" 1 
ATOM   443  O  "O3'" . A   B 2 8  ? -2.077  -15.120 0.721   1.00 89.26  ? 9  A   B "O3'" 1 
ATOM   444  C  "C2'" . A   B 2 8  ? -3.107  -13.231 -0.395  1.00 89.21  ? 9  A   B "C2'" 1 
ATOM   445  O  "O2'" . A   B 2 8  ? -3.552  -14.173 -1.344  1.00 87.80  ? 9  A   B "O2'" 1 
ATOM   446  C  "C1'" . A   B 2 8  ? -4.289  -12.367 0.046   1.00 88.40  ? 9  A   B "C1'" 1 
ATOM   447  N  N9    . A   B 2 8  ? -3.981  -10.967 0.325   1.00 87.39  ? 9  A   B N9    1 
ATOM   448  C  C8    . A   B 2 8  ? -3.870  -10.385 1.560   1.00 87.67  ? 9  A   B C8    1 
ATOM   449  N  N7    . A   B 2 8  ? -3.691  -9.088  1.522   1.00 87.39  ? 9  A   B N7    1 
ATOM   450  C  C5    . A   B 2 8  ? -3.664  -8.797  0.168   1.00 86.34  ? 9  A   B C5    1 
ATOM   451  C  C6    . A   B 2 8  ? -3.536  -7.587  -0.535  1.00 84.40  ? 9  A   B C6    1 
ATOM   452  N  N6    . A   B 2 8  ? -3.443  -6.394  0.045   1.00 82.43  ? 9  A   B N6    1 
ATOM   453  N  N1    . A   B 2 8  ? -3.523  -7.647  -1.882  1.00 85.46  ? 9  A   B N1    1 
ATOM   454  C  C2    . A   B 2 8  ? -3.650  -8.845  -2.472  1.00 86.77  ? 9  A   B C2    1 
ATOM   455  N  N3    . A   B 2 8  ? -3.802  -10.046 -1.919  1.00 88.39  ? 9  A   B N3    1 
ATOM   456  C  C4    . A   B 2 8  ? -3.804  -9.951  -0.581  1.00 87.55  ? 9  A   B C4    1 
ATOM   457  P  P     . A   B 2 9  ? -0.534  -15.272 1.071   1.00 97.61  ? 10 A   B P     1 
ATOM   458  O  OP1   . A   B 2 9  ? -0.185  -16.702 0.869   1.00 98.09  ? 10 A   B OP1   1 
ATOM   459  O  OP2   . A   B 2 9  ? -0.306  -14.623 2.392   1.00 93.89  ? 10 A   B OP2   1 
ATOM   460  O  "O5'" . A   B 2 9  ? 0.193   -14.410 -0.052  1.00 91.34  ? 10 A   B "O5'" 1 
ATOM   461  C  "C5'" . A   B 2 9  ? 0.168   -14.830 -1.413  1.00 82.83  ? 10 A   B "C5'" 1 
ATOM   462  C  "C4'" . A   B 2 9  ? 0.564   -13.692 -2.316  1.00 75.94  ? 10 A   B "C4'" 1 
ATOM   463  O  "O4'" . A   B 2 9  ? -0.457  -12.661 -2.295  1.00 78.37  ? 10 A   B "O4'" 1 
ATOM   464  C  "C3'" . A   B 2 9  ? 1.798   -12.941 -1.879  1.00 75.92  ? 10 A   B "C3'" 1 
ATOM   465  O  "O3'" . A   B 2 9  ? 2.966   -13.610 -2.254  1.00 76.44  ? 10 A   B "O3'" 1 
ATOM   466  C  "C2'" . A   B 2 9  ? 1.648   -11.632 -2.628  1.00 75.23  ? 10 A   B "C2'" 1 
ATOM   467  O  "O2'" . A   B 2 9  ? 1.982   -11.746 -3.989  1.00 78.31  ? 10 A   B "O2'" 1 
ATOM   468  C  "C1'" . A   B 2 9  ? 0.151   -11.389 -2.477  1.00 76.92  ? 10 A   B "C1'" 1 
ATOM   469  N  N9    . A   B 2 9  ? -0.136  -10.561 -1.307  1.00 79.15  ? 10 A   B N9    1 
ATOM   470  C  C8    . A   B 2 9  ? -0.473  -10.959 -0.034  1.00 77.96  ? 10 A   B C8    1 
ATOM   471  N  N7    . A   B 2 9  ? -0.643  -9.961  0.802   1.00 78.60  ? 10 A   B N7    1 
ATOM   472  C  C5    . A   B 2 9  ? -0.407  -8.834  0.027   1.00 76.98  ? 10 A   B C5    1 
ATOM   473  C  C6    . A   B 2 9  ? -0.425  -7.464  0.320   1.00 75.97  ? 10 A   B C6    1 
ATOM   474  N  N6    . A   B 2 9  ? -0.676  -6.976  1.531   1.00 77.08  ? 10 A   B N6    1 
ATOM   475  N  N1    . A   B 2 9  ? -0.164  -6.601  -0.682  1.00 76.01  ? 10 A   B N1    1 
ATOM   476  C  C2    . A   B 2 9  ? 0.114   -7.094  -1.893  1.00 75.68  ? 10 A   B C2    1 
ATOM   477  N  N3    . A   B 2 9  ? 0.178   -8.360  -2.291  1.00 78.00  ? 10 A   B N3    1 
ATOM   478  C  C4    . A   B 2 9  ? -0.099  -9.188  -1.274  1.00 78.74  ? 10 A   B C4    1 
ATOM   479  P  P     . G   B 2 10 ? 4.279   -13.406 -1.379  1.00 82.95  ? 11 G   B P     1 
ATOM   480  O  OP1   . G   B 2 10 ? 5.328   -14.256 -1.987  1.00 83.20  ? 11 G   B OP1   1 
ATOM   481  O  OP2   . G   B 2 10 ? 3.911   -13.578 0.049   1.00 81.00  ? 11 G   B OP2   1 
ATOM   482  O  "O5'" . G   B 2 10 ? 4.665   -11.887 -1.631  1.00 81.92  ? 11 G   B "O5'" 1 
ATOM   483  C  "C5'" . G   B 2 10 ? 5.070   -11.459 -2.918  1.00 78.01  ? 11 G   B "C5'" 1 
ATOM   484  C  "C4'" . G   B 2 10 ? 5.230   -9.970  -2.930  1.00 74.92  ? 11 G   B "C4'" 1 
ATOM   485  O  "O4'" . G   B 2 10 ? 3.951   -9.370  -2.618  1.00 76.64  ? 11 G   B "O4'" 1 
ATOM   486  C  "C3'" . G   B 2 10 ? 6.147   -9.429  -1.854  1.00 74.27  ? 11 G   B "C3'" 1 
ATOM   487  O  "O3'" . G   B 2 10 ? 7.493   -9.429  -2.271  1.00 75.46  ? 11 G   B "O3'" 1 
ATOM   488  C  "C2'" . G   B 2 10 ? 5.650   -8.009  -1.713  1.00 73.91  ? 11 G   B "C2'" 1 
ATOM   489  O  "O2'" . G   B 2 10 ? 6.076   -7.214  -2.796  1.00 66.37  ? 11 G   B "O2'" 1 
ATOM   490  C  "C1'" . G   B 2 10 ? 4.145   -8.224  -1.804  1.00 77.02  ? 11 G   B "C1'" 1 
ATOM   491  N  N9    . G   B 2 10 ? 3.535   -8.475  -0.498  1.00 78.15  ? 11 G   B N9    1 
ATOM   492  C  C8    . G   B 2 10 ? 3.139   -9.688  0.005   1.00 79.07  ? 11 G   B C8    1 
ATOM   493  N  N7    . G   B 2 10 ? 2.594   -9.603  1.190   1.00 80.37  ? 11 G   B N7    1 
ATOM   494  C  C5    . G   B 2 10 ? 2.644   -8.250  1.497   1.00 78.05  ? 11 G   B C5    1 
ATOM   495  C  C6    . G   B 2 10 ? 2.192   -7.547  2.655   1.00 78.27  ? 11 G   B C6    1 
ATOM   496  O  O6    . G   B 2 10 ? 1.635   -7.995  3.673   1.00 80.79  ? 11 G   B O6    1 
ATOM   497  N  N1    . G   B 2 10 ? 2.441   -6.182  2.550   1.00 75.25  ? 11 G   B N1    1 
ATOM   498  C  C2    . G   B 2 10 ? 3.045   -5.570  1.485   1.00 72.85  ? 11 G   B C2    1 
ATOM   499  N  N2    . G   B 2 10 ? 3.211   -4.244  1.585   1.00 71.51  ? 11 G   B N2    1 
ATOM   500  N  N3    . G   B 2 10 ? 3.464   -6.210  0.399   1.00 71.87  ? 11 G   B N3    1 
ATOM   501  C  C4    . G   B 2 10 ? 3.230   -7.538  0.471   1.00 75.76  ? 11 G   B C4    1 
ATOM   502  P  P     . G   B 2 11 ? 8.648   -9.604  -1.181  1.00 83.09  ? 12 G   B P     1 
ATOM   503  O  OP1   . G   B 2 11 ? 9.907   -9.880  -1.918  1.00 73.57  ? 12 G   B OP1   1 
ATOM   504  O  OP2   . G   B 2 11 ? 8.144   -10.567 -0.169  1.00 75.56  ? 12 G   B OP2   1 
ATOM   505  O  "O5'" . G   B 2 11 ? 8.794   -8.172  -0.506  1.00 73.49  ? 12 G   B "O5'" 1 
ATOM   506  C  "C5'" . G   B 2 11 ? 9.415   -7.122  -1.218  1.00 73.54  ? 12 G   B "C5'" 1 
ATOM   507  C  "C4'" . G   B 2 11 ? 9.191   -5.816  -0.521  1.00 74.13  ? 12 G   B "C4'" 1 
ATOM   508  O  "O4'" . G   B 2 11 ? 7.775   -5.658  -0.279  1.00 79.41  ? 12 G   B "O4'" 1 
ATOM   509  C  "C3'" . G   B 2 11 ? 9.791   -5.675  0.858   1.00 78.26  ? 12 G   B "C3'" 1 
ATOM   510  O  "O3'" . G   B 2 11 ? 11.159  -5.332  0.744   1.00 80.84  ? 12 G   B "O3'" 1 
ATOM   511  C  "C2'" . G   B 2 11 ? 8.969   -4.519  1.399   1.00 79.27  ? 12 G   B "C2'" 1 
ATOM   512  O  "O2'" . G   B 2 11 ? 9.294   -3.292  0.791   1.00 79.59  ? 12 G   B "O2'" 1 
ATOM   513  C  "C1'" . G   B 2 11 ? 7.583   -4.908  0.905   1.00 79.21  ? 12 G   B "C1'" 1 
ATOM   514  N  N9    . G   B 2 11 ? 6.898   -5.741  1.882   1.00 79.44  ? 12 G   B N9    1 
ATOM   515  C  C8    . G   B 2 11 ? 6.658   -7.092  1.819   1.00 82.39  ? 12 G   B C8    1 
ATOM   516  N  N7    . G   B 2 11 ? 6.000   -7.542  2.853   1.00 83.32  ? 12 G   B N7    1 
ATOM   517  C  C5    . G   B 2 11 ? 5.799   -6.420  3.641   1.00 80.93  ? 12 G   B C5    1 
ATOM   518  C  C6    . G   B 2 11 ? 5.133   -6.279  4.875   1.00 81.82  ? 12 G   B C6    1 
ATOM   519  O  O6    . G   B 2 11 ? 4.545   -7.141  5.531   1.00 86.77  ? 12 G   B O6    1 
ATOM   520  N  N1    . G   B 2 11 ? 5.180   -4.966  5.334   1.00 81.34  ? 12 G   B N1    1 
ATOM   521  C  C2    . G   B 2 11 ? 5.781   -3.924  4.672   1.00 81.49  ? 12 G   B C2    1 
ATOM   522  N  N2    . G   B 2 11 ? 5.739   -2.720  5.268   1.00 82.54  ? 12 G   B N2    1 
ATOM   523  N  N3    . G   B 2 11 ? 6.387   -4.045  3.509   1.00 80.94  ? 12 G   B N3    1 
ATOM   524  C  C4    . G   B 2 11 ? 6.358   -5.307  3.058   1.00 79.20  ? 12 G   B C4    1 
ATOM   525  P  P     . G   B 2 12 ? 12.205  -5.852  1.843   1.00 87.26  ? 13 G   B P     1 
ATOM   526  O  OP1   . G   B 2 12 ? 13.551  -5.492  1.336   1.00 89.43  ? 13 G   B OP1   1 
ATOM   527  O  OP2   . G   B 2 12 ? 11.888  -7.275  2.141   1.00 75.58  ? 13 G   B OP2   1 
ATOM   528  O  "O5'" . G   B 2 12 ? 11.888  -4.943  3.115   1.00 84.27  ? 13 G   B "O5'" 1 
ATOM   529  C  "C5'" . G   B 2 12 ? 11.944  -3.521  3.012   1.00 87.27  ? 13 G   B "C5'" 1 
ATOM   530  C  "C4'" . G   B 2 12 ? 11.355  -2.863  4.240   1.00 92.12  ? 13 G   B "C4'" 1 
ATOM   531  O  "O4'" . G   B 2 12 ? 9.932   -3.123  4.324   1.00 90.34  ? 13 G   B "O4'" 1 
ATOM   532  C  "C3'" . G   B 2 12 ? 11.901  -3.302  5.586   1.00 93.06  ? 13 G   B "C3'" 1 
ATOM   533  O  "O3'" . G   B 2 12 ? 13.133  -2.628  5.839   1.00 100.46 ? 13 G   B "O3'" 1 
ATOM   534  C  "C2'" . G   B 2 12 ? 10.776  -2.869  6.520   1.00 91.02  ? 13 G   B "C2'" 1 
ATOM   535  O  "O2'" . G   B 2 12 ? 10.761  -1.480  6.768   1.00 98.29  ? 13 G   B "O2'" 1 
ATOM   536  C  "C1'" . G   B 2 12 ? 9.550   -3.216  5.681   1.00 85.67  ? 13 G   B "C1'" 1 
ATOM   537  N  N9    . G   B 2 12 ? 9.094   -4.574  5.923   1.00 80.11  ? 13 G   B N9    1 
ATOM   538  C  C8    . G   B 2 12 ? 9.326   -5.687  5.149   1.00 78.62  ? 13 G   B C8    1 
ATOM   539  N  N7    . G   B 2 12 ? 8.762   -6.764  5.619   1.00 78.15  ? 13 G   B N7    1 
ATOM   540  C  C5    . G   B 2 12 ? 8.129   -6.331  6.773   1.00 77.66  ? 13 G   B C5    1 
ATOM   541  C  C6    . G   B 2 12 ? 7.359   -7.040  7.717   1.00 77.44  ? 13 G   B C6    1 
ATOM   542  O  O6    . G   B 2 12 ? 7.078   -8.239  7.737   1.00 81.04  ? 13 G   B O6    1 
ATOM   543  N  N1    . G   B 2 12 ? 6.904   -6.212  8.733   1.00 77.00  ? 13 G   B N1    1 
ATOM   544  C  C2    . G   B 2 12 ? 7.172   -4.880  8.839   1.00 76.45  ? 13 G   B C2    1 
ATOM   545  N  N2    . G   B 2 12 ? 6.657   -4.258  9.905   1.00 70.67  ? 13 G   B N2    1 
ATOM   546  N  N3    . G   B 2 12 ? 7.898   -4.204  7.970   1.00 77.34  ? 13 G   B N3    1 
ATOM   547  C  C4    . G   B 2 12 ? 8.336   -4.985  6.970   1.00 77.67  ? 13 G   B C4    1 
ATOM   548  P  P     . G   C 3 1  ? 13.846  2.706   13.543  1.00 103.38 ? 15 G   C P     1 
ATOM   549  O  OP1   . G   C 3 1  ? 15.213  3.110   13.117  1.00 99.50  ? 15 G   C OP1   1 
ATOM   550  O  OP2   . G   C 3 1  ? 12.682  3.064   12.701  1.00 104.26 ? 15 G   C OP2   1 
ATOM   551  O  "O5'" . G   C 3 1  ? 13.630  3.320   14.999  1.00 100.68 ? 15 G   C "O5'" 1 
ATOM   552  C  "C5'" . G   C 3 1  ? 12.950  2.595   16.013  1.00 97.03  ? 15 G   C "C5'" 1 
ATOM   553  C  "C4'" . G   C 3 1  ? 12.284  3.545   16.983  1.00 98.67  ? 15 G   C "C4'" 1 
ATOM   554  O  "O4'" . G   C 3 1  ? 13.290  4.360   17.631  1.00 102.68 ? 15 G   C "O4'" 1 
ATOM   555  C  "C3'" . G   C 3 1  ? 11.354  4.560   16.347  1.00 98.58  ? 15 G   C "C3'" 1 
ATOM   556  O  "O3'" . G   C 3 1  ? 10.057  4.030   16.222  1.00 96.12  ? 15 G   C "O3'" 1 
ATOM   557  C  "C2'" . G   C 3 1  ? 11.331  5.670   17.375  1.00 100.31 ? 15 G   C "C2'" 1 
ATOM   558  O  "O2'" . G   C 3 1  ? 10.444  5.366   18.426  1.00 102.76 ? 15 G   C "O2'" 1 
ATOM   559  C  "C1'" . G   C 3 1  ? 12.775  5.658   17.854  1.00 98.95  ? 15 G   C "C1'" 1 
ATOM   560  N  N9    . G   C 3 1  ? 13.591  6.605   17.112  1.00 97.76  ? 15 G   C N9    1 
ATOM   561  C  C8    . G   C 3 1  ? 14.482  6.332   16.106  1.00 96.49  ? 15 G   C C8    1 
ATOM   562  N  N7    . G   C 3 1  ? 15.090  7.394   15.656  1.00 96.72  ? 15 G   C N7    1 
ATOM   563  C  C5    . G   C 3 1  ? 14.559  8.431   16.410  1.00 97.51  ? 15 G   C C5    1 
ATOM   564  C  C6    . G   C 3 1  ? 14.838  9.806   16.390  1.00 96.01  ? 15 G   C C6    1 
ATOM   565  O  O6    . G   C 3 1  ? 15.628  10.409  15.674  1.00 96.47  ? 15 G   C O6    1 
ATOM   566  N  N1    . G   C 3 1  ? 14.080  10.498  17.329  1.00 95.20  ? 15 G   C N1    1 
ATOM   567  C  C2    . G   C 3 1  ? 13.162  9.937   18.172  1.00 96.27  ? 15 G   C C2    1 
ATOM   568  N  N2    . G   C 3 1  ? 12.524  10.775  18.993  1.00 96.55  ? 15 G   C N2    1 
ATOM   569  N  N3    . G   C 3 1  ? 12.890  8.650   18.202  1.00 98.99  ? 15 G   C N3    1 
ATOM   570  C  C4    . G   C 3 1  ? 13.624  7.960   17.303  1.00 98.42  ? 15 G   C C4    1 
ATOM   571  P  P     . G   C 3 2  ? 9.078   4.621   15.108  1.00 96.90  ? 16 G   C P     1 
ATOM   572  O  OP1   . G   C 3 2  ? 7.994   3.640   14.935  1.00 102.05 ? 16 G   C OP1   1 
ATOM   573  O  OP2   . G   C 3 2  ? 9.876   5.065   13.947  1.00 92.96  ? 16 G   C OP2   1 
ATOM   574  O  "O5'" . G   C 3 2  ? 8.427   5.886   15.795  1.00 94.87  ? 16 G   C "O5'" 1 
ATOM   575  C  "C5'" . G   C 3 2  ? 7.557   5.722   16.895  1.00 96.69  ? 16 G   C "C5'" 1 
ATOM   576  C  "C4'" . G   C 3 2  ? 7.220   7.065   17.454  1.00 98.81  ? 16 G   C "C4'" 1 
ATOM   577  O  "O4'" . G   C 3 2  ? 8.413   7.646   18.023  1.00 101.66 ? 16 G   C "O4'" 1 
ATOM   578  C  "C3'" . G   C 3 2  ? 6.784   8.066   16.410  1.00 99.62  ? 16 G   C "C3'" 1 
ATOM   579  O  "O3'" . G   C 3 2  ? 5.409   7.957   16.141  1.00 97.35  ? 16 G   C "O3'" 1 
ATOM   580  C  "C2'" . G   C 3 2  ? 7.120   9.390   17.067  1.00 101.23 ? 16 G   C "C2'" 1 
ATOM   581  O  "O2'" . G   C 3 2  ? 6.147   9.800   18.008  1.00 101.93 ? 16 G   C "O2'" 1 
ATOM   582  C  "C1'" . G   C 3 2  ? 8.434   9.037   17.761  1.00 104.48 ? 16 G   C "C1'" 1 
ATOM   583  N  N9    . G   C 3 2  ? 9.562   9.279   16.873  1.00 106.81 ? 16 G   C N9    1 
ATOM   584  C  C8    . G   C 3 2  ? 10.235  8.338   16.140  1.00 107.25 ? 16 G   C C8    1 
ATOM   585  N  N7    . G   C 3 2  ? 11.221  8.835   15.449  1.00 108.50 ? 16 G   C N7    1 
ATOM   586  C  C5    . G   C 3 2  ? 11.186  10.189  15.731  1.00 108.61 ? 16 G   C C5    1 
ATOM   587  C  C6    . G   C 3 2  ? 12.013  11.229  15.276  1.00 109.28 ? 16 G   C C6    1 
ATOM   588  O  O6    . G   C 3 2  ? 12.968  11.161  14.500  1.00 109.75 ? 16 G   C O6    1 
ATOM   589  N  N1    . G   C 3 2  ? 11.639  12.453  15.818  1.00 110.24 ? 16 G   C N1    1 
ATOM   590  C  C2    . G   C 3 2  ? 10.597  12.645  16.690  1.00 110.19 ? 16 G   C C2    1 
ATOM   591  N  N2    . G   C 3 2  ? 10.400  13.903  17.113  1.00 111.26 ? 16 G   C N2    1 
ATOM   592  N  N3    . G   C 3 2  ? 9.809   11.677  17.119  1.00 108.43 ? 16 G   C N3    1 
ATOM   593  C  C4    . G   C 3 2  ? 10.162  10.482  16.607  1.00 107.75 ? 16 G   C C4    1 
ATOM   594  P  P     . C   C 3 3  ? 4.888   8.285   14.674  1.00 101.49 ? 17 C   C P     1 
ATOM   595  O  OP1   . C   C 3 3  ? 3.443   7.945   14.655  1.00 98.55  ? 17 C   C OP1   1 
ATOM   596  O  OP2   . C   C 3 3  ? 5.822   7.633   13.724  1.00 100.39 ? 17 C   C OP2   1 
ATOM   597  O  "O5'" . C   C 3 3  ? 5.059   9.859   14.546  1.00 102.49 ? 17 C   C "O5'" 1 
ATOM   598  C  "C5'" . C   C 3 3  ? 4.279   10.737  15.339  1.00 106.37 ? 17 C   C "C5'" 1 
ATOM   599  C  "C4'" . C   C 3 3  ? 4.677   12.148  15.052  1.00 106.62 ? 17 C   C "C4'" 1 
ATOM   600  O  "O4'" . C   C 3 3  ? 6.047   12.320  15.485  1.00 106.12 ? 17 C   C "O4'" 1 
ATOM   601  C  "C3'" . C   C 3 3  ? 4.732   12.487  13.573  1.00 107.35 ? 17 C   C "C3'" 1 
ATOM   602  O  "O3'" . C   C 3 3  ? 3.479   12.880  13.047  1.00 108.26 ? 17 C   C "O3'" 1 
ATOM   603  C  "C2'" . C   C 3 3  ? 5.697   13.651  13.557  1.00 107.44 ? 17 C   C "C2'" 1 
ATOM   604  O  "O2'" . C   C 3 3  ? 5.069   14.839  13.983  1.00 108.73 ? 17 C   C "O2'" 1 
ATOM   605  C  "C1'" . C   C 3 3  ? 6.708   13.202  14.606  1.00 106.00 ? 17 C   C "C1'" 1 
ATOM   606  N  N1    . C   C 3 3  ? 7.814   12.491  13.978  1.00 104.79 ? 17 C   C N1    1 
ATOM   607  C  C2    . C   C 3 3  ? 8.879   13.237  13.531  1.00 104.02 ? 17 C   C C2    1 
ATOM   608  O  O2    . C   C 3 3  ? 8.851   14.460  13.694  1.00 104.78 ? 17 C   C O2    1 
ATOM   609  N  N3    . C   C 3 3  ? 9.913   12.628  12.930  1.00 103.70 ? 17 C   C N3    1 
ATOM   610  C  C4    . C   C 3 3  ? 9.904   11.310  12.774  1.00 103.55 ? 17 C   C C4    1 
ATOM   611  N  N4    . C   C 3 3  ? 10.951  10.755  12.168  1.00 103.51 ? 17 C   C N4    1 
ATOM   612  C  C5    . C   C 3 3  ? 8.821   10.508  13.230  1.00 104.46 ? 17 C   C C5    1 
ATOM   613  C  C6    . C   C 3 3  ? 7.804   11.134  13.824  1.00 104.88 ? 17 C   C C6    1 
ATOM   614  P  P     . A   C 3 4  ? 3.238   12.798  11.464  1.00 108.35 ? 18 A   C P     1 
ATOM   615  O  OP1   . A   C 3 4  ? 1.846   13.215  11.165  1.00 105.03 ? 18 A   C OP1   1 
ATOM   616  O  OP2   . A   C 3 4  ? 3.730   11.474  11.013  1.00 103.62 ? 18 A   C OP2   1 
ATOM   617  O  "O5'" . A   C 3 4  ? 4.225   13.894  10.877  1.00 106.85 ? 18 A   C "O5'" 1 
ATOM   618  C  "C5'" . A   C 3 4  ? 4.007   15.260  11.157  1.00 101.83 ? 18 A   C "C5'" 1 
ATOM   619  C  "C4'" . A   C 3 4  ? 5.050   16.091  10.483  1.00 100.88 ? 18 A   C "C4'" 1 
ATOM   620  O  "O4'" . A   C 3 4  ? 6.340   15.797  11.068  1.00 101.86 ? 18 A   C "O4'" 1 
ATOM   621  C  "C3'" . A   C 3 4  ? 5.249   15.725  9.032   1.00 103.49 ? 18 A   C "C3'" 1 
ATOM   622  O  "O3'" . A   C 3 4  ? 4.294   16.338  8.204   1.00 105.18 ? 18 A   C "O3'" 1 
ATOM   623  C  "C2'" . A   C 3 4  ? 6.650   16.232  8.763   1.00 103.64 ? 18 A   C "C2'" 1 
ATOM   624  O  "O2'" . A   C 3 4  ? 6.684   17.628  8.603   1.00 107.41 ? 18 A   C "O2'" 1 
ATOM   625  C  "C1'" . A   C 3 4  ? 7.337   15.890  10.074  1.00 101.55 ? 18 A   C "C1'" 1 
ATOM   626  N  N9    . A   C 3 4  ? 8.012   14.614  9.966   1.00 99.94  ? 18 A   C N9    1 
ATOM   627  C  C8    . A   C 3 4  ? 7.670   13.396  10.485  1.00 99.23  ? 18 A   C C8    1 
ATOM   628  N  N7    . A   C 3 4  ? 8.533   12.449  10.210  1.00 99.46  ? 18 A   C N7    1 
ATOM   629  C  C5    . A   C 3 4  ? 9.502   13.093  9.451   1.00 98.81  ? 18 A   C C5    1 
ATOM   630  C  C6    . A   C 3 4  ? 10.695  12.651  8.859   1.00 98.08  ? 18 A   C C6    1 
ATOM   631  N  N6    . A   C 3 4  ? 11.142  11.400  8.944   1.00 97.60  ? 18 A   C N6    1 
ATOM   632  N  N1    . A   C 3 4  ? 11.427  13.554  8.169   1.00 97.13  ? 18 A   C N1    1 
ATOM   633  C  C2    . A   C 3 4  ? 10.982  14.813  8.089   1.00 98.75  ? 18 A   C C2    1 
ATOM   634  N  N3    . A   C 3 4  ? 9.883   15.347  8.605   1.00 99.07  ? 18 A   C N3    1 
ATOM   635  C  C4    . A   C 3 4  ? 9.183   14.423  9.286   1.00 99.54  ? 18 A   C C4    1 
ATOM   636  P  P     . G   C 3 5  ? 3.909   15.642  6.816   1.00 109.31 ? 19 G   C P     1 
ATOM   637  O  OP1   . G   C 3 5  ? 2.685   16.323  6.309   1.00 106.03 ? 19 G   C OP1   1 
ATOM   638  O  OP2   . G   C 3 5  ? 3.885   14.177  7.061   1.00 106.66 ? 19 G   C OP2   1 
ATOM   639  O  "O5'" . G   C 3 5  ? 5.153   15.965  5.866   1.00 106.86 ? 19 G   C "O5'" 1 
ATOM   640  C  "C5'" . G   C 3 5  ? 5.426   17.308  5.479   1.00 102.78 ? 19 G   C "C5'" 1 
ATOM   641  C  "C4'" . G   C 3 5  ? 6.762   17.428  4.777   1.00 100.53 ? 19 G   C "C4'" 1 
ATOM   642  O  "O4'" . G   C 3 5  ? 7.817   16.981  5.667   1.00 100.36 ? 19 G   C "O4'" 1 
ATOM   643  C  "C3'" . G   C 3 5  ? 6.945   16.557  3.548   1.00 103.65 ? 19 G   C "C3'" 1 
ATOM   644  O  "O3'" . G   C 3 5  ? 6.401   17.163  2.395   1.00 105.52 ? 19 G   C "O3'" 1 
ATOM   645  C  "C2'" . G   C 3 5  ? 8.457   16.455  3.442   1.00 102.85 ? 19 G   C "C2'" 1 
ATOM   646  O  "O2'" . G   C 3 5  ? 9.075   17.570  2.842   1.00 103.52 ? 19 G   C "O2'" 1 
ATOM   647  C  "C1'" . G   C 3 5  ? 8.851   16.389  4.908   1.00 99.34  ? 19 G   C "C1'" 1 
ATOM   648  N  N9    . G   C 3 5  ? 8.996   15.005  5.302   1.00 97.03  ? 19 G   C N9    1 
ATOM   649  C  C8    . G   C 3 5  ? 8.177   14.267  6.109   1.00 98.48  ? 19 G   C C8    1 
ATOM   650  N  N7    . G   C 3 5  ? 8.591   13.042  6.269   1.00 99.50  ? 19 G   C N7    1 
ATOM   651  C  C5    . G   C 3 5  ? 9.751   12.979  5.513   1.00 95.30  ? 19 G   C C5    1 
ATOM   652  C  C6    . G   C 3 5  ? 10.650  11.908  5.298   1.00 94.32  ? 19 G   C C6    1 
ATOM   653  O  O6    . G   C 3 5  ? 10.604  10.763  5.749   1.00 93.36  ? 19 G   C O6    1 
ATOM   654  N  N1    . G   C 3 5  ? 11.694  12.279  4.455   1.00 93.61  ? 19 G   C N1    1 
ATOM   655  C  C2    . G   C 3 5  ? 11.847  13.518  3.890   1.00 94.53  ? 19 G   C C2    1 
ATOM   656  N  N2    . G   C 3 5  ? 12.906  13.678  3.080   1.00 93.80  ? 19 G   C N2    1 
ATOM   657  N  N3    . G   C 3 5  ? 11.021  14.526  4.096   1.00 94.35  ? 19 G   C N3    1 
ATOM   658  C  C4    . G   C 3 5  ? 10.004  14.184  4.910   1.00 95.27  ? 19 G   C C4    1 
ATOM   659  P  P     . A   C 3 6  ? 5.819   16.234  1.224   1.00 108.37 ? 20 A   C P     1 
ATOM   660  O  OP1   . A   C 3 6  ? 5.305   17.111  0.142   1.00 107.46 ? 20 A   C OP1   1 
ATOM   661  O  OP2   . A   C 3 6  ? 4.913   15.255  1.872   1.00 108.73 ? 20 A   C OP2   1 
ATOM   662  O  "O5'" . A   C 3 6  ? 7.095   15.460  0.667   1.00 100.10 ? 20 A   C "O5'" 1 
ATOM   663  C  "C5'" . A   C 3 6  ? 8.047   16.161  -0.111  1.00 97.01  ? 20 A   C "C5'" 1 
ATOM   664  C  "C4'" . A   C 3 6  ? 9.195   15.263  -0.484  1.00 93.79  ? 20 A   C "C4'" 1 
ATOM   665  O  "O4'" . A   C 3 6  ? 9.841   14.810  0.727   1.00 93.39  ? 20 A   C "O4'" 1 
ATOM   666  C  "C3'" . A   C 3 6  ? 8.836   13.981  -1.213  1.00 93.32  ? 20 A   C "C3'" 1 
ATOM   667  O  "O3'" . A   C 3 6  ? 8.686   14.184  -2.607  1.00 95.80  ? 20 A   C "O3'" 1 
ATOM   668  C  "C2'" . A   C 3 6  ? 10.024  13.084  -0.893  1.00 89.98  ? 20 A   C "C2'" 1 
ATOM   669  O  "O2'" . A   C 3 6  ? 11.175  13.294  -1.685  1.00 85.21  ? 20 A   C "O2'" 1 
ATOM   670  C  "C1'" . A   C 3 6  ? 10.307  13.488  0.548   1.00 89.39  ? 20 A   C "C1'" 1 
ATOM   671  N  N9    . A   C 3 6  ? 9.553   12.628  1.436   1.00 89.77  ? 20 A   C N9    1 
ATOM   672  C  C8    . A   C 3 6  ? 8.382   12.880  2.109   1.00 89.22  ? 20 A   C C8    1 
ATOM   673  N  N7    . A   C 3 6  ? 7.967   11.872  2.837   1.00 88.27  ? 20 A   C N7    1 
ATOM   674  C  C5    . A   C 3 6  ? 8.932   10.894  2.625   1.00 87.46  ? 20 A   C C5    1 
ATOM   675  C  C6    . A   C 3 6  ? 9.082   9.598   3.122   1.00 86.70  ? 20 A   C C6    1 
ATOM   676  N  N6    . A   C 3 6  ? 8.227   9.039   3.978   1.00 85.43  ? 20 A   C N6    1 
ATOM   677  N  N1    . A   C 3 6  ? 10.162  8.888   2.706   1.00 87.75  ? 20 A   C N1    1 
ATOM   678  C  C2    . A   C 3 6  ? 11.025  9.466   1.851   1.00 86.74  ? 20 A   C C2    1 
ATOM   679  N  N3    . A   C 3 6  ? 10.991  10.681  1.321   1.00 87.11  ? 20 A   C N3    1 
ATOM   680  C  C4    . A   C 3 6  ? 9.907   11.350  1.757   1.00 88.18  ? 20 A   C C4    1 
ATOM   681  P  P     . G   C 3 7  ? 7.665   13.261  -3.425  1.00 99.08  ? 21 G   C P     1 
ATOM   682  O  OP1   . G   C 3 7  ? 7.705   13.657  -4.858  1.00 93.20  ? 21 G   C OP1   1 
ATOM   683  O  OP2   . G   C 3 7  ? 6.377   13.309  -2.680  1.00 94.85  ? 21 G   C OP2   1 
ATOM   684  O  "O5'" . G   C 3 7  ? 8.306   11.809  -3.310  1.00 98.33  ? 21 G   C "O5'" 1 
ATOM   685  C  "C5'" . G   C 3 7  ? 9.602   11.561  -3.835  1.00 95.80  ? 21 G   C "C5'" 1 
ATOM   686  C  "C4'" . G   C 3 7  ? 10.024  10.155  -3.516  1.00 96.61  ? 21 G   C "C4'" 1 
ATOM   687  O  "O4'" . G   C 3 7  ? 10.131  10.009  -2.074  1.00 97.74  ? 21 G   C "O4'" 1 
ATOM   688  C  "C3'" . G   C 3 7  ? 9.019   9.090   -3.916  1.00 97.57  ? 21 G   C "C3'" 1 
ATOM   689  O  "O3'" . G   C 3 7  ? 9.189   8.717   -5.271  1.00 97.87  ? 21 G   C "O3'" 1 
ATOM   690  C  "C2'" . G   C 3 7  ? 9.398   7.949   -2.989  1.00 98.31  ? 21 G   C "C2'" 1 
ATOM   691  O  "O2'" . G   C 3 7  ? 10.574  7.318   -3.447  1.00 100.98 ? 21 G   C "O2'" 1 
ATOM   692  C  "C1'" . G   C 3 7  ? 9.722   8.704   -1.701  1.00 96.27  ? 21 G   C "C1'" 1 
ATOM   693  N  N9    . G   C 3 7  ? 8.571   8.794   -0.801  1.00 94.07  ? 21 G   C N9    1 
ATOM   694  C  C8    . G   C 3 7  ? 7.655   9.818   -0.697  1.00 94.10  ? 21 G   C C8    1 
ATOM   695  N  N7    . G   C 3 7  ? 6.749   9.608   0.229   1.00 93.86  ? 21 G   C N7    1 
ATOM   696  C  C5    . G   C 3 7  ? 7.082   8.366   0.764   1.00 91.49  ? 21 G   C C5    1 
ATOM   697  C  C6    . G   C 3 7  ? 6.468   7.591   1.819   1.00 90.66  ? 21 G   C C6    1 
ATOM   698  O  O6    . G   C 3 7  ? 5.465   7.851   2.503   1.00 94.82  ? 21 G   C O6    1 
ATOM   699  N  N1    . G   C 3 7  ? 7.147   6.395   2.035   1.00 86.94  ? 21 G   C N1    1 
ATOM   700  C  C2    . G   C 3 7  ? 8.254   5.977   1.346   1.00 86.13  ? 21 G   C C2    1 
ATOM   701  N  N2    . G   C 3 7  ? 8.757   4.796   1.722   1.00 82.65  ? 21 G   C N2    1 
ATOM   702  N  N3    . G   C 3 7  ? 8.827   6.667   0.367   1.00 89.12  ? 21 G   C N3    1 
ATOM   703  C  C4    . G   C 3 7  ? 8.199   7.845   0.134   1.00 91.74  ? 21 G   C C4    1 
ATOM   704  P  P     . A   C 3 8  ? 7.902   8.542   -6.211  1.00 97.79  ? 22 A   C P     1 
ATOM   705  O  OP1   . A   C 3 8  ? 7.697   9.856   -6.875  1.00 98.84  ? 22 A   C OP1   1 
ATOM   706  O  OP2   . A   C 3 8  ? 6.805   7.958   -5.398  1.00 95.96  ? 22 A   C OP2   1 
ATOM   707  O  "O5'" . A   C 3 8  ? 8.393   7.480   -7.300  1.00 93.79  ? 22 A   C "O5'" 1 
ATOM   708  C  "C5'" . A   C 3 8  ? 8.125   6.083   -7.166  1.00 90.21  ? 22 A   C "C5'" 1 
ATOM   709  C  "C4'" . A   C 3 8  ? 9.417   5.319   -6.968  1.00 90.66  ? 22 A   C "C4'" 1 
ATOM   710  O  "O4'" . A   C 3 8  ? 9.877   5.509   -5.609  1.00 88.76  ? 22 A   C "O4'" 1 
ATOM   711  C  "C3'" . A   C 3 8  ? 9.307   3.812   -7.096  1.00 89.22  ? 22 A   C "C3'" 1 
ATOM   712  O  "O3'" . A   C 3 8  ? 9.491   3.449   -8.439  1.00 86.98  ? 22 A   C "O3'" 1 
ATOM   713  C  "C2'" . A   C 3 8  ? 10.476  3.302   -6.270  1.00 88.01  ? 22 A   C "C2'" 1 
ATOM   714  O  "O2'" . A   C 3 8  ? 11.718  3.265   -6.926  1.00 84.72  ? 22 A   C "O2'" 1 
ATOM   715  C  "C1'" . A   C 3 8  ? 10.500  4.323   -5.141  1.00 88.15  ? 22 A   C "C1'" 1 
ATOM   716  N  N9    . A   C 3 8  ? 9.763   3.832   -3.982  1.00 87.50  ? 22 A   C N9    1 
ATOM   717  C  C8    . A   C 3 8  ? 8.612   4.314   -3.411  1.00 87.23  ? 22 A   C C8    1 
ATOM   718  N  N7    . A   C 3 8  ? 8.193   3.604   -2.391  1.00 85.09  ? 22 A   C N7    1 
ATOM   719  C  C5    . A   C 3 8  ? 9.137   2.593   -2.282  1.00 84.96  ? 22 A   C C5    1 
ATOM   720  C  C6    . A   C 3 8  ? 9.259   1.502   -1.413  1.00 84.21  ? 22 A   C C6    1 
ATOM   721  N  N6    . A   C 3 8  ? 8.368   1.218   -0.468  1.00 86.20  ? 22 A   C N6    1 
ATOM   722  N  N1    . A   C 3 8  ? 10.335  0.692   -1.560  1.00 82.23  ? 22 A   C N1    1 
ATOM   723  C  C2    . A   C 3 8  ? 11.206  0.955   -2.542  1.00 81.55  ? 22 A   C C2    1 
ATOM   724  N  N3    . A   C 3 8  ? 11.186  1.936   -3.439  1.00 81.60  ? 22 A   C N3    1 
ATOM   725  C  C4    . A   C 3 8  ? 10.116  2.728   -3.248  1.00 85.17  ? 22 A   C C4    1 
ATOM   726  P  P     . A   C 3 9  ? 8.610   2.278   -9.053  1.00 88.80  ? 23 A   C P     1 
ATOM   727  O  OP1   . A   C 3 9  ? 8.885   2.185   -10.504 1.00 88.22  ? 23 A   C OP1   1 
ATOM   728  O  OP2   . A   C 3 9  ? 7.226   2.486   -8.563  1.00 82.81  ? 23 A   C OP2   1 
ATOM   729  O  "O5'" . A   C 3 9  ? 9.223   0.988   -8.377  1.00 86.58  ? 23 A   C "O5'" 1 
ATOM   730  C  "C5'" . A   C 3 9  ? 10.574  0.648   -8.590  1.00 79.95  ? 23 A   C "C5'" 1 
ATOM   731  C  "C4'" . A   C 3 9  ? 10.969  -0.413  -7.617  1.00 82.56  ? 23 A   C "C4'" 1 
ATOM   732  O  "O4'" . A   C 3 9  ? 10.814  0.122   -6.281  1.00 83.48  ? 23 A   C "O4'" 1 
ATOM   733  C  "C3'" . A   C 3 9  ? 10.058  -1.628  -7.642  1.00 82.52  ? 23 A   C "C3'" 1 
ATOM   734  O  "O3'" . A   C 3 9  ? 10.499  -2.572  -8.612  1.00 83.08  ? 23 A   C "O3'" 1 
ATOM   735  C  "C2'" . A   C 3 9  ? 10.232  -2.186  -6.240  1.00 79.71  ? 23 A   C "C2'" 1 
ATOM   736  O  "O2'" . A   C 3 9  ? 11.388  -2.977  -6.096  1.00 79.48  ? 23 A   C "O2'" 1 
ATOM   737  C  "C1'" . A   C 3 9  ? 10.360  -0.905  -5.416  1.00 81.14  ? 23 A   C "C1'" 1 
ATOM   738  N  N9    . A   C 3 9  ? 9.079   -0.504  -4.842  1.00 80.60  ? 23 A   C N9    1 
ATOM   739  C  C8    . A   C 3 9  ? 8.300   0.580   -5.161  1.00 80.98  ? 23 A   C C8    1 
ATOM   740  N  N7    . A   C 3 9  ? 7.206   0.674   -4.440  1.00 81.90  ? 23 A   C N7    1 
ATOM   741  C  C5    . A   C 3 9  ? 7.266   -0.427  -3.599  1.00 80.03  ? 23 A   C C5    1 
ATOM   742  C  C6    . A   C 3 9  ? 6.404   -0.899  -2.593  1.00 79.30  ? 23 A   C C6    1 
ATOM   743  N  N6    . A   C 3 9  ? 5.258   -0.304  -2.260  1.00 78.74  ? 23 A   C N6    1 
ATOM   744  N  N1    . A   C 3 9  ? 6.764   -2.023  -1.936  1.00 80.46  ? 23 A   C N1    1 
ATOM   745  C  C2    . A   C 3 9  ? 7.906   -2.629  -2.280  1.00 80.95  ? 23 A   C C2    1 
ATOM   746  N  N3    . A   C 3 9  ? 8.792   -2.289  -3.210  1.00 80.39  ? 23 A   C N3    1 
ATOM   747  C  C4    . A   C 3 9  ? 8.411   -1.165  -3.838  1.00 79.78  ? 23 A   C C4    1 
ATOM   748  P  P     . A   C 3 10 ? 9.420   -3.425  -9.443  1.00 85.78  ? 24 A   C P     1 
ATOM   749  O  OP1   . A   C 3 10 ? 10.145  -4.134  -10.539 1.00 81.56  ? 24 A   C OP1   1 
ATOM   750  O  OP2   . A   C 3 10 ? 8.301   -2.498  -9.767  1.00 81.47  ? 24 A   C OP2   1 
ATOM   751  O  "O5'" . A   C 3 10 ? 8.900   -4.516  -8.405  1.00 77.71  ? 24 A   C "O5'" 1 
ATOM   752  C  "C5'" . A   C 3 10 ? 9.754   -5.544  -7.922  1.00 78.16  ? 24 A   C "C5'" 1 
ATOM   753  C  "C4'" . A   C 3 10 ? 9.070   -6.264  -6.793  1.00 81.40  ? 24 A   C "C4'" 1 
ATOM   754  O  "O4'" . A   C 3 10 ? 8.895   -5.349  -5.680  1.00 83.04  ? 24 A   C "O4'" 1 
ATOM   755  C  "C3'" . A   C 3 10 ? 7.670   -6.759  -7.101  1.00 80.10  ? 24 A   C "C3'" 1 
ATOM   756  O  "O3'" . A   C 3 10 ? 7.692   -8.021  -7.736  1.00 78.50  ? 24 A   C "O3'" 1 
ATOM   757  C  "C2'" . A   C 3 10 ? 7.044   -6.832  -5.719  1.00 80.95  ? 24 A   C "C2'" 1 
ATOM   758  O  "O2'" . A   C 3 10 ? 7.427   -7.994  -5.011  1.00 79.20  ? 24 A   C "O2'" 1 
ATOM   759  C  "C1'" . A   C 3 10 ? 7.639   -5.583  -5.068  1.00 79.63  ? 24 A   C "C1'" 1 
ATOM   760  N  N9    . A   C 3 10 ? 6.816   -4.408  -5.328  1.00 77.97  ? 24 A   C N9    1 
ATOM   761  C  C8    . A   C 3 10 ? 7.034   -3.422  -6.264  1.00 78.96  ? 24 A   C C8    1 
ATOM   762  N  N7    . A   C 3 10 ? 6.133   -2.469  -6.250  1.00 78.66  ? 24 A   C N7    1 
ATOM   763  C  C5    . A   C 3 10 ? 5.253   -2.859  -5.243  1.00 76.93  ? 24 A   C C5    1 
ATOM   764  C  C6    . A   C 3 10 ? 4.078   -2.277  -4.722  1.00 75.94  ? 24 A   C C6    1 
ATOM   765  N  N6    . A   C 3 10 ? 3.554   -1.132  -5.156  1.00 74.01  ? 24 A   C N6    1 
ATOM   766  N  N1    . A   C 3 10 ? 3.453   -2.926  -3.720  1.00 75.03  ? 24 A   C N1    1 
ATOM   767  C  C2    . A   C 3 10 ? 3.975   -4.080  -3.276  1.00 74.53  ? 24 A   C C2    1 
ATOM   768  N  N3    . A   C 3 10 ? 5.061   -4.727  -3.681  1.00 75.70  ? 24 A   C N3    1 
ATOM   769  C  C4    . A   C 3 10 ? 5.663   -4.055  -4.675  1.00 77.81  ? 24 A   C C4    1 
ATOM   770  P  P     . C   C 3 11 ? 6.554   -8.376  -8.801  1.00 82.68  ? 25 C   C P     1 
ATOM   771  O  OP1   . C   C 3 11 ? 6.898   -9.691  -9.401  1.00 79.84  ? 25 C   C OP1   1 
ATOM   772  O  OP2   . C   C 3 11 ? 6.369   -7.187  -9.671  1.00 77.57  ? 25 C   C OP2   1 
ATOM   773  O  "O5'" . C   C 3 11 ? 5.240   -8.543  -7.919  1.00 80.45  ? 25 C   C "O5'" 1 
ATOM   774  C  "C5'" . C   C 3 11 ? 5.152   -9.566  -6.935  1.00 80.13  ? 25 C   C "C5'" 1 
ATOM   775  C  "C4'" . C   C 3 11 ? 3.912   -9.376  -6.099  1.00 77.17  ? 25 C   C "C4'" 1 
ATOM   776  O  "O4'" . C   C 3 11 ? 4.014   -8.116  -5.404  1.00 79.68  ? 25 C   C "O4'" 1 
ATOM   777  C  "C3'" . C   C 3 11 ? 2.604   -9.281  -6.862  1.00 77.85  ? 25 C   C "C3'" 1 
ATOM   778  O  "O3'" . C   C 3 11 ? 2.070   -10.571 -7.056  1.00 77.20  ? 25 C   C "O3'" 1 
ATOM   779  C  "C2'" . C   C 3 11 ? 1.730   -8.508  -5.899  1.00 76.98  ? 25 C   C "C2'" 1 
ATOM   780  O  "O2'" . C   C 3 11 ? 1.228   -9.330  -4.873  1.00 81.94  ? 25 C   C "O2'" 1 
ATOM   781  C  "C1'" . C   C 3 11 ? 2.737   -7.528  -5.313  1.00 76.15  ? 25 C   C "C1'" 1 
ATOM   782  N  N1    . C   C 3 11 ? 2.756   -6.261  -6.036  1.00 73.77  ? 25 C   C N1    1 
ATOM   783  C  C2    . C   C 3 11 ? 1.737   -5.367  -5.785  1.00 74.72  ? 25 C   C C2    1 
ATOM   784  O  O2    . C   C 3 11 ? 0.872   -5.692  -4.973  1.00 76.44  ? 25 C   C O2    1 
ATOM   785  N  N3    . C   C 3 11 ? 1.708   -4.179  -6.426  1.00 74.52  ? 25 C   C N3    1 
ATOM   786  C  C4    . C   C 3 11 ? 2.660   -3.886  -7.313  1.00 73.27  ? 25 C   C C4    1 
ATOM   787  N  N4    . C   C 3 11 ? 2.583   -2.712  -7.940  1.00 72.85  ? 25 C   C N4    1 
ATOM   788  C  C5    . C   C 3 11 ? 3.731   -4.791  -7.596  1.00 74.95  ? 25 C   C C5    1 
ATOM   789  C  C6    . C   C 3 11 ? 3.738   -5.958  -6.938  1.00 72.37  ? 25 C   C C6    1 
ATOM   790  P  P     . A   C 3 12 ? 1.020   -10.819 -8.235  1.00 83.80  ? 26 A   C P     1 
ATOM   791  O  OP1   . A   C 3 12 ? 0.693   -12.260 -8.205  1.00 81.19  ? 26 A   C OP1   1 
ATOM   792  O  OP2   . A   C 3 12 ? 1.517   -10.192 -9.477  1.00 84.58  ? 26 A   C OP2   1 
ATOM   793  O  "O5'" . A   C 3 12 ? -0.271  -10.023 -7.784  1.00 78.85  ? 26 A   C "O5'" 1 
ATOM   794  C  "C5'" . A   C 3 12 ? -1.021  -10.484 -6.682  1.00 78.24  ? 26 A   C "C5'" 1 
ATOM   795  C  "C4'" . A   C 3 12 ? -2.138  -9.538  -6.402  1.00 75.34  ? 26 A   C "C4'" 1 
ATOM   796  O  "O4'" . A   C 3 12 ? -1.572  -8.250  -6.099  1.00 73.66  ? 26 A   C "O4'" 1 
ATOM   797  C  "C3'" . A   C 3 12 ? -2.990  -9.255  -7.609  1.00 76.20  ? 26 A   C "C3'" 1 
ATOM   798  O  "O3'" . A   C 3 12 ? -3.972  -10.243 -7.762  1.00 81.24  ? 26 A   C "O3'" 1 
ATOM   799  C  "C2'" . A   C 3 12 ? -3.586  -7.901  -7.280  1.00 73.78  ? 26 A   C "C2'" 1 
ATOM   800  O  "O2'" . A   C 3 12 ? -4.636  -7.949  -6.344  1.00 72.87  ? 26 A   C "O2'" 1 
ATOM   801  C  "C1'" . A   C 3 12 ? -2.395  -7.227  -6.620  1.00 71.68  ? 26 A   C "C1'" 1 
ATOM   802  N  N9    . A   C 3 12 ? -1.605  -6.483  -7.587  1.00 71.50  ? 26 A   C N9    1 
ATOM   803  C  C8    . A   C 3 12 ? -0.447  -6.877  -8.203  1.00 71.73  ? 26 A   C C8    1 
ATOM   804  N  N7    . A   C 3 12 ? 0.051   -5.976  -9.016  1.00 71.07  ? 26 A   C N7    1 
ATOM   805  C  C5    . A   C 3 12 ? -0.844  -4.916  -8.927  1.00 69.84  ? 26 A   C C5    1 
ATOM   806  C  C6    . A   C 3 12 ? -0.883  -3.642  -9.538  1.00 71.12  ? 26 A   C C6    1 
ATOM   807  N  N6    . A   C 3 12 ? 0.044   -3.198  -10.390 1.00 71.35  ? 26 A   C N6    1 
ATOM   808  N  N1    . A   C 3 12 ? -1.923  -2.832  -9.235  1.00 71.49  ? 26 A   C N1    1 
ATOM   809  C  C2    . A   C 3 12 ? -2.852  -3.278  -8.376  1.00 70.96  ? 26 A   C C2    1 
ATOM   810  N  N3    . A   C 3 12 ? -2.919  -4.443  -7.734  1.00 70.38  ? 26 A   C N3    1 
ATOM   811  C  C4    . A   C 3 12 ? -1.875  -5.223  -8.059  1.00 68.93  ? 26 A   C C4    1 
ATOM   812  P  P     . C   C 3 13 ? -4.488  -10.595 -9.227  1.00 85.74  ? 27 C   C P     1 
ATOM   813  O  OP1   . C   C 3 13 ? -5.489  -11.678 -9.081  1.00 81.78  ? 27 C   C OP1   1 
ATOM   814  O  OP2   . C   C 3 13 ? -3.271  -10.808 -10.052 1.00 79.29  ? 27 C   C OP2   1 
ATOM   815  O  "O5'" . C   C 3 13 ? -5.241  -9.268  -9.688  1.00 76.12  ? 27 C   C "O5'" 1 
ATOM   816  C  "C5'" . C   C 3 13 ? -6.432  -8.868  -9.025  1.00 70.65  ? 27 C   C "C5'" 1 
ATOM   817  C  "C4'" . C   C 3 13 ? -6.828  -7.468  -9.426  1.00 70.23  ? 27 C   C "C4'" 1 
ATOM   818  O  "O4'" . C   C 3 13 ? -5.729  -6.570  -9.116  1.00 77.43  ? 27 C   C "O4'" 1 
ATOM   819  C  "C3'" . C   C 3 13 ? -7.041  -7.250  -10.916 1.00 73.18  ? 27 C   C "C3'" 1 
ATOM   820  O  "O3'" . C   C 3 13 ? -8.351  -7.599  -11.330 1.00 82.03  ? 27 C   C "O3'" 1 
ATOM   821  C  "C2'" . C   C 3 13 ? -6.828  -5.752  -11.055 1.00 74.02  ? 27 C   C "C2'" 1 
ATOM   822  O  "O2'" . C   C 3 13 ? -7.972  -4.992  -10.707 1.00 69.70  ? 27 C   C "O2'" 1 
ATOM   823  C  "C1'" . C   C 3 13 ? -5.682  -5.520  -10.075 1.00 73.85  ? 27 C   C "C1'" 1 
ATOM   824  N  N1    . C   C 3 13 ? -4.376  -5.525  -10.757 1.00 75.13  ? 27 C   C N1    1 
ATOM   825  C  C2    . C   C 3 13 ? -3.920  -4.337  -11.357 1.00 73.85  ? 27 C   C C2    1 
ATOM   826  O  O2    . C   C 3 13 ? -4.618  -3.311  -11.263 1.00 73.22  ? 27 C   C O2    1 
ATOM   827  N  N3    . C   C 3 13 ? -2.732  -4.339  -12.016 1.00 73.10  ? 27 C   C N3    1 
ATOM   828  C  C4    . C   C 3 13 ? -2.000  -5.460  -12.073 1.00 72.54  ? 27 C   C C4    1 
ATOM   829  N  N4    . C   C 3 13 ? -0.828  -5.414  -12.717 1.00 71.63  ? 27 C   C N4    1 
ATOM   830  C  C5    . C   C 3 13 ? -2.436  -6.676  -11.466 1.00 73.34  ? 27 C   C C5    1 
ATOM   831  C  C6    . C   C 3 13 ? -3.619  -6.664  -10.826 1.00 72.28  ? 27 C   C C6    1 
ATOM   832  P  P     . A   C 3 14 ? -8.596  -8.136  -12.822 1.00 78.65  ? 28 A   C P     1 
ATOM   833  O  OP1   . A   C 3 14 ? -9.944  -8.761  -12.866 1.00 81.48  ? 28 A   C OP1   1 
ATOM   834  O  OP2   . A   C 3 14 ? -7.404  -8.927  -13.224 1.00 78.97  ? 28 A   C OP2   1 
ATOM   835  O  "O5'" . A   C 3 14 ? -8.658  -6.804  -13.680 1.00 70.75  ? 28 A   C "O5'" 1 
ATOM   836  C  "C5'" . A   C 3 14 ? -9.716  -5.894  -13.470 1.00 74.88  ? 28 A   C "C5'" 1 
ATOM   837  C  "C4'" . A   C 3 14 ? -9.479  -4.646  -14.256 1.00 81.39  ? 28 A   C "C4'" 1 
ATOM   838  O  "O4'" . A   C 3 14 ? -8.274  -4.009  -13.769 1.00 83.80  ? 28 A   C "O4'" 1 
ATOM   839  C  "C3'" . A   C 3 14 ? -9.202  -4.867  -15.728 1.00 81.58  ? 28 A   C "C3'" 1 
ATOM   840  O  "O3'" . A   C 3 14 ? -10.398 -5.002  -16.469 1.00 83.83  ? 28 A   C "O3'" 1 
ATOM   841  C  "C2'" . A   C 3 14 ? -8.438  -3.605  -16.097 1.00 82.06  ? 28 A   C "C2'" 1 
ATOM   842  O  "O2'" . A   C 3 14 ? -9.289  -2.487  -16.241 1.00 79.23  ? 28 A   C "O2'" 1 
ATOM   843  C  "C1'" . A   C 3 14 ? -7.575  -3.413  -14.852 1.00 82.65  ? 28 A   C "C1'" 1 
ATOM   844  N  N9    . A   C 3 14 ? -6.280  -4.082  -14.984 1.00 80.27  ? 28 A   C N9    1 
ATOM   845  C  C8    . A   C 3 14 ? -5.948  -5.346  -14.560 1.00 80.06  ? 28 A   C C8    1 
ATOM   846  N  N7    . A   C 3 14 ? -4.700  -5.675  -14.807 1.00 79.22  ? 28 A   C N7    1 
ATOM   847  C  C5    . A   C 3 14 ? -4.171  -4.552  -15.435 1.00 77.82  ? 28 A   C C5    1 
ATOM   848  C  C6    . A   C 3 14 ? -2.886  -4.259  -15.943 1.00 76.18  ? 28 A   C C6    1 
ATOM   849  N  N6    . A   C 3 14 ? -1.853  -5.099  -15.891 1.00 73.59  ? 28 A   C N6    1 
ATOM   850  N  N1    . A   C 3 14 ? -2.697  -3.048  -16.511 1.00 76.89  ? 28 A   C N1    1 
ATOM   851  C  C2    . A   C 3 14 ? -3.728  -2.193  -16.562 1.00 77.31  ? 28 A   C C2    1 
ATOM   852  N  N3    . A   C 3 14 ? -4.975  -2.348  -16.118 1.00 77.50  ? 28 A   C N3    1 
ATOM   853  C  C4    . A   C 3 14 ? -5.135  -3.565  -15.557 1.00 78.34  ? 28 A   C C4    1 
ATOM   854  P  P     . C   C 3 15 ? -10.398 -5.881  -17.806 1.00 86.65  ? 29 C   C P     1 
ATOM   855  O  OP1   . C   C 3 15 ? -11.810 -5.918  -18.260 1.00 89.04  ? 29 C   C OP1   1 
ATOM   856  O  OP2   . C   C 3 15 ? -9.684  -7.146  -17.522 1.00 83.24  ? 29 C   C OP2   1 
ATOM   857  O  "O5'" . C   C 3 15 ? -9.537  -5.019  -18.834 1.00 85.44  ? 29 C   C "O5'" 1 
ATOM   858  C  "C5'" . C   C 3 15 ? -10.071 -3.816  -19.363 1.00 86.77  ? 29 C   C "C5'" 1 
ATOM   859  C  "C4'" . C   C 3 15 ? -9.022  -3.032  -20.118 1.00 86.87  ? 29 C   C "C4'" 1 
ATOM   860  O  "O4'" . C   C 3 15 ? -7.934  -2.685  -19.220 1.00 92.95  ? 29 C   C "O4'" 1 
ATOM   861  C  "C3'" . C   C 3 15 ? -8.334  -3.758  -21.261 1.00 85.39  ? 29 C   C "C3'" 1 
ATOM   862  O  "O3'" . C   C 3 15 ? -9.101  -3.692  -22.449 1.00 82.11  ? 29 C   C "O3'" 1 
ATOM   863  C  "C2'" . C   C 3 15 ? -7.043  -2.970  -21.399 1.00 89.50  ? 29 C   C "C2'" 1 
ATOM   864  O  "O2'" . C   C 3 15 ? -7.232  -1.763  -22.102 1.00 88.88  ? 29 C   C "O2'" 1 
ATOM   865  C  "C1'" . C   C 3 15 ? -6.711  -2.682  -19.937 1.00 91.37  ? 29 C   C "C1'" 1 
ATOM   866  N  N1    . C   C 3 15 ? -5.861  -3.753  -19.426 1.00 90.49  ? 29 C   C N1    1 
ATOM   867  C  C2    . C   C 3 15 ? -4.494  -3.694  -19.690 1.00 90.04  ? 29 C   C C2    1 
ATOM   868  O  O2    . C   C 3 15 ? -4.044  -2.693  -20.277 1.00 90.34  ? 29 C   C O2    1 
ATOM   869  N  N3    . C   C 3 15 ? -3.701  -4.716  -19.299 1.00 89.34  ? 29 C   C N3    1 
ATOM   870  C  C4    . C   C 3 15 ? -4.232  -5.757  -18.653 1.00 89.50  ? 29 C   C C4    1 
ATOM   871  N  N4    . C   C 3 15 ? -3.421  -6.753  -18.303 1.00 88.33  ? 29 C   C N4    1 
ATOM   872  C  C5    . C   C 3 15 ? -5.621  -5.822  -18.340 1.00 90.08  ? 29 C   C C5    1 
ATOM   873  C  C6    . C   C 3 15 ? -6.390  -4.807  -18.738 1.00 89.04  ? 29 C   C C6    1 
ATOM   874  P  P     . G   C 3 16 ? -8.897  -4.805  -23.587 1.00 80.29  ? 30 G   C P     1 
ATOM   875  O  OP1   . G   C 3 16 ? -9.909  -4.530  -24.629 1.00 83.23  ? 30 G   C OP1   1 
ATOM   876  O  OP2   . G   C 3 16 ? -8.806  -6.159  -22.991 1.00 71.69  ? 30 G   C OP2   1 
ATOM   877  O  "O5'" . G   C 3 16 ? -7.468  -4.456  -24.177 1.00 81.40  ? 30 G   C "O5'" 1 
ATOM   878  C  "C5'" . G   C 3 16 ? -7.227  -3.195  -24.771 1.00 83.13  ? 30 G   C "C5'" 1 
ATOM   879  C  "C4'" . G   C 3 16 ? -5.826  -3.150  -25.317 1.00 86.04  ? 30 G   C "C4'" 1 
ATOM   880  O  "O4'" . G   C 3 16 ? -4.890  -3.055  -24.214 1.00 90.24  ? 30 G   C "O4'" 1 
ATOM   881  C  "C3'" . G   C 3 16 ? -5.391  -4.405  -26.054 1.00 87.22  ? 30 G   C "C3'" 1 
ATOM   882  O  "O3'" . G   C 3 16 ? -5.841  -4.458  -27.401 1.00 85.29  ? 30 G   C "O3'" 1 
ATOM   883  C  "C2'" . G   C 3 16 ? -3.883  -4.310  -25.948 1.00 90.19  ? 30 G   C "C2'" 1 
ATOM   884  O  "O2'" . G   C 3 16 ? -3.380  -3.344  -26.846 1.00 88.75  ? 30 G   C "O2'" 1 
ATOM   885  C  "C1'" . G   C 3 16 ? -3.728  -3.802  -24.514 1.00 90.55  ? 30 G   C "C1'" 1 
ATOM   886  N  N9    . G   C 3 16 ? -3.635  -4.915  -23.569 1.00 90.96  ? 30 G   C N9    1 
ATOM   887  C  C8    . G   C 3 16 ? -4.650  -5.471  -22.826 1.00 92.60  ? 30 G   C C8    1 
ATOM   888  N  N7    . G   C 3 16 ? -4.260  -6.489  -22.106 1.00 95.11  ? 30 G   C N7    1 
ATOM   889  C  C5    . G   C 3 16 ? -2.904  -6.606  -22.379 1.00 94.88  ? 30 G   C C5    1 
ATOM   890  C  C6    . G   C 3 16 ? -1.949  -7.533  -21.899 1.00 95.32  ? 30 G   C C6    1 
ATOM   891  O  O6    . G   C 3 16 ? -2.112  -8.464  -21.114 1.00 94.83  ? 30 G   C O6    1 
ATOM   892  N  N1    . G   C 3 16 ? -0.695  -7.297  -22.434 1.00 93.23  ? 30 G   C N1    1 
ATOM   893  C  C2    . G   C 3 16 ? -0.396  -6.302  -23.316 1.00 94.13  ? 30 G   C C2    1 
ATOM   894  N  N2    . G   C 3 16 ? 0.873   -6.253  -23.715 1.00 97.07  ? 30 G   C N2    1 
ATOM   895  N  N3    . G   C 3 16 ? -1.272  -5.426  -23.775 1.00 92.97  ? 30 G   C N3    1 
ATOM   896  C  C4    . G   C 3 16 ? -2.500  -5.636  -23.270 1.00 92.78  ? 30 G   C C4    1 
ATOM   897  P  P     . A   C 3 17 ? -5.791  -5.852  -28.199 1.00 86.17  ? 31 A   C P     1 
ATOM   898  O  OP1   . A   C 3 17 ? -6.424  -5.629  -29.519 1.00 89.48  ? 31 A   C OP1   1 
ATOM   899  O  OP2   . A   C 3 17 ? -6.305  -6.936  -27.313 1.00 81.62  ? 31 A   C OP2   1 
ATOM   900  O  "O5'" . A   C 3 17 ? -4.235  -6.071  -28.443 1.00 85.98  ? 31 A   C "O5'" 1 
ATOM   901  C  "C5'" . A   C 3 17 ? -3.761  -7.285  -29.001 1.00 92.96  ? 31 A   C "C5'" 1 
ATOM   902  C  "C4'" . A   C 3 17 ? -2.278  -7.430  -28.772 1.00 96.16  ? 31 A   C "C4'" 1 
ATOM   903  O  "O4'" . A   C 3 17 ? -1.927  -6.978  -27.443 1.00 99.98  ? 31 A   C "O4'" 1 
ATOM   904  C  "C3'" . A   C 3 17 ? -1.755  -8.850  -28.850 1.00 98.66  ? 31 A   C "C3'" 1 
ATOM   905  O  "O3'" . A   C 3 17 ? -1.688  -9.368  -30.170 1.00 100.68 ? 31 A   C "O3'" 1 
ATOM   906  C  "C2'" . A   C 3 17 ? -0.485  -8.772  -28.018 1.00 100.18 ? 31 A   C "C2'" 1 
ATOM   907  O  "O2'" . A   C 3 17 ? 0.588   -8.175  -28.726 1.00 100.97 ? 31 A   C "O2'" 1 
ATOM   908  C  "C1'" . A   C 3 17 ? -0.944  -7.844  -26.890 1.00 99.76  ? 31 A   C "C1'" 1 
ATOM   909  N  N9    . A   C 3 17 ? -1.592  -8.593  -25.806 1.00 98.98  ? 31 A   C N9    1 
ATOM   910  C  C8    . A   C 3 17 ? -2.905  -8.479  -25.410 1.00 99.50  ? 31 A   C C8    1 
ATOM   911  N  N7    . A   C 3 17 ? -3.230  -9.271  -24.418 1.00 98.69  ? 31 A   C N7    1 
ATOM   912  C  C5    . A   C 3 17 ? -2.058  -9.958  -24.145 1.00 97.57  ? 31 A   C C5    1 
ATOM   913  C  C6    . A   C 3 17 ? -1.759  -10.948 -23.215 1.00 96.28  ? 31 A   C C6    1 
ATOM   914  N  N6    . A   C 3 17 ? -2.654  -11.457 -22.375 1.00 94.45  ? 31 A   C N6    1 
ATOM   915  N  N1    . A   C 3 17 ? -0.499  -11.418 -23.184 1.00 98.01  ? 31 A   C N1    1 
ATOM   916  C  C2    . A   C 3 17 ? 0.388   -10.926 -24.052 1.00 99.31  ? 31 A   C C2    1 
ATOM   917  N  N3    . A   C 3 17 ? 0.221   -10.004 -24.991 1.00 100.37 ? 31 A   C N3    1 
ATOM   918  C  C4    . A   C 3 17 ? -1.041  -9.550  -24.985 1.00 98.82  ? 31 A   C C4    1 
ATOM   919  O  "O5'" . U   D 4 1  ? 3.554   -16.380 -16.707 1.00 89.58  ? 31 U   D "O5'" 1 
ATOM   920  C  "C5'" . U   D 4 1  ? 4.089   -15.050 -16.769 1.00 87.97  ? 31 U   D "C5'" 1 
ATOM   921  C  "C4'" . U   D 4 1  ? 4.894   -14.863 -18.032 1.00 89.87  ? 31 U   D "C4'" 1 
ATOM   922  O  "O4'" . U   D 4 1  ? 4.213   -15.527 -19.125 1.00 91.29  ? 31 U   D "O4'" 1 
ATOM   923  C  "C3'" . U   D 4 1  ? 5.068   -13.413 -18.452 1.00 89.76  ? 31 U   D "C3'" 1 
ATOM   924  O  "O3'" . U   D 4 1  ? 6.304   -12.922 -17.961 1.00 87.87  ? 31 U   D "O3'" 1 
ATOM   925  C  "C2'" . U   D 4 1  ? 5.093   -13.506 -19.967 1.00 90.36  ? 31 U   D "C2'" 1 
ATOM   926  O  "O2'" . U   D 4 1  ? 6.388   -13.850 -20.421 1.00 94.31  ? 31 U   D "O2'" 1 
ATOM   927  C  "C1'" . U   D 4 1  ? 4.086   -14.639 -20.215 1.00 92.72  ? 31 U   D "C1'" 1 
ATOM   928  N  N1    . U   D 4 1  ? 2.667   -14.240 -20.271 1.00 93.85  ? 31 U   D N1    1 
ATOM   929  C  C2    . U   D 4 1  ? 2.279   -13.272 -21.179 1.00 93.85  ? 31 U   D C2    1 
ATOM   930  O  O2    . U   D 4 1  ? 3.046   -12.768 -21.982 1.00 97.60  ? 31 U   D O2    1 
ATOM   931  N  N3    . U   D 4 1  ? 0.955   -12.917 -21.113 1.00 90.37  ? 31 U   D N3    1 
ATOM   932  C  C4    . U   D 4 1  ? 0.000   -13.426 -20.260 1.00 88.23  ? 31 U   D C4    1 
ATOM   933  O  O4    . U   D 4 1  ? -1.106  -12.896 -20.212 1.00 85.96  ? 31 U   D O4    1 
ATOM   934  C  C5    . U   D 4 1  ? 0.467   -14.451 -19.390 1.00 88.94  ? 31 U   D C5    1 
ATOM   935  C  C6    . U   D 4 1  ? 1.748   -14.812 -19.419 1.00 91.66  ? 31 U   D C6    1 
ATOM   936  P  P     . C   D 4 2  ? 6.365   -11.485 -17.256 1.00 90.30  ? 32 C   D P     1 
ATOM   937  O  OP1   . C   D 4 2  ? 7.670   -11.381 -16.557 1.00 90.73  ? 32 C   D OP1   1 
ATOM   938  O  OP2   . C   D 4 2  ? 5.093   -11.283 -16.504 1.00 85.04  ? 32 C   D OP2   1 
ATOM   939  O  "O5'" . C   D 4 2  ? 6.428   -10.473 -18.473 1.00 88.83  ? 32 C   D "O5'" 1 
ATOM   940  C  "C5'" . C   D 4 2  ? 7.481   -10.564 -19.406 1.00 88.56  ? 32 C   D "C5'" 1 
ATOM   941  C  "C4'" . C   D 4 2  ? 7.096   -9.849  -20.656 1.00 89.53  ? 32 C   D "C4'" 1 
ATOM   942  O  "O4'" . C   D 4 2  ? 5.964   -10.529 -21.253 1.00 87.65  ? 32 C   D "O4'" 1 
ATOM   943  C  "C3'" . C   D 4 2  ? 6.577   -8.448  -20.418 1.00 87.20  ? 32 C   D "C3'" 1 
ATOM   944  O  "O3'" . C   D 4 2  ? 7.631   -7.512  -20.356 1.00 86.43  ? 32 C   D "O3'" 1 
ATOM   945  C  "C2'" . C   D 4 2  ? 5.780   -8.215  -21.678 1.00 88.60  ? 32 C   D "C2'" 1 
ATOM   946  O  "O2'" . C   D 4 2  ? 6.651   -7.998  -22.761 1.00 87.25  ? 32 C   D "O2'" 1 
ATOM   947  C  "C1'" . C   D 4 2  ? 5.110   -9.571  -21.851 1.00 90.14  ? 32 C   D "C1'" 1 
ATOM   948  N  N1    . C   D 4 2  ? 3.789   -9.620  -21.206 1.00 90.88  ? 32 C   D N1    1 
ATOM   949  C  C2    . C   D 4 2  ? 2.772   -8.802  -21.710 1.00 92.70  ? 32 C   D C2    1 
ATOM   950  O  O2    . C   D 4 2  ? 3.027   -8.044  -22.652 1.00 96.56  ? 32 C   D O2    1 
ATOM   951  N  N3    . C   D 4 2  ? 1.541   -8.849  -21.155 1.00 93.33  ? 32 C   D N3    1 
ATOM   952  C  C4    . C   D 4 2  ? 1.306   -9.662  -20.130 1.00 92.48  ? 32 C   D C4    1 
ATOM   953  N  N4    . C   D 4 2  ? 0.076   -9.672  -19.619 1.00 94.15  ? 32 C   D N4    1 
ATOM   954  C  C5    . C   D 4 2  ? 2.322   -10.499 -19.583 1.00 92.20  ? 32 C   D C5    1 
ATOM   955  C  C6    . C   D 4 2  ? 3.541   -10.445 -20.147 1.00 92.09  ? 32 C   D C6    1 
ATOM   956  P  P     . G   D 4 3  ? 7.458   -6.204  -19.456 1.00 90.94  ? 33 G   D P     1 
ATOM   957  O  OP1   . G   D 4 3  ? 8.779   -5.556  -19.318 1.00 90.63  ? 33 G   D OP1   1 
ATOM   958  O  OP2   . G   D 4 3  ? 6.716   -6.653  -18.249 1.00 86.04  ? 33 G   D OP2   1 
ATOM   959  O  "O5'" . G   D 4 3  ? 6.550   -5.226  -20.320 1.00 91.12  ? 33 G   D "O5'" 1 
ATOM   960  C  "C5'" . G   D 4 3  ? 7.077   -4.538  -21.450 1.00 89.07  ? 33 G   D "C5'" 1 
ATOM   961  C  "C4'" . G   D 4 3  ? 5.988   -3.731  -22.097 1.00 85.23  ? 33 G   D "C4'" 1 
ATOM   962  O  "O4'" . G   D 4 3  ? 4.889   -4.611  -22.418 1.00 88.70  ? 33 G   D "O4'" 1 
ATOM   963  C  "C3'" . G   D 4 3  ? 5.386   -2.712  -21.164 1.00 84.67  ? 33 G   D "C3'" 1 
ATOM   964  O  "O3'" . G   D 4 3  ? 6.092   -1.517  -21.317 1.00 82.58  ? 33 G   D "O3'" 1 
ATOM   965  C  "C2'" . G   D 4 3  ? 3.969   -2.556  -21.680 1.00 85.46  ? 33 G   D "C2'" 1 
ATOM   966  O  "O2'" . G   D 4 3  ? 3.898   -1.718  -22.806 1.00 87.56  ? 33 G   D "O2'" 1 
ATOM   967  C  "C1'" . G   D 4 3  ? 3.663   -3.972  -22.134 1.00 87.83  ? 33 G   D "C1'" 1 
ATOM   968  N  N9    . G   D 4 3  ? 2.959   -4.768  -21.142 1.00 89.48  ? 33 G   D N9    1 
ATOM   969  C  C8    . G   D 4 3  ? 3.467   -5.810  -20.406 1.00 90.39  ? 33 G   D C8    1 
ATOM   970  N  N7    . G   D 4 3  ? 2.575   -6.377  -19.643 1.00 92.27  ? 33 G   D N7    1 
ATOM   971  C  C5    . G   D 4 3  ? 1.414   -5.653  -19.877 1.00 91.05  ? 33 G   D C5    1 
ATOM   972  C  C6    . G   D 4 3  ? 0.129   -5.809  -19.342 1.00 90.51  ? 33 G   D C6    1 
ATOM   973  O  O6    . G   D 4 3  ? -0.258  -6.647  -18.529 1.00 91.32  ? 33 G   D O6    1 
ATOM   974  N  N1    . G   D 4 3  ? -0.756  -4.863  -19.846 1.00 88.61  ? 33 G   D N1    1 
ATOM   975  C  C2    . G   D 4 3  ? -0.434  -3.888  -20.748 1.00 87.70  ? 33 G   D C2    1 
ATOM   976  N  N2    . G   D 4 3  ? -1.426  -3.077  -21.103 1.00 88.37  ? 33 G   D N2    1 
ATOM   977  N  N3    . G   D 4 3  ? 0.771   -3.727  -21.261 1.00 89.31  ? 33 G   D N3    1 
ATOM   978  C  C4    . G   D 4 3  ? 1.641   -4.644  -20.786 1.00 90.76  ? 33 G   D C4    1 
ATOM   979  P  P     . U   D 4 4  ? 6.092   -0.470  -20.125 1.00 89.56  ? 34 U   D P     1 
ATOM   980  O  OP1   . U   D 4 4  ? 7.031   0.627   -20.474 1.00 90.83  ? 34 U   D OP1   1 
ATOM   981  O  OP2   . U   D 4 4  ? 6.315   -1.282  -18.912 1.00 88.05  ? 34 U   D OP2   1 
ATOM   982  O  "O5'" . U   D 4 4  ? 4.606   0.103   -20.119 1.00 88.87  ? 34 U   D "O5'" 1 
ATOM   983  C  "C5'" . U   D 4 4  ? 4.216   1.081   -21.073 1.00 88.18  ? 34 U   D "C5'" 1 
ATOM   984  C  "C4'" . U   D 4 4  ? 2.738   1.345   -20.982 1.00 87.77  ? 34 U   D "C4'" 1 
ATOM   985  O  "O4'" . U   D 4 4  ? 2.023   0.100   -21.173 1.00 88.68  ? 34 U   D "O4'" 1 
ATOM   986  C  "C3'" . U   D 4 4  ? 2.223   1.856   -19.652 1.00 89.16  ? 34 U   D "C3'" 1 
ATOM   987  O  "O3'" . U   D 4 4  ? 2.405   3.254   -19.553 1.00 91.42  ? 34 U   D "O3'" 1 
ATOM   988  C  "C2'" . U   D 4 4  ? 0.751   1.496   -19.739 1.00 87.72  ? 34 U   D "C2'" 1 
ATOM   989  O  "O2'" . U   D 4 4  ? 0.005   2.382   -20.538 1.00 88.56  ? 34 U   D "O2'" 1 
ATOM   990  C  "C1'" . U   D 4 4  ? 0.820   0.141   -20.436 1.00 87.35  ? 34 U   D "C1'" 1 
ATOM   991  N  N1    . U   D 4 4  ? 0.850   -0.929  -19.442 1.00 87.09  ? 34 U   D N1    1 
ATOM   992  C  C2    . U   D 4 4  ? -0.303  -1.120  -18.727 1.00 88.08  ? 34 U   D C2    1 
ATOM   993  O  O2    . U   D 4 4  ? -1.299  -0.434  -18.904 1.00 86.16  ? 34 U   D O2    1 
ATOM   994  N  N3    . U   D 4 4  ? -0.251  -2.129  -17.800 1.00 89.83  ? 34 U   D N3    1 
ATOM   995  C  C4    . U   D 4 4  ? 0.825   -2.940  -17.528 1.00 88.63  ? 34 U   D C4    1 
ATOM   996  O  O4    . U   D 4 4  ? 0.721   -3.804  -16.656 1.00 86.71  ? 34 U   D O4    1 
ATOM   997  C  C5    . U   D 4 4  ? 1.994   -2.670  -18.316 1.00 88.26  ? 34 U   D C5    1 
ATOM   998  C  C6    . U   D 4 4  ? 1.964   -1.698  -19.226 1.00 87.43  ? 34 U   D C6    1 
ATOM   999  P  P     . G   D 4 5  ? 2.516   3.935   -18.105 1.00 92.73  ? 35 G   D P     1 
ATOM   1000 O  OP1   . G   D 4 5  ? 2.809   5.381   -18.287 1.00 94.88  ? 35 G   D OP1   1 
ATOM   1001 O  OP2   . G   D 4 5  ? 3.415   3.097   -17.268 1.00 89.10  ? 35 G   D OP2   1 
ATOM   1002 O  "O5'" . G   D 4 5  ? 1.045   3.822   -17.510 1.00 90.70  ? 35 G   D "O5'" 1 
ATOM   1003 C  "C5'" . G   D 4 5  ? -0.050  4.443   -18.173 1.00 87.55  ? 35 G   D "C5'" 1 
ATOM   1004 C  "C4'" . G   D 4 5  ? -1.339  4.076   -17.487 1.00 86.19  ? 35 G   D "C4'" 1 
ATOM   1005 O  "O4'" . G   D 4 5  ? -1.509  2.636   -17.551 1.00 85.93  ? 35 G   D "O4'" 1 
ATOM   1006 C  "C3'" . G   D 4 5  ? -1.383  4.384   -16.002 1.00 83.86  ? 35 G   D "C3'" 1 
ATOM   1007 O  "O3'" . G   D 4 5  ? -1.793  5.734   -15.783 1.00 87.56  ? 35 G   D "O3'" 1 
ATOM   1008 C  "C2'" . G   D 4 5  ? -2.434  3.400   -15.495 1.00 83.09  ? 35 G   D "C2'" 1 
ATOM   1009 O  "O2'" . G   D 4 5  ? -3.753  3.880   -15.670 1.00 81.93  ? 35 G   D "O2'" 1 
ATOM   1010 C  "C1'" . G   D 4 5  ? -2.190  2.184   -16.394 1.00 83.29  ? 35 G   D "C1'" 1 
ATOM   1011 N  N9    . G   D 4 5  ? -1.400  1.113   -15.793 1.00 85.85  ? 35 G   D N9    1 
ATOM   1012 C  C8    . G   D 4 5  ? -0.070  0.853   -16.005 1.00 87.16  ? 35 G   D C8    1 
ATOM   1013 N  N7    . G   D 4 5  ? 0.351   -0.211  -15.373 1.00 86.96  ? 35 G   D N7    1 
ATOM   1014 C  C5    . G   D 4 5  ? -0.766  -0.672  -14.692 1.00 87.53  ? 35 G   D C5    1 
ATOM   1015 C  C6    . G   D 4 5  ? -0.926  -1.800  -13.844 1.00 89.19  ? 35 G   D C6    1 
ATOM   1016 O  O6    . G   D 4 5  ? -0.090  -2.658  -13.534 1.00 94.33  ? 35 G   D O6    1 
ATOM   1017 N  N1    . G   D 4 5  ? -2.218  -1.882  -13.345 1.00 88.37  ? 35 G   D N1    1 
ATOM   1018 C  C2    . G   D 4 5  ? -3.228  -0.999  -13.631 1.00 89.05  ? 35 G   D C2    1 
ATOM   1019 N  N2    . G   D 4 5  ? -4.399  -1.223  -13.029 1.00 91.02  ? 35 G   D N2    1 
ATOM   1020 N  N3    . G   D 4 5  ? -3.100  0.038   -14.439 1.00 88.21  ? 35 G   D N3    1 
ATOM   1021 C  C4    . G   D 4 5  ? -1.850  0.143   -14.927 1.00 86.32  ? 35 G   D C4    1 
ATOM   1022 P  P     . G   D 4 6  ? -1.388  6.486   -14.418 1.00 91.09  ? 36 G   D P     1 
ATOM   1023 O  OP1   . G   D 4 6  ? -1.364  7.937   -14.722 1.00 89.95  ? 36 G   D OP1   1 
ATOM   1024 O  OP2   . G   D 4 6  ? -0.172  5.830   -13.866 1.00 85.89  ? 36 G   D OP2   1 
ATOM   1025 O  "O5'" . G   D 4 6  ? -2.611  6.220   -13.428 1.00 88.97  ? 36 G   D "O5'" 1 
ATOM   1026 C  "C5'" . G   D 4 6  ? -3.949  6.452   -13.849 1.00 87.93  ? 36 G   D "C5'" 1 
ATOM   1027 C  "C4'" . G   D 4 6  ? -4.909  5.705   -12.963 1.00 89.49  ? 36 G   D "C4'" 1 
ATOM   1028 O  "O4'" . G   D 4 6  ? -4.450  4.345   -12.830 1.00 90.57  ? 36 G   D "O4'" 1 
ATOM   1029 C  "C3'" . G   D 4 6  ? -4.938  6.273   -11.551 1.00 92.30  ? 36 G   D "C3'" 1 
ATOM   1030 O  "O3'" . G   D 4 6  ? -6.282  6.271   -11.073 1.00 96.52  ? 36 G   D "O3'" 1 
ATOM   1031 C  "C2'" . G   D 4 6  ? -3.983  5.415   -10.729 1.00 90.51  ? 36 G   D "C2'" 1 
ATOM   1032 O  "O2'" . G   D 4 6  ? -4.482  5.165   -9.433  1.00 97.03  ? 36 G   D "O2'" 1 
ATOM   1033 C  "C1'" . G   D 4 6  ? -4.028  4.107   -11.510 1.00 87.44  ? 36 G   D "C1'" 1 
ATOM   1034 N  N9    . G   D 4 6  ? -2.873  3.226   -11.511 1.00 82.65  ? 36 G   D N9    1 
ATOM   1035 C  C8    . G   D 4 6  ? -1.586  3.498   -11.906 1.00 81.88  ? 36 G   D C8    1 
ATOM   1036 N  N7    . G   D 4 6  ? -0.791  2.463   -11.804 1.00 82.00  ? 36 G   D N7    1 
ATOM   1037 C  C5    . G   D 4 6  ? -1.605  1.456   -11.298 1.00 83.07  ? 36 G   D C5    1 
ATOM   1038 C  C6    . G   D 4 6  ? -1.309  0.099   -10.975 1.00 83.98  ? 36 G   D C6    1 
ATOM   1039 O  O6    . G   D 4 6  ? -0.230  -0.501  -11.082 1.00 84.59  ? 36 G   D O6    1 
ATOM   1040 N  N1    . G   D 4 6  ? -2.431  -0.566  -10.488 1.00 82.67  ? 36 G   D N1    1 
ATOM   1041 C  C2    . G   D 4 6  ? -3.672  -0.003  -10.335 1.00 81.88  ? 36 G   D C2    1 
ATOM   1042 N  N2    . G   D 4 6  ? -4.621  -0.794  -9.833  1.00 83.67  ? 36 G   D N2    1 
ATOM   1043 N  N3    . G   D 4 6  ? -3.962  1.249   -10.645 1.00 79.79  ? 36 G   D N3    1 
ATOM   1044 C  C4    . G   D 4 6  ? -2.890  1.915   -11.111 1.00 81.83  ? 36 G   D C4    1 
ATOM   1045 P  P     . U   D 4 7  ? -6.812  7.460   -10.153 1.00 99.72  ? 37 U   D P     1 
ATOM   1046 O  OP1   . U   D 4 7  ? -8.282  7.575   -10.277 1.00 98.26  ? 37 U   D OP1   1 
ATOM   1047 O  OP2   . U   D 4 7  ? -5.948  8.611   -10.489 1.00 96.51  ? 37 U   D OP2   1 
ATOM   1048 O  "O5'" . U   D 4 7  ? -6.550  6.993   -8.659  1.00 100.03 ? 37 U   D "O5'" 1 
ATOM   1049 C  "C5'" . U   D 4 7  ? -7.351  7.528   -7.623  1.00 98.27  ? 37 U   D "C5'" 1 
ATOM   1050 C  "C4'" . U   D 4 7  ? -7.469  6.556   -6.482  1.00 99.25  ? 37 U   D "C4'" 1 
ATOM   1051 O  "O4'" . U   D 4 7  ? -8.076  5.329   -6.961  1.00 102.53 ? 37 U   D "O4'" 1 
ATOM   1052 C  "C3'" . U   D 4 7  ? -6.097  6.160   -5.953  1.00 97.98  ? 37 U   D "C3'" 1 
ATOM   1053 O  "O3'" . U   D 4 7  ? -6.032  6.247   -4.544  1.00 96.98  ? 37 U   D "O3'" 1 
ATOM   1054 C  "C2'" . U   D 4 7  ? -5.761  4.811   -6.578  1.00 96.58  ? 37 U   D "C2'" 1 
ATOM   1055 O  "O2'" . U   D 4 7  ? -5.138  3.929   -5.664  1.00 99.19  ? 37 U   D "O2'" 1 
ATOM   1056 C  "C1'" . U   D 4 7  ? -7.155  4.266   -6.878  1.00 97.79  ? 37 U   D "C1'" 1 
ATOM   1057 N  N1    . U   D 4 7  ? -7.301  3.374   -8.030  1.00 99.30  ? 37 U   D N1    1 
ATOM   1058 C  C2    . U   D 4 7  ? -7.478  2.036   -7.743  1.00 99.53  ? 37 U   D C2    1 
ATOM   1059 O  O2    . U   D 4 7  ? -7.568  1.621   -6.601  1.00 100.81 ? 37 U   D O2    1 
ATOM   1060 N  N3    . U   D 4 7  ? -7.548  1.209   -8.834  1.00 100.20 ? 37 U   D N3    1 
ATOM   1061 C  C4    . U   D 4 7  ? -7.464  1.580   -10.163 1.00 101.24 ? 37 U   D C4    1 
ATOM   1062 O  O4    . U   D 4 7  ? -7.412  0.704   -11.034 1.00 101.99 ? 37 U   D O4    1 
ATOM   1063 C  C5    . U   D 4 7  ? -7.317  2.996   -10.378 1.00 101.60 ? 37 U   D C5    1 
ATOM   1064 C  C6    . U   D 4 7  ? -7.245  3.825   -9.326  1.00 99.94  ? 37 U   D C6    1 
ATOM   1065 P  P     . A   D 4 8  ? -4.736  6.844   -3.838  1.00 98.31  ? 38 A   D P     1 
ATOM   1066 O  OP1   . A   D 4 8  ? -4.939  6.636   -2.381  1.00 95.64  ? 38 A   D OP1   1 
ATOM   1067 O  OP2   . A   D 4 8  ? -4.511  8.210   -4.371  1.00 89.64  ? 38 A   D OP2   1 
ATOM   1068 O  "O5'" . A   D 4 8  ? -3.553  5.902   -4.332  1.00 93.96  ? 38 A   D "O5'" 1 
ATOM   1069 C  "C5'" . A   D 4 8  ? -2.198  6.326   -4.206  1.00 90.87  ? 38 A   D "C5'" 1 
ATOM   1070 C  "C4'" . A   D 4 8  ? -1.280  5.352   -4.897  1.00 87.75  ? 38 A   D "C4'" 1 
ATOM   1071 O  "O4'" . A   D 4 8  ? -1.073  4.155   -4.133  1.00 85.99  ? 38 A   D "O4'" 1 
ATOM   1072 C  "C3'" . A   D 4 8  ? -1.694  4.904   -6.304  1.00 89.83  ? 38 A   D "C3'" 1 
ATOM   1073 O  "O3'" . A   D 4 8  ? -0.780  5.497   -7.236  1.00 91.15  ? 38 A   D "O3'" 1 
ATOM   1074 C  "C2'" . A   D 4 8  ? -1.315  3.416   -6.371  1.00 88.82  ? 38 A   D "C2'" 1 
ATOM   1075 O  "O2'" . A   D 4 8  ? -0.406  3.130   -7.409  1.00 91.98  ? 38 A   D "O2'" 1 
ATOM   1076 C  "C1'" . A   D 4 8  ? -0.586  3.242   -5.048  1.00 85.68  ? 38 A   D "C1'" 1 
ATOM   1077 N  N9    . A   D 4 8  ? -0.169  1.983   -4.465  1.00 81.03  ? 38 A   D N9    1 
ATOM   1078 C  C8    . A   D 4 8  ? 1.115   1.508   -4.558  1.00 82.29  ? 38 A   D C8    1 
ATOM   1079 N  N7    . A   D 4 8  ? 1.293   0.345   -3.999  1.00 81.62  ? 38 A   D N7    1 
ATOM   1080 C  C5    . A   D 4 8  ? 0.042   0.034   -3.497  1.00 81.31  ? 38 A   D C5    1 
ATOM   1081 C  C6    . A   D 4 8  ? -0.422  -1.068  -2.792  1.00 83.24  ? 38 A   D C6    1 
ATOM   1082 N  N6    . A   D 4 8  ? 0.352   -2.104  -2.475  1.00 82.14  ? 38 A   D N6    1 
ATOM   1083 N  N1    . A   D 4 8  ? -1.724  -1.075  -2.422  1.00 85.46  ? 38 A   D N1    1 
ATOM   1084 C  C2    . A   D 4 8  ? -2.490  -0.023  -2.757  1.00 85.86  ? 38 A   D C2    1 
ATOM   1085 N  N3    . A   D 4 8  ? -2.160  1.077   -3.428  1.00 84.07  ? 38 A   D N3    1 
ATOM   1086 C  C4    . A   D 4 8  ? -0.866  1.041   -3.771  1.00 81.66  ? 38 A   D C4    1 
ATOM   1087 P  P     . C   D 4 9  ? -0.953  7.013   -7.734  1.00 97.10  ? 39 C   D P     1 
ATOM   1088 O  OP1   . C   D 4 9  ? -2.277  7.115   -8.397  1.00 101.54 ? 39 C   D OP1   1 
ATOM   1089 O  OP2   . C   D 4 9  ? 0.288   7.324   -8.506  1.00 93.21  ? 39 C   D OP2   1 
ATOM   1090 O  "O5'" . C   D 4 9  ? -0.970  7.908   -6.410  1.00 95.72  ? 39 C   D "O5'" 1 
ATOM   1091 C  "C5'" . C   D 4 9  ? 0.165   8.703   -6.042  1.00 94.55  ? 39 C   D "C5'" 1 
ATOM   1092 C  "C4'" . C   D 4 9  ? -0.251  9.953   -5.279  1.00 93.35  ? 39 C   D "C4'" 1 
ATOM   1093 O  "O4'" . C   D 4 9  ? -1.092  10.770  -6.133  1.00 95.36  ? 39 C   D "O4'" 1 
ATOM   1094 C  "C3'" . C   D 4 9  ? -1.102  9.621   -4.048  1.00 95.61  ? 39 C   D "C3'" 1 
ATOM   1095 O  "O3'" . C   D 4 9  ? -0.846  10.414  -2.897  1.00 94.33  ? 39 C   D "O3'" 1 
ATOM   1096 C  "C2'" . C   D 4 9  ? -2.546  9.836   -4.459  1.00 95.95  ? 39 C   D "C2'" 1 
ATOM   1097 O  "O2'" . C   D 4 9  ? -3.260  10.490  -3.432  1.00 97.77  ? 39 C   D "O2'" 1 
ATOM   1098 C  "C1'" . C   D 4 9  ? -2.390  10.844  -5.588  1.00 100.46 ? 39 C   D "C1'" 1 
ATOM   1099 N  N1    . C   D 4 9  ? -3.410  10.800  -6.631  1.00 105.13 ? 39 C   D N1    1 
ATOM   1100 C  C2    . C   D 4 9  ? -4.508  11.660  -6.502  1.00 106.18 ? 39 C   D C2    1 
ATOM   1101 O  O2    . C   D 4 9  ? -4.546  12.448  -5.540  1.00 105.47 ? 39 C   D O2    1 
ATOM   1102 N  N3    . C   D 4 9  ? -5.490  11.618  -7.419  1.00 107.58 ? 39 C   D N3    1 
ATOM   1103 C  C4    . C   D 4 9  ? -5.411  10.761  -8.441  1.00 108.79 ? 39 C   D C4    1 
ATOM   1104 N  N4    . C   D 4 9  ? -6.425  10.740  -9.316  1.00 112.27 ? 39 C   D N4    1 
ATOM   1105 C  C5    . C   D 4 9  ? -4.291  9.886   -8.611  1.00 107.92 ? 39 C   D C5    1 
ATOM   1106 C  C6    . C   D 4 9  ? -3.323  9.941   -7.689  1.00 106.67 ? 39 C   D C6    1 
ATOM   1107 P  P     . A   D 4 10 ? 0.469   10.187  -2.020  1.00 99.82  ? 40 A   D P     1 
ATOM   1108 O  OP1   . A   D 4 10 ? 0.397   11.193  -0.927  1.00 96.20  ? 40 A   D OP1   1 
ATOM   1109 O  OP2   . A   D 4 10 ? 1.658   10.156  -2.934  1.00 94.75  ? 40 A   D OP2   1 
ATOM   1110 O  "O5'" . A   D 4 10 ? 0.264   8.751   -1.367  1.00 93.01  ? 40 A   D "O5'" 1 
ATOM   1111 C  "C5'" . A   D 4 10 ? -0.969  8.386   -0.769  1.00 81.70  ? 40 A   D "C5'" 1 
ATOM   1112 C  "C4'" . A   D 4 10 ? -0.953  6.913   -0.444  1.00 81.88  ? 40 A   D "C4'" 1 
ATOM   1113 O  "O4'" . A   D 4 10 ? -0.667  6.181   -1.664  1.00 82.41  ? 40 A   D "O4'" 1 
ATOM   1114 C  "C3'" . A   D 4 10 ? 0.145   6.465   0.498   1.00 83.26  ? 40 A   D "C3'" 1 
ATOM   1115 O  "O3'" . A   D 4 10 ? -0.291  6.613   1.833   1.00 80.21  ? 40 A   D "O3'" 1 
ATOM   1116 C  "C2'" . A   D 4 10 ? 0.303   4.993   0.148   1.00 80.00  ? 40 A   D "C2'" 1 
ATOM   1117 O  "O2'" . A   D 4 10 ? -0.688  4.201   0.766   1.00 80.62  ? 40 A   D "O2'" 1 
ATOM   1118 C  "C1'" . A   D 4 10 ? 0.062   5.010   -1.358  1.00 78.24  ? 40 A   D "C1'" 1 
ATOM   1119 N  N9    . A   D 4 10 ? 1.289   5.015   -2.143  1.00 76.12  ? 40 A   D N9    1 
ATOM   1120 C  C8    . A   D 4 10 ? 1.816   6.015   -2.916  1.00 74.28  ? 40 A   D C8    1 
ATOM   1121 N  N7    . A   D 4 10 ? 2.942   5.690   -3.509  1.00 72.49  ? 40 A   D N7    1 
ATOM   1122 C  C5    . A   D 4 10 ? 3.168   4.385   -3.094  1.00 74.40  ? 40 A   D C5    1 
ATOM   1123 C  C6    . A   D 4 10 ? 4.196   3.458   -3.361  1.00 75.50  ? 40 A   D C6    1 
ATOM   1124 N  N6    . A   D 4 10 ? 5.232   3.705   -4.167  1.00 77.88  ? 40 A   D N6    1 
ATOM   1125 N  N1    . A   D 4 10 ? 4.117   2.245   -2.765  1.00 75.00  ? 40 A   D N1    1 
ATOM   1126 C  C2    . A   D 4 10 ? 3.075   1.985   -1.968  1.00 71.32  ? 40 A   D C2    1 
ATOM   1127 N  N3    . A   D 4 10 ? 2.047   2.765   -1.647  1.00 72.40  ? 40 A   D N3    1 
ATOM   1128 C  C4    . A   D 4 10 ? 2.158   3.961   -2.246  1.00 74.60  ? 40 A   D C4    1 
ATOM   1129 P  P     . U   D 4 11 ? 0.741   7.138   2.934   1.00 83.20  ? 41 U   D P     1 
ATOM   1130 O  OP1   . U   D 4 11 ? -0.021  7.375   4.197   1.00 76.79  ? 41 U   D OP1   1 
ATOM   1131 O  OP2   . U   D 4 11 ? 1.537   8.229   2.324   1.00 78.07  ? 41 U   D OP2   1 
ATOM   1132 O  "O5'" . U   D 4 11 ? 1.742   5.920   3.139   1.00 73.84  ? 41 U   D "O5'" 1 
ATOM   1133 C  "C5'" . U   D 4 11 ? 1.250   4.700   3.635   1.00 74.72  ? 41 U   D "C5'" 1 
ATOM   1134 C  "C4'" . U   D 4 11 ? 2.296   3.611   3.570   1.00 76.05  ? 41 U   D "C4'" 1 
ATOM   1135 O  "O4'" . U   D 4 11 ? 2.870   3.555   2.236   1.00 76.71  ? 41 U   D "O4'" 1 
ATOM   1136 C  "C3'" . U   D 4 11 ? 3.478   3.841   4.506   1.00 76.81  ? 41 U   D "C3'" 1 
ATOM   1137 O  "O3'" . U   D 4 11 ? 3.683   2.703   5.329   1.00 79.25  ? 41 U   D "O3'" 1 
ATOM   1138 C  "C2'" . U   D 4 11 ? 4.627   4.394   3.654   1.00 74.43  ? 41 U   D "C2'" 1 
ATOM   1139 O  "O2'" . U   D 4 11 ? 5.895   3.831   3.955   1.00 75.95  ? 41 U   D "O2'" 1 
ATOM   1140 C  "C1'" . U   D 4 11 ? 4.240   3.863   2.282   1.00 74.92  ? 41 U   D "C1'" 1 
ATOM   1141 N  N1    . U   D 4 11 ? 4.657   4.556   1.060   1.00 78.47  ? 41 U   D N1    1 
ATOM   1142 C  C2    . U   D 4 11 ? 5.662   3.929   0.346   1.00 77.74  ? 41 U   D C2    1 
ATOM   1143 O  O2    . U   D 4 11 ? 6.146   2.869   0.701   1.00 75.95  ? 41 U   D O2    1 
ATOM   1144 N  N3    . U   D 4 11 ? 6.073   4.576   -0.788  1.00 77.13  ? 41 U   D N3    1 
ATOM   1145 C  C4    . U   D 4 11 ? 5.591   5.769   -1.275  1.00 79.40  ? 41 U   D C4    1 
ATOM   1146 O  O4    . U   D 4 11 ? 6.119   6.262   -2.276  1.00 79.84  ? 41 U   D O4    1 
ATOM   1147 C  C5    . U   D 4 11 ? 4.528   6.362   -0.487  1.00 81.43  ? 41 U   D C5    1 
ATOM   1148 C  C6    . U   D 4 11 ? 4.108   5.746   0.630   1.00 81.23  ? 41 U   D C6    1 
ATOM   1149 P  P     . U   D 4 12 ? 4.903   2.664   6.361   1.00 79.59  ? 42 U   D P     1 
ATOM   1150 O  OP1   . U   D 4 12 ? 4.348   2.094   7.599   1.00 78.86  ? 42 U   D OP1   1 
ATOM   1151 O  OP2   . U   D 4 12 ? 5.579   3.983   6.385   1.00 78.91  ? 42 U   D OP2   1 
ATOM   1152 O  "O5'" . U   D 4 12 ? 5.926   1.603   5.769   1.00 75.76  ? 42 U   D "O5'" 1 
ATOM   1153 C  "C5'" . U   D 4 12 ? 6.894   0.986   6.604   1.00 78.32  ? 42 U   D "C5'" 1 
ATOM   1154 C  "C4'" . U   D 4 12 ? 8.022   0.541   5.751   1.00 85.42  ? 42 U   D "C4'" 1 
ATOM   1155 O  "O4'" . U   D 4 12 ? 7.501   -0.400  4.786   1.00 88.20  ? 42 U   D "O4'" 1 
ATOM   1156 C  "C3'" . U   D 4 12 ? 8.456   1.766   4.963   1.00 85.89  ? 42 U   D "C3'" 1 
ATOM   1157 O  "O3'" . U   D 4 12 ? 9.856   1.761   4.775   1.00 87.49  ? 42 U   D "O3'" 1 
ATOM   1158 C  "C2'" . U   D 4 12 ? 7.734   1.672   3.634   1.00 84.80  ? 42 U   D "C2'" 1 
ATOM   1159 O  "O2'" . U   D 4 12 ? 8.557   2.051   2.569   1.00 90.75  ? 42 U   D "O2'" 1 
ATOM   1160 C  "C1'" . U   D 4 12 ? 7.541   0.171   3.508   1.00 87.44  ? 42 U   D "C1'" 1 
ATOM   1161 N  N1    . U   D 4 12 ? 6.384   -0.239  2.722   1.00 87.63  ? 42 U   D N1    1 
ATOM   1162 C  C2    . U   D 4 12 ? 6.648   -0.966  1.577   1.00 86.68  ? 42 U   D C2    1 
ATOM   1163 O  O2    . U   D 4 12 ? 7.770   -1.311  1.257   1.00 83.56  ? 42 U   D O2    1 
ATOM   1164 N  N3    . U   D 4 12 ? 5.554   -1.278  0.828   1.00 87.03  ? 42 U   D N3    1 
ATOM   1165 C  C4    . U   D 4 12 ? 4.248   -0.956  1.108   1.00 89.67  ? 42 U   D C4    1 
ATOM   1166 O  O4    . U   D 4 12 ? 3.374   -1.262  0.301   1.00 89.31  ? 42 U   D O4    1 
ATOM   1167 C  C5    . U   D 4 12 ? 4.052   -0.224  2.333   1.00 91.14  ? 42 U   D C5    1 
ATOM   1168 C  C6    . U   D 4 12 ? 5.108   0.099   3.079   1.00 88.47  ? 42 U   D C6    1 
ATOM   1169 P  P     . A   D 4 13 ? 10.789  2.785   5.555   1.00 83.17  ? 43 A   D P     1 
ATOM   1170 O  OP1   . A   D 4 13 ? 10.514  2.598   7.009   1.00 80.47  ? 43 A   D OP1   1 
ATOM   1171 O  OP2   . A   D 4 13 ? 10.575  4.116   4.924   1.00 74.12  ? 43 A   D OP2   1 
ATOM   1172 O  "O5'" . A   D 4 13 ? 12.240  2.232   5.186   1.00 76.92  ? 43 A   D "O5'" 1 
ATOM   1173 C  "C5'" . A   D 4 13 ? 12.577  0.862   5.399   1.00 80.96  ? 43 A   D "C5'" 1 
ATOM   1174 C  "C4'" . A   D 4 13 ? 13.238  0.283   4.166   1.00 86.49  ? 43 A   D "C4'" 1 
ATOM   1175 O  "O4'" . A   D 4 13 ? 12.288  0.252   3.079   1.00 89.36  ? 43 A   D "O4'" 1 
ATOM   1176 C  "C3'" . A   D 4 13 ? 14.401  1.071   3.598   1.00 89.11  ? 43 A   D "C3'" 1 
ATOM   1177 O  "O3'" . A   D 4 13 ? 15.583  0.703   4.255   1.00 92.64  ? 43 A   D "O3'" 1 
ATOM   1178 C  "C2'" . A   D 4 13 ? 14.437  0.612   2.148   1.00 87.74  ? 43 A   D "C2'" 1 
ATOM   1179 O  "O2'" . A   D 4 13 ? 15.027  -0.664  1.980   1.00 90.32  ? 43 A   D "O2'" 1 
ATOM   1180 C  "C1'" . A   D 4 13 ? 12.949  0.510   1.844   1.00 85.94  ? 43 A   D "C1'" 1 
ATOM   1181 N  N9    . A   D 4 13 ? 12.388  1.742   1.294   1.00 84.04  ? 43 A   D N9    1 
ATOM   1182 C  C8    . A   D 4 13 ? 11.297  2.407   1.793   1.00 83.36  ? 43 A   D C8    1 
ATOM   1183 N  N7    . A   D 4 13 ? 10.958  3.469   1.104   1.00 80.86  ? 43 A   D N7    1 
ATOM   1184 C  C5    . A   D 4 13 ? 11.897  3.518   0.084   1.00 81.02  ? 43 A   D C5    1 
ATOM   1185 C  C6    . A   D 4 13 ? 12.085  4.418   -0.983  1.00 77.81  ? 43 A   D C6    1 
ATOM   1186 N  N6    . A   D 4 13 ? 11.299  5.478   -1.214  1.00 74.16  ? 43 A   D N6    1 
ATOM   1187 N  N1    . A   D 4 13 ? 13.125  4.188   -1.815  1.00 76.97  ? 43 A   D N1    1 
ATOM   1188 C  C2    . A   D 4 13 ? 13.920  3.123   -1.581  1.00 77.93  ? 43 A   D C2    1 
ATOM   1189 N  N3    . A   D 4 13 ? 13.843  2.205   -0.616  1.00 77.80  ? 43 A   D N3    1 
ATOM   1190 C  C4    . A   D 4 13 ? 12.796  2.460   0.193   1.00 82.43  ? 43 A   D C4    1 
ATOM   1191 P  P     . C   D 4 14 ? 16.486  1.835   4.912   1.00 94.31  ? 44 C   D P     1 
ATOM   1192 O  OP1   . C   D 4 14 ? 17.751  1.146   5.259   1.00 93.07  ? 44 C   D OP1   1 
ATOM   1193 O  OP2   . C   D 4 14 ? 15.700  2.526   5.965   1.00 87.41  ? 44 C   D OP2   1 
ATOM   1194 O  "O5'" . C   D 4 14 ? 16.736  2.854   3.714   1.00 92.62  ? 44 C   D "O5'" 1 
ATOM   1195 C  "C5'" . C   D 4 14 ? 17.718  2.574   2.720   1.00 90.76  ? 44 C   D "C5'" 1 
ATOM   1196 C  "C4'" . C   D 4 14 ? 17.739  3.676   1.693   1.00 91.86  ? 44 C   D "C4'" 1 
ATOM   1197 O  "O4'" . C   D 4 14 ? 16.485  3.676   0.972   1.00 91.67  ? 44 C   D "O4'" 1 
ATOM   1198 C  "C3'" . C   D 4 14 ? 17.814  5.071   2.281   1.00 94.60  ? 44 C   D "C3'" 1 
ATOM   1199 O  "O3'" . C   D 4 14 ? 19.153  5.429   2.527   1.00 100.55 ? 44 C   D "O3'" 1 
ATOM   1200 C  "C2'" . C   D 4 14 ? 17.208  5.930   1.185   1.00 92.67  ? 44 C   D "C2'" 1 
ATOM   1201 O  "O2'" . C   D 4 14 ? 18.099  6.256   0.145   1.00 96.89  ? 44 C   D "O2'" 1 
ATOM   1202 C  "C1'" . C   D 4 14 ? 16.112  5.009   0.663   1.00 90.21  ? 44 C   D "C1'" 1 
ATOM   1203 N  N1    . C   D 4 14 ? 14.861  5.289   1.353   1.00 89.38  ? 44 C   D N1    1 
ATOM   1204 C  C2    . C   D 4 14 ? 14.158  6.445   1.012   1.00 89.56  ? 44 C   D C2    1 
ATOM   1205 O  O2    . C   D 4 14 ? 14.627  7.195   0.131   1.00 91.19  ? 44 C   D O2    1 
ATOM   1206 N  N3    . C   D 4 14 ? 12.998  6.716   1.647   1.00 87.60  ? 44 C   D N3    1 
ATOM   1207 C  C4    . C   D 4 14 ? 12.542  5.880   2.582   1.00 87.48  ? 44 C   D C4    1 
ATOM   1208 N  N4    . C   D 4 14 ? 11.396  6.181   3.171   1.00 89.31  ? 44 C   D N4    1 
ATOM   1209 C  C5    . C   D 4 14 ? 13.246  4.694   2.951   1.00 86.12  ? 44 C   D C5    1 
ATOM   1210 C  C6    . C   D 4 14 ? 14.389  4.441   2.316   1.00 88.12  ? 44 C   D C6    1 
ATOM   1211 P  P     . C   D 4 15 ? 19.497  6.352   3.784   1.00 101.94 ? 45 C   D P     1 
ATOM   1212 O  OP1   . C   D 4 15 ? 20.972  6.334   3.948   1.00 100.98 ? 45 C   D OP1   1 
ATOM   1213 O  OP2   . C   D 4 15 ? 18.621  5.951   4.913   1.00 101.82 ? 45 C   D OP2   1 
ATOM   1214 O  "O5'" . C   D 4 15 ? 19.031  7.793   3.314   1.00 96.97  ? 45 C   D "O5'" 1 
ATOM   1215 C  "C5'" . C   D 4 15 ? 19.605  8.376   2.169   1.00 95.81  ? 45 C   D "C5'" 1 
ATOM   1216 C  "C4'" . C   D 4 15 ? 18.949  9.687   1.880   1.00 100.49 ? 45 C   D "C4'" 1 
ATOM   1217 O  "O4'" . C   D 4 15 ? 17.596  9.445   1.421   1.00 101.82 ? 45 C   D "O4'" 1 
ATOM   1218 C  "C3'" . C   D 4 15 ? 18.754  10.560  3.107   1.00 103.59 ? 45 C   D "C3'" 1 
ATOM   1219 O  "O3'" . C   D 4 15 ? 19.924  11.284  3.448   1.00 108.40 ? 45 C   D "O3'" 1 
ATOM   1220 C  "C2'" . C   D 4 15 ? 17.606  11.464  2.687   1.00 102.90 ? 45 C   D "C2'" 1 
ATOM   1221 O  "O2'" . C   D 4 15 ? 17.976  12.591  1.919   1.00 99.28  ? 45 C   D "O2'" 1 
ATOM   1222 C  "C1'" . C   D 4 15 ? 16.754  10.497  1.867   1.00 101.95 ? 45 C   D "C1'" 1 
ATOM   1223 N  N1    . C   D 4 15 ? 15.689  9.938   2.700   1.00 101.47 ? 45 C   D N1    1 
ATOM   1224 C  C2    . C   D 4 15 ? 14.560  10.722  2.933   1.00 101.56 ? 45 C   D C2    1 
ATOM   1225 O  O2    . C   D 4 15 ? 14.499  11.846  2.408   1.00 101.45 ? 45 C   D O2    1 
ATOM   1226 N  N3    . C   D 4 15 ? 13.574  10.241  3.721   1.00 100.73 ? 45 C   D N3    1 
ATOM   1227 C  C4    . C   D 4 15 ? 13.688  9.024   4.261   1.00 101.14 ? 45 C   D C4    1 
ATOM   1228 N  N4    . C   D 4 15 ? 12.699  8.596   5.035   1.00 102.34 ? 45 C   D N4    1 
ATOM   1229 C  C5    . C   D 4 15 ? 14.829  8.198   4.031   1.00 101.29 ? 45 C   D C5    1 
ATOM   1230 C  C6    . C   D 4 15 ? 15.796  8.689   3.250   1.00 101.09 ? 45 C   D C6    1 
ATOM   1231 P  P     . U   D 4 16 ? 20.178  11.690  4.976   1.00 109.48 ? 46 U   D P     1 
ATOM   1232 O  OP1   . U   D 4 16 ? 21.618  12.015  5.143   1.00 109.45 ? 46 U   D OP1   1 
ATOM   1233 O  OP2   . U   D 4 16 ? 19.564  10.628  5.810   1.00 111.55 ? 46 U   D OP2   1 
ATOM   1234 O  "O5'" . U   D 4 16 ? 19.320  13.017  5.134   1.00 102.54 ? 46 U   D "O5'" 1 
ATOM   1235 C  "C5'" . U   D 4 16 ? 19.501  14.091  4.236   1.00 100.47 ? 46 U   D "C5'" 1 
ATOM   1236 C  "C4'" . U   D 4 16 ? 18.433  15.122  4.448   1.00 105.43 ? 46 U   D "C4'" 1 
ATOM   1237 O  "O4'" . U   D 4 16 ? 17.161  14.567  4.023   1.00 106.82 ? 46 U   D "O4'" 1 
ATOM   1238 C  "C3'" . U   D 4 16 ? 18.189  15.543  5.893   1.00 107.45 ? 46 U   D "C3'" 1 
ATOM   1239 O  "O3'" . U   D 4 16 ? 19.111  16.527  6.378   1.00 109.48 ? 46 U   D "O3'" 1 
ATOM   1240 C  "C2'" . U   D 4 16 ? 16.759  16.060  5.823   1.00 107.65 ? 46 U   D "C2'" 1 
ATOM   1241 O  "O2'" . U   D 4 16 ? 16.672  17.361  5.277   1.00 105.41 ? 46 U   D "O2'" 1 
ATOM   1242 C  "C1'" . U   D 4 16 ? 16.123  15.049  4.868   1.00 105.95 ? 46 U   D "C1'" 1 
ATOM   1243 N  N1    . U   D 4 16 ? 15.550  13.913  5.608   1.00 103.12 ? 46 U   D N1    1 
ATOM   1244 C  C2    . U   D 4 16 ? 14.302  14.078  6.198   1.00 102.87 ? 46 U   D C2    1 
ATOM   1245 O  O2    . U   D 4 16 ? 13.650  15.113  6.118   1.00 101.82 ? 46 U   D O2    1 
ATOM   1246 N  N3    . U   D 4 16 ? 13.844  12.984  6.888   1.00 103.28 ? 46 U   D N3    1 
ATOM   1247 C  C4    . U   D 4 16 ? 14.485  11.769  7.049   1.00 103.46 ? 46 U   D C4    1 
ATOM   1248 O  O4    . U   D 4 16 ? 13.956  10.888  7.736   1.00 101.88 ? 46 U   D O4    1 
ATOM   1249 C  C5    . U   D 4 16 ? 15.761  11.678  6.406   1.00 102.88 ? 46 U   D C5    1 
ATOM   1250 C  C6    . U   D 4 16 ? 16.237  12.725  5.724   1.00 102.22 ? 46 U   D C6    1 
ATOM   1251 P  P     . G   D 4 17 ? 19.370  16.680  7.972   1.00 112.90 ? 47 G   D P     1 
ATOM   1252 O  OP1   . G   D 4 17 ? 20.423  17.716  8.132   1.00 113.90 ? 47 G   D OP1   1 
ATOM   1253 O  OP2   . G   D 4 17 ? 19.552  15.345  8.611   1.00 105.98 ? 47 G   D OP2   1 
ATOM   1254 O  "O5'" . G   D 4 17 ? 18.034  17.347  8.522   1.00 106.05 ? 47 G   D "O5'" 1 
ATOM   1255 C  "C5'" . G   D 4 17 ? 17.719  18.695  8.195   1.00 106.08 ? 47 G   D "C5'" 1 
ATOM   1256 C  "C4'" . G   D 4 17 ? 16.456  19.116  8.898   1.00 108.25 ? 47 G   D "C4'" 1 
ATOM   1257 O  "O4'" . G   D 4 17 ? 15.364  18.302  8.398   1.00 110.68 ? 47 G   D "O4'" 1 
ATOM   1258 C  "C3'" . G   D 4 17 ? 16.423  18.902  10.405  1.00 110.77 ? 47 G   D "C3'" 1 
ATOM   1259 O  "O3'" . G   D 4 17 ? 17.032  19.960  11.142  1.00 111.49 ? 47 G   D "O3'" 1 
ATOM   1260 C  "C2'" . G   D 4 17 ? 14.930  18.816  10.672  1.00 112.07 ? 47 G   D "C2'" 1 
ATOM   1261 O  "O2'" . G   D 4 17 ? 14.320  20.091  10.704  1.00 109.70 ? 47 G   D "O2'" 1 
ATOM   1262 C  "C1'" . G   D 4 17 ? 14.457  18.020  9.451   1.00 111.15 ? 47 G   D "C1'" 1 
ATOM   1263 N  N9    . G   D 4 17 ? 14.458  16.574  9.691   1.00 108.49 ? 47 G   D N9    1 
ATOM   1264 C  C8    . G   D 4 17 ? 15.419  15.661  9.315   1.00 108.06 ? 47 G   D C8    1 
ATOM   1265 N  N7    . G   D 4 17 ? 15.153  14.441  9.712   1.00 106.08 ? 47 G   D N7    1 
ATOM   1266 C  C5    . G   D 4 17 ? 13.938  14.553  10.380  1.00 105.75 ? 47 G   D C5    1 
ATOM   1267 C  C6    . G   D 4 17 ? 13.146  13.564  11.040  1.00 103.52 ? 47 G   D C6    1 
ATOM   1268 O  O6    . G   D 4 17 ? 13.368  12.346  11.168  1.00 102.84 ? 47 G   D O6    1 
ATOM   1269 N  N1    . G   D 4 17 ? 11.991  14.123  11.589  1.00 101.19 ? 47 G   D N1    1 
ATOM   1270 C  C2    . G   D 4 17 ? 11.641  15.455  11.513  1.00 101.11 ? 47 G   D C2    1 
ATOM   1271 N  N2    . G   D 4 17 ? 10.488  15.811  12.100  1.00 101.05 ? 47 G   D N2    1 
ATOM   1272 N  N3    . G   D 4 17 ? 12.367  16.375  10.907  1.00 102.71 ? 47 G   D N3    1 
ATOM   1273 C  C4    . G   D 4 17 ? 13.492  15.861  10.367  1.00 105.73 ? 47 G   D C4    1 
ATOM   1274 P  P     . C   D 4 18 ? 17.607  19.677  12.625  1.00 114.40 ? 48 C   D P     1 
ATOM   1275 O  OP1   . C   D 4 18 ? 18.328  20.894  13.051  1.00 116.47 ? 48 C   D OP1   1 
ATOM   1276 O  OP2   . C   D 4 18 ? 18.297  18.362  12.673  1.00 112.75 ? 48 C   D OP2   1 
ATOM   1277 O  "O5'" . C   D 4 18 ? 16.303  19.603  13.525  1.00 111.39 ? 48 C   D "O5'" 1 
ATOM   1278 C  "C5'" . C   D 4 18 ? 15.458  20.735  13.638  1.00 109.28 ? 48 C   D "C5'" 1 
ATOM   1279 C  "C4'" . C   D 4 18 ? 14.268  20.403  14.494  1.00 111.63 ? 48 C   D "C4'" 1 
ATOM   1280 O  "O4'" . C   D 4 18 ? 13.418  19.458  13.790  1.00 114.96 ? 48 C   D "O4'" 1 
ATOM   1281 C  "C3'" . C   D 4 18 ? 14.585  19.703  15.799  1.00 110.23 ? 48 C   D "C3'" 1 
ATOM   1282 O  "O3'" . C   D 4 18 ? 14.972  20.600  16.815  1.00 107.02 ? 48 C   D "O3'" 1 
ATOM   1283 C  "C2'" . C   D 4 18 ? 13.273  19.001  16.106  1.00 111.04 ? 48 C   D "C2'" 1 
ATOM   1284 O  "O2'" . C   D 4 18 ? 12.284  19.878  16.597  1.00 105.43 ? 48 C   D "O2'" 1 
ATOM   1285 C  "C1'" . C   D 4 18 ? 12.860  18.531  14.716  1.00 113.73 ? 48 C   D "C1'" 1 
ATOM   1286 N  N1    . C   D 4 18 ? 13.414  17.188  14.438  1.00 113.21 ? 48 C   D N1    1 
ATOM   1287 C  C2    . C   D 4 18 ? 12.817  16.058  15.042  1.00 112.67 ? 48 C   D C2    1 
ATOM   1288 O  O2    . C   D 4 18 ? 11.852  16.221  15.813  1.00 113.01 ? 48 C   D O2    1 
ATOM   1289 N  N3    . C   D 4 18 ? 13.320  14.826  14.774  1.00 110.33 ? 48 C   D N3    1 
ATOM   1290 C  C4    . C   D 4 18 ? 14.370  14.696  13.957  1.00 109.27 ? 48 C   D C4    1 
ATOM   1291 N  N4    . C   D 4 18 ? 14.826  13.467  13.719  1.00 108.96 ? 48 C   D N4    1 
ATOM   1292 C  C5    . C   D 4 18 ? 14.999  15.822  13.347  1.00 109.36 ? 48 C   D C5    1 
ATOM   1293 C  C6    . C   D 4 18 ? 14.491  17.036  13.610  1.00 110.66 ? 48 C   D C6    1 
ATOM   1294 P  P     . C   D 4 19 ? 15.879  20.065  18.021  1.00 110.53 ? 49 C   D P     1 
ATOM   1295 O  OP1   . C   D 4 19 ? 16.188  21.245  18.864  1.00 109.50 ? 49 C   D OP1   1 
ATOM   1296 O  OP2   . C   D 4 19 ? 16.989  19.261  17.439  1.00 105.67 ? 49 C   D OP2   1 
ATOM   1297 O  "O5'" . C   D 4 19 ? 14.893  19.113  18.842  1.00 111.30 ? 49 C   D "O5'" 1 
ATOM   1298 C  "C5'" . C   D 4 19 ? 13.549  19.524  19.086  1.00 109.38 ? 49 C   D "C5'" 1 
ATOM   1299 C  "C4'" . C   D 4 19 ? 12.774  18.492  19.884  1.00 109.42 ? 49 C   D "C4'" 1 
ATOM   1300 O  "O4'" . C   D 4 19 ? 12.622  17.263  19.128  1.00 107.56 ? 49 C   D "O4'" 1 
ATOM   1301 C  "C3'" . C   D 4 19 ? 13.429  18.102  21.204  1.00 107.96 ? 49 C   D "C3'" 1 
ATOM   1302 O  "O3'" . C   D 4 19 ? 12.374  17.573  21.996  1.00 110.65 ? 49 C   D "O3'" 1 
ATOM   1303 C  "C2'" . C   D 4 19 ? 14.196  16.827  20.878  1.00 108.16 ? 49 C   D "C2'" 1 
ATOM   1304 O  "O2'" . C   D 4 19 ? 14.271  15.927  21.965  1.00 112.95 ? 49 C   D "O2'" 1 
ATOM   1305 C  "C1'" . C   D 4 19 ? 13.382  16.241  19.728  1.00 107.36 ? 49 C   D "C1'" 1 
ATOM   1306 N  N1    . C   D 4 19 ? 14.182  15.547  18.722  1.00 107.17 ? 49 C   D N1    1 
ATOM   1307 C  C2    . C   D 4 19 ? 14.162  14.162  18.725  1.00 106.49 ? 49 C   D C2    1 
ATOM   1308 O  O2    . C   D 4 19 ? 13.415  13.585  19.528  1.00 107.20 ? 49 C   D O2    1 
ATOM   1309 N  N3    . C   D 4 19 ? 14.943  13.484  17.861  1.00 105.88 ? 49 C   D N3    1 
ATOM   1310 C  C4    . C   D 4 19 ? 15.718  14.149  17.007  1.00 105.81 ? 49 C   D C4    1 
ATOM   1311 N  N4    . C   D 4 19 ? 16.495  13.442  16.191  1.00 105.75 ? 49 C   D N4    1 
ATOM   1312 C  C5    . C   D 4 19 ? 15.735  15.572  16.957  1.00 107.06 ? 49 C   D C5    1 
ATOM   1313 C  C6    . C   D 4 19 ? 14.954  16.226  17.825  1.00 107.02 ? 49 C   D C6    1 
HETATM 1314 S  S     . SO4 E 5 .  ? 2.010   -11.278 9.066   0.50 106.07 ? 15 SO4 A S     1 
HETATM 1315 O  O1    . SO4 E 5 .  ? 2.328   -10.617 10.339  0.50 105.06 ? 15 SO4 A O1    1 
HETATM 1316 O  O2    . SO4 E 5 .  ? 0.700   -11.939 9.192   0.50 104.57 ? 15 SO4 A O2    1 
HETATM 1317 O  O3    . SO4 E 5 .  ? 1.957   -10.274 7.984   0.50 106.90 ? 15 SO4 A O3    1 
HETATM 1318 O  O4    . SO4 E 5 .  ? 3.052   -12.282 8.766   0.50 103.69 ? 15 SO4 A O4    1 
HETATM 1319 P  P     . S9L F 6 .  ? 14.285  -3.353  6.692   1.00 103.75 ? 14 S9L B P     1 
HETATM 1320 O  O1P   . S9L F 6 .  ? 15.381  -2.328  6.588   1.00 104.27 ? 14 S9L B O1P   1 
HETATM 1321 O  O2P   . S9L F 6 .  ? 14.216  -4.666  6.089   1.00 101.79 ? 14 S9L B O2P   1 
HETATM 1322 O  "O5'" . S9L F 6 .  ? 13.651  -3.070  8.148   1.00 109.41 ? 14 S9L B "O5'" 1 
HETATM 1323 C  C12   . S9L F 6 .  ? 13.198  -1.757  8.541   1.00 115.38 ? 14 S9L B C12   1 
HETATM 1324 C  C22   . S9L F 6 .  ? 13.488  -1.508  10.028  1.00 122.50 ? 14 S9L B C22   1 
HETATM 1325 O  OH3   . S9L F 6 .  ? 14.768  -0.879  10.134  1.00 127.26 ? 14 S9L B OH3   1 
HETATM 1326 C  C13   . S9L F 6 .  ? 16.767  -0.915  11.566  1.00 129.63 ? 14 S9L B C13   1 
HETATM 1327 C  C23   . S9L F 6 .  ? 15.721  -1.742  10.784  1.00 130.06 ? 14 S9L B C23   1 
HETATM 1328 O  OH4   . S9L F 6 .  ? 16.117  0.125   12.324  1.00 129.00 ? 14 S9L B OH4   1 
HETATM 1329 C  C14   . S9L F 6 .  ? 14.413  -0.195  14.043  1.00 121.15 ? 14 S9L B C14   1 
HETATM 1330 C  C24   . S9L F 6 .  ? 15.922  -0.224  13.705  1.00 125.54 ? 14 S9L B C24   1 
HETATM 1331 O  "O3'" . S9L F 6 .  ? 13.873  1.111   13.774  1.00 109.47 ? 14 S9L B "O3'" 1 
HETATM 1332 CO CO    . NCO G 7 .  ? 5.359   -11.415 5.540   1.00 200.01 ? 15 NCO B CO    1 
HETATM 1333 N  N1    . NCO G 7 .  ? 3.623   -10.399 5.209   1.00 199.63 ? 15 NCO B N1    1 
HETATM 1334 N  N2    . NCO G 7 .  ? 5.150   -10.881 7.470   1.00 200.01 ? 15 NCO B N2    1 
HETATM 1335 N  N3    . NCO G 7 .  ? 4.453   -13.179 5.731   1.00 199.52 ? 15 NCO B N3    1 
HETATM 1336 N  N4    . NCO G 7 .  ? 6.406   -9.769  5.346   1.00 199.56 ? 15 NCO B N4    1 
HETATM 1337 N  N5    . NCO G 7 .  ? 7.062   -12.321 5.877   1.00 200.01 ? 15 NCO B N5    1 
HETATM 1338 N  N6    . NCO G 7 .  ? 5.515   -11.849 3.564   1.00 199.52 ? 15 NCO B N6    1 
HETATM 1339 CO CO    . NCO H 7 .  ? 3.655   11.470  1.140   1.00 200.01 ? 1  NCO C CO    1 
HETATM 1340 N  N1    . NCO H 7 .  ? 1.871   10.583  1.513   1.00 200.01 ? 1  NCO C N1    1 
HETATM 1341 N  N2    . NCO H 7 .  ? 2.621   12.768  -0.002  1.00 199.97 ? 1  NCO C N2    1 
HETATM 1342 N  N3    . NCO H 7 .  ? 3.607   12.579  2.794   1.00 199.58 ? 1  NCO C N3    1 
HETATM 1343 N  N4    . NCO H 7 .  ? 3.873   10.431  -0.511  1.00 199.89 ? 1  NCO C N4    1 
HETATM 1344 N  N5    . NCO H 7 .  ? 5.374   12.310  0.702   1.00 199.99 ? 1  NCO C N5    1 
HETATM 1345 N  N6    . NCO H 7 .  ? 4.617   10.091  2.256   1.00 200.01 ? 1  NCO C N6    1 
# 
